data_4JBH
#
_entry.id   4JBH
#
_cell.length_a   68.402
_cell.length_b   125.336
_cell.length_c   82.943
_cell.angle_alpha   90.000
_cell.angle_beta   107.120
_cell.angle_gamma   90.000
#
_symmetry.space_group_name_H-M   'P 1 21 1'
#
loop_
_entity.id
_entity.type
_entity.pdbx_description
1 polymer 'Alcohol dehydrogenase (Zinc)'
2 non-polymer 'ZINC ION'
3 non-polymer 'COBALT (II) ION'
4 non-polymer 'CHLORIDE ION'
5 water water
#
_entity_poly.entity_id   1
_entity_poly.type   'polypeptide(L)'
_entity_poly.pdbx_seq_one_letter_code
;MGSSHHHHHHSSGLVPRGSHMASMTGGQQMGRGSGGGHEMRAAAFSTPGLENLKLVEAETPRPGPGEVLIRVKYAGVNPL
DYNVVAGAVKASPMPHIPGSEFAGVVEEAGPGVTGVSRGDPVVVYNRLYCGHCRQCLTGWTQMCEVTGGGIIGIVTQGGY
AEYAVVPAKNAVATRADLKEAATLPIGALTAWNMAYRASISPGEKVAVVGATGNVGIYAVQFAKLLGGEVYAISRRKAKV
ESILKSAGADAVLTPDEAKSAAPFDVVLDPTGSASWDLSFGVLGRGGRYVTAGALTGAEVRLDLRRLYGMQILVIGATGG
RRADFNTVVRLLEAGRIKAFLHNVYPLADVRKALEELRSPERVGKVLIAP
;
_entity_poly.pdbx_strand_id   A,B,C,D
#
loop_
_chem_comp.id
_chem_comp.type
_chem_comp.name
_chem_comp.formula
CL non-polymer 'CHLORIDE ION' 'Cl -1'
CO non-polymer 'COBALT (II) ION' 'Co 2'
ZN non-polymer 'ZINC ION' 'Zn 2'
#
# COMPACT_ATOMS: atom_id res chain seq x y z
N HIS A 38 4.54 -20.91 -38.19
CA HIS A 38 3.36 -21.38 -38.97
C HIS A 38 2.66 -22.50 -38.20
N GLU A 39 3.36 -23.08 -37.20
CA GLU A 39 2.82 -24.17 -36.39
C GLU A 39 2.92 -23.78 -34.92
N MET A 40 2.05 -24.35 -34.10
CA MET A 40 2.02 -24.05 -32.67
C MET A 40 1.55 -25.29 -31.91
N ARG A 41 1.98 -25.39 -30.65
CA ARG A 41 1.48 -26.42 -29.77
C ARG A 41 0.11 -26.03 -29.24
N ALA A 42 -0.74 -27.03 -29.02
CA ALA A 42 -2.05 -26.76 -28.43
C ALA A 42 -2.58 -28.06 -27.83
N ALA A 43 -3.56 -27.91 -26.94
CA ALA A 43 -4.28 -29.02 -26.35
C ALA A 43 -5.63 -29.08 -27.06
N ALA A 44 -6.04 -30.28 -27.49
CA ALA A 44 -7.21 -30.38 -28.35
C ALA A 44 -7.84 -31.75 -28.21
N PHE A 45 -9.13 -31.81 -28.58
CA PHE A 45 -9.90 -33.04 -28.55
C PHE A 45 -10.74 -33.13 -29.81
N SER A 46 -10.68 -34.29 -30.47
CA SER A 46 -11.53 -34.60 -31.62
C SER A 46 -12.88 -35.16 -31.23
N THR A 47 -12.99 -35.72 -30.03
CA THR A 47 -14.25 -36.17 -29.46
C THR A 47 -14.22 -35.92 -27.95
N PRO A 48 -15.38 -35.62 -27.34
CA PRO A 48 -15.39 -35.29 -25.91
C PRO A 48 -14.74 -36.35 -25.04
N GLY A 49 -14.31 -35.94 -23.85
CA GLY A 49 -13.77 -36.84 -22.84
C GLY A 49 -12.45 -36.32 -22.32
N LEU A 50 -12.28 -36.24 -20.99
CA LEU A 50 -11.00 -35.81 -20.43
C LEU A 50 -9.87 -36.67 -20.95
N GLU A 51 -10.11 -37.98 -21.11
CA GLU A 51 -9.08 -38.89 -21.63
C GLU A 51 -8.65 -38.50 -23.05
N ASN A 52 -9.53 -37.86 -23.83
CA ASN A 52 -9.25 -37.53 -25.24
C ASN A 52 -8.58 -36.18 -25.45
N LEU A 53 -8.16 -35.50 -24.39
CA LEU A 53 -7.50 -34.21 -24.52
C LEU A 53 -6.02 -34.48 -24.74
N LYS A 54 -5.53 -34.09 -25.92
CA LYS A 54 -4.21 -34.47 -26.42
C LYS A 54 -3.41 -33.22 -26.77
N LEU A 55 -2.12 -33.27 -26.47
CA LEU A 55 -1.21 -32.26 -26.99
C LEU A 55 -0.99 -32.50 -28.48
N VAL A 56 -1.19 -31.48 -29.29
CA VAL A 56 -1.07 -31.57 -30.73
C VAL A 56 -0.27 -30.39 -31.26
N GLU A 57 -0.01 -30.44 -32.57
CA GLU A 57 0.54 -29.35 -33.35
C GLU A 57 -0.59 -28.92 -34.27
N ALA A 58 -0.85 -27.62 -34.35
CA ALA A 58 -1.95 -27.13 -35.16
C ALA A 58 -1.46 -25.97 -36.00
N GLU A 59 -2.27 -25.60 -37.00
CA GLU A 59 -1.95 -24.45 -37.85
C GLU A 59 -2.14 -23.20 -37.00
N THR A 60 -1.09 -22.39 -36.89
CA THR A 60 -1.19 -21.15 -36.14
C THR A 60 -2.21 -20.22 -36.80
N PRO A 61 -3.31 -19.86 -36.12
CA PRO A 61 -4.36 -19.06 -36.76
C PRO A 61 -3.86 -17.66 -37.07
N ARG A 62 -4.58 -16.99 -37.95
CA ARG A 62 -4.15 -15.68 -38.39
C ARG A 62 -5.29 -14.69 -38.21
N PRO A 63 -4.99 -13.47 -37.76
CA PRO A 63 -6.05 -12.50 -37.49
C PRO A 63 -6.53 -11.87 -38.78
N GLY A 64 -7.84 -11.87 -38.97
CA GLY A 64 -8.47 -11.11 -40.01
C GLY A 64 -8.80 -9.73 -39.49
N PRO A 65 -9.62 -9.00 -40.24
CA PRO A 65 -9.95 -7.62 -39.85
C PRO A 65 -10.63 -7.59 -38.49
N GLY A 66 -10.32 -6.56 -37.70
CA GLY A 66 -10.87 -6.39 -36.36
C GLY A 66 -10.43 -7.43 -35.36
N GLU A 67 -9.38 -8.20 -35.68
CA GLU A 67 -8.89 -9.27 -34.84
C GLU A 67 -7.43 -9.05 -34.47
N VAL A 68 -7.04 -9.72 -33.39
CA VAL A 68 -5.66 -9.74 -32.94
C VAL A 68 -5.27 -11.20 -32.72
N LEU A 69 -3.99 -11.46 -32.91
CA LEU A 69 -3.41 -12.73 -32.53
C LEU A 69 -2.65 -12.49 -31.23
N ILE A 70 -2.85 -13.38 -30.28
CA ILE A 70 -2.31 -13.24 -28.94
C ILE A 70 -1.43 -14.45 -28.67
N ARG A 71 -0.18 -14.19 -28.29
CA ARG A 71 0.67 -15.21 -27.69
C ARG A 71 0.16 -15.41 -26.27
N VAL A 72 -0.48 -16.55 -26.02
CA VAL A 72 -1.11 -16.82 -24.72
C VAL A 72 -0.02 -17.07 -23.69
N LYS A 73 -0.07 -16.30 -22.61
CA LYS A 73 0.86 -16.52 -21.51
C LYS A 73 0.26 -17.38 -20.42
N TYR A 74 -0.98 -17.07 -20.00
CA TYR A 74 -1.68 -17.85 -18.99
C TYR A 74 -3.14 -18.00 -19.38
N ALA A 75 -3.65 -19.21 -19.21
CA ALA A 75 -5.06 -19.53 -19.35
C ALA A 75 -5.58 -20.13 -18.04
N GLY A 76 -6.77 -19.70 -17.62
CA GLY A 76 -7.34 -20.20 -16.40
C GLY A 76 -7.91 -21.59 -16.62
N VAL A 77 -7.93 -22.38 -15.56
CA VAL A 77 -8.63 -23.67 -15.57
C VAL A 77 -9.86 -23.53 -14.67
N ASN A 78 -11.03 -23.59 -15.31
CA ASN A 78 -12.33 -23.33 -14.69
C ASN A 78 -13.27 -24.50 -14.93
N PRO A 79 -14.33 -24.59 -14.17
CA PRO A 79 -15.37 -25.58 -14.46
C PRO A 79 -15.87 -25.53 -15.88
N LEU A 80 -16.01 -24.33 -16.44
CA LEU A 80 -16.49 -24.23 -17.81
C LEU A 80 -15.59 -25.01 -18.75
N ASP A 81 -14.27 -24.79 -18.65
CA ASP A 81 -13.33 -25.45 -19.57
C ASP A 81 -13.43 -26.97 -19.42
N TYR A 82 -13.45 -27.45 -18.17
CA TYR A 82 -13.63 -28.85 -17.87
C TYR A 82 -14.86 -29.43 -18.54
N ASN A 83 -16.00 -28.73 -18.45
CA ASN A 83 -17.24 -29.27 -18.99
C ASN A 83 -17.23 -29.26 -20.50
N VAL A 84 -16.49 -28.32 -21.10
CA VAL A 84 -16.31 -28.35 -22.55
C VAL A 84 -15.55 -29.61 -22.97
N VAL A 85 -14.52 -29.96 -22.21
CA VAL A 85 -13.69 -31.11 -22.53
C VAL A 85 -14.40 -32.40 -22.18
N ALA A 86 -15.30 -32.38 -21.21
CA ALA A 86 -16.10 -33.55 -20.89
C ALA A 86 -17.28 -33.77 -21.84
N GLY A 87 -17.61 -32.79 -22.69
CA GLY A 87 -18.73 -32.91 -23.61
C GLY A 87 -20.06 -32.50 -23.04
N ALA A 88 -20.10 -31.95 -21.82
CA ALA A 88 -21.35 -31.48 -21.24
C ALA A 88 -21.86 -30.21 -21.91
N VAL A 89 -21.01 -29.52 -22.65
CA VAL A 89 -21.36 -28.35 -23.43
C VAL A 89 -20.73 -28.57 -24.79
N LYS A 90 -21.49 -28.28 -25.86
CA LYS A 90 -21.02 -28.54 -27.21
C LYS A 90 -20.13 -27.40 -27.68
N ALA A 91 -19.03 -27.77 -28.34
CA ALA A 91 -17.99 -26.84 -28.77
C ALA A 91 -17.86 -26.86 -30.29
N SER A 92 -17.24 -25.80 -30.81
CA SER A 92 -16.95 -25.70 -32.24
C SER A 92 -15.77 -24.77 -32.42
N PRO A 93 -14.93 -25.00 -33.41
CA PRO A 93 -15.10 -26.14 -34.33
C PRO A 93 -14.56 -27.39 -33.65
N MET A 94 -14.74 -28.53 -34.36
CA MET A 94 -14.10 -29.79 -33.99
C MET A 94 -13.05 -30.16 -35.05
N PRO A 95 -11.86 -30.64 -34.68
CA PRO A 95 -11.50 -30.79 -33.25
C PRO A 95 -11.27 -29.44 -32.59
N HIS A 96 -11.29 -29.46 -31.26
CA HIS A 96 -11.46 -28.23 -30.51
C HIS A 96 -10.33 -27.95 -29.54
N ILE A 97 -9.83 -26.72 -29.56
CA ILE A 97 -8.93 -26.20 -28.54
C ILE A 97 -9.77 -25.44 -27.52
N PRO A 98 -9.89 -25.92 -26.27
CA PRO A 98 -10.67 -25.17 -25.26
C PRO A 98 -9.88 -24.04 -24.61
N GLY A 99 -10.47 -23.43 -23.58
CA GLY A 99 -9.81 -22.38 -22.82
C GLY A 99 -10.44 -21.05 -23.10
N SER A 100 -11.37 -20.67 -22.22
CA SER A 100 -12.21 -19.49 -22.36
C SER A 100 -11.75 -18.34 -21.49
N GLU A 101 -10.66 -18.50 -20.77
CA GLU A 101 -10.18 -17.47 -19.84
C GLU A 101 -8.67 -17.34 -20.01
N PHE A 102 -8.21 -16.25 -20.60
CA PHE A 102 -6.77 -16.18 -20.83
C PHE A 102 -6.26 -14.76 -21.01
N ALA A 103 -4.94 -14.64 -20.82
CA ALA A 103 -4.23 -13.41 -20.98
C ALA A 103 -2.97 -13.72 -21.77
N GLY A 104 -2.44 -12.69 -22.43
CA GLY A 104 -1.20 -12.83 -23.15
C GLY A 104 -0.70 -11.55 -23.79
N VAL A 105 0.10 -11.71 -24.84
CA VAL A 105 0.76 -10.59 -25.48
C VAL A 105 0.34 -10.58 -26.93
N VAL A 106 -0.05 -9.40 -27.43
CA VAL A 106 -0.46 -9.26 -28.82
C VAL A 106 0.73 -9.53 -29.74
N GLU A 107 0.61 -10.56 -30.58
CA GLU A 107 1.65 -10.94 -31.53
C GLU A 107 1.48 -10.23 -32.88
N GLU A 108 0.24 -10.03 -33.31
CA GLU A 108 -0.06 -9.45 -34.61
C GLU A 108 -1.45 -8.81 -34.56
N ALA A 109 -1.58 -7.65 -35.21
CA ALA A 109 -2.85 -6.96 -35.36
C ALA A 109 -3.35 -7.15 -36.79
N GLY A 110 -4.61 -7.54 -36.91
CA GLY A 110 -5.19 -7.72 -38.22
C GLY A 110 -5.59 -6.40 -38.84
N PRO A 111 -6.08 -6.46 -40.08
CA PRO A 111 -6.43 -5.22 -40.80
C PRO A 111 -7.45 -4.37 -40.04
N GLY A 112 -7.24 -3.06 -40.08
CA GLY A 112 -8.20 -2.13 -39.49
C GLY A 112 -8.07 -1.98 -38.00
N VAL A 113 -7.13 -2.68 -37.36
CA VAL A 113 -6.99 -2.65 -35.92
C VAL A 113 -6.04 -1.52 -35.54
N THR A 114 -6.53 -0.62 -34.68
CA THR A 114 -5.73 0.42 -34.07
C THR A 114 -5.90 0.30 -32.57
N GLY A 115 -5.00 0.96 -31.83
CA GLY A 115 -5.16 1.05 -30.39
C GLY A 115 -4.56 -0.10 -29.60
N VAL A 116 -4.23 -1.22 -30.24
CA VAL A 116 -3.29 -2.20 -29.68
C VAL A 116 -2.23 -2.44 -30.72
N SER A 117 -1.00 -2.63 -30.26
CA SER A 117 0.14 -2.91 -31.11
C SER A 117 0.85 -4.14 -30.58
N ARG A 118 1.78 -4.65 -31.37
CA ARG A 118 2.55 -5.80 -30.98
C ARG A 118 3.28 -5.49 -29.68
N GLY A 119 3.38 -6.49 -28.80
CA GLY A 119 4.00 -6.34 -27.50
C GLY A 119 3.04 -6.00 -26.39
N ASP A 120 1.79 -5.69 -26.69
CA ASP A 120 0.87 -5.21 -25.67
C ASP A 120 0.39 -6.37 -24.84
N PRO A 121 0.61 -6.36 -23.53
CA PRO A 121 -0.02 -7.36 -22.67
C PRO A 121 -1.51 -7.06 -22.55
N VAL A 122 -2.33 -8.08 -22.74
CA VAL A 122 -3.78 -7.95 -22.76
C VAL A 122 -4.42 -9.13 -22.06
N VAL A 123 -5.65 -8.90 -21.61
CA VAL A 123 -6.48 -9.94 -21.02
C VAL A 123 -7.80 -9.87 -21.77
N VAL A 124 -8.38 -11.02 -22.07
CA VAL A 124 -9.42 -11.12 -23.11
C VAL A 124 -10.79 -11.24 -22.46
N TYR A 125 -11.68 -10.31 -22.79
CA TYR A 125 -13.10 -10.45 -22.49
C TYR A 125 -13.67 -11.58 -23.35
N ASN A 126 -14.34 -12.57 -22.73
CA ASN A 126 -14.60 -13.84 -23.40
C ASN A 126 -15.97 -13.97 -24.10
N ARG A 127 -16.78 -12.92 -24.18
CA ARG A 127 -18.06 -12.99 -24.89
C ARG A 127 -17.97 -12.26 -26.24
N LEU A 128 -18.39 -12.92 -27.29
CA LEU A 128 -18.47 -12.28 -28.58
C LEU A 128 -19.72 -11.40 -28.57
N TYR A 129 -19.60 -10.18 -29.08
CA TYR A 129 -20.74 -9.27 -29.00
C TYR A 129 -20.77 -8.35 -30.20
N CYS A 130 -21.98 -8.03 -30.65
CA CYS A 130 -22.12 -7.33 -31.94
C CYS A 130 -22.01 -5.83 -31.81
N GLY A 131 -22.39 -5.27 -30.65
CA GLY A 131 -22.42 -3.82 -30.47
C GLY A 131 -23.64 -3.12 -31.03
N HIS A 132 -24.55 -3.83 -31.71
CA HIS A 132 -25.65 -3.19 -32.39
C HIS A 132 -27.03 -3.60 -31.90
N CYS A 133 -27.16 -4.66 -31.10
CA CYS A 133 -28.45 -5.14 -30.68
C CYS A 133 -28.86 -4.46 -29.36
N ARG A 134 -30.11 -4.71 -28.95
CA ARG A 134 -30.62 -4.04 -27.77
C ARG A 134 -29.82 -4.41 -26.52
N GLN A 135 -29.33 -5.65 -26.46
CA GLN A 135 -28.58 -6.06 -25.29
C GLN A 135 -27.23 -5.38 -25.25
N CYS A 136 -26.55 -5.32 -26.39
CA CYS A 136 -25.27 -4.65 -26.41
C CYS A 136 -25.44 -3.18 -26.16
N LEU A 137 -26.48 -2.58 -26.72
CA LEU A 137 -26.62 -1.14 -26.65
C LEU A 137 -27.01 -0.66 -25.27
N THR A 138 -27.54 -1.53 -24.41
CA THR A 138 -27.79 -1.19 -23.02
C THR A 138 -26.69 -1.68 -22.11
N GLY A 139 -25.62 -2.22 -22.68
CA GLY A 139 -24.45 -2.60 -21.94
C GLY A 139 -24.37 -4.06 -21.53
N TRP A 140 -25.44 -4.85 -21.74
CA TRP A 140 -25.43 -6.28 -21.43
C TRP A 140 -24.85 -7.06 -22.61
N THR A 141 -23.54 -6.86 -22.81
CA THR A 141 -22.89 -7.44 -23.98
C THR A 141 -22.81 -8.94 -23.88
N GLN A 142 -22.87 -9.50 -22.66
CA GLN A 142 -22.84 -10.96 -22.53
C GLN A 142 -24.16 -11.59 -22.96
N MET A 143 -25.21 -10.79 -23.17
CA MET A 143 -26.53 -11.23 -23.64
C MET A 143 -26.77 -10.91 -25.11
N CYS A 144 -25.71 -10.67 -25.89
CA CYS A 144 -25.86 -10.25 -27.27
C CYS A 144 -26.83 -11.16 -28.04
N GLU A 145 -27.84 -10.57 -28.67
CA GLU A 145 -28.82 -11.35 -29.41
C GLU A 145 -28.27 -11.88 -30.72
N VAL A 146 -27.22 -11.28 -31.26
CA VAL A 146 -26.70 -11.73 -32.55
C VAL A 146 -25.74 -12.90 -32.38
N THR A 147 -24.90 -12.88 -31.34
CA THR A 147 -23.94 -13.95 -31.15
C THR A 147 -24.50 -15.04 -30.26
N GLY A 148 -25.66 -14.83 -29.66
CA GLY A 148 -26.15 -15.76 -28.66
C GLY A 148 -25.27 -15.87 -27.43
N GLY A 149 -24.54 -14.82 -27.08
CA GLY A 149 -23.65 -14.91 -25.94
C GLY A 149 -22.41 -15.75 -26.18
N GLY A 150 -22.18 -16.18 -27.43
CA GLY A 150 -21.08 -17.08 -27.78
C GLY A 150 -19.81 -16.80 -27.01
N ILE A 151 -19.23 -17.83 -26.42
CA ILE A 151 -18.08 -17.67 -25.53
C ILE A 151 -16.81 -18.06 -26.27
N ILE A 152 -15.81 -17.19 -26.21
CA ILE A 152 -14.52 -17.55 -26.81
C ILE A 152 -14.02 -18.82 -26.16
N GLY A 153 -13.49 -19.72 -27.01
CA GLY A 153 -13.00 -21.01 -26.56
C GLY A 153 -14.07 -22.06 -26.41
N ILE A 154 -15.32 -21.70 -26.63
CA ILE A 154 -16.38 -22.67 -26.78
C ILE A 154 -16.91 -22.68 -28.21
N VAL A 155 -17.21 -21.50 -28.77
CA VAL A 155 -17.63 -21.38 -30.17
C VAL A 155 -16.51 -20.90 -31.07
N THR A 156 -15.33 -20.69 -30.51
CA THR A 156 -14.11 -20.48 -31.24
C THR A 156 -13.05 -21.33 -30.59
N GLN A 157 -11.87 -21.39 -31.19
CA GLN A 157 -10.76 -22.04 -30.54
C GLN A 157 -10.25 -21.17 -29.41
N GLY A 158 -9.86 -21.79 -28.30
CA GLY A 158 -9.57 -21.09 -27.07
C GLY A 158 -8.09 -20.90 -26.78
N GLY A 159 -7.79 -20.69 -25.51
CA GLY A 159 -6.47 -20.28 -25.07
C GLY A 159 -5.57 -21.40 -24.56
N TYR A 160 -5.99 -22.67 -24.67
CA TYR A 160 -5.09 -23.78 -24.33
C TYR A 160 -4.20 -24.07 -25.55
N ALA A 161 -3.35 -23.08 -25.85
CA ALA A 161 -2.55 -23.09 -27.05
C ALA A 161 -1.59 -21.93 -26.91
N GLU A 162 -0.49 -22.00 -27.67
CA GLU A 162 0.47 -20.90 -27.65
C GLU A 162 -0.10 -19.64 -28.30
N TYR A 163 -1.05 -19.81 -29.22
CA TYR A 163 -1.64 -18.65 -29.89
C TYR A 163 -3.14 -18.81 -29.97
N ALA A 164 -3.82 -17.66 -29.97
CA ALA A 164 -5.27 -17.58 -30.15
C ALA A 164 -5.61 -16.25 -30.82
N VAL A 165 -6.71 -16.26 -31.57
CA VAL A 165 -7.20 -15.08 -32.28
C VAL A 165 -8.52 -14.66 -31.65
N VAL A 166 -8.69 -13.37 -31.42
CA VAL A 166 -9.91 -12.88 -30.79
C VAL A 166 -10.14 -11.51 -31.38
N PRO A 167 -11.38 -11.00 -31.29
CA PRO A 167 -11.64 -9.62 -31.74
C PRO A 167 -10.84 -8.64 -30.92
N ALA A 168 -10.37 -7.59 -31.59
CA ALA A 168 -9.53 -6.61 -30.91
C ALA A 168 -10.30 -5.88 -29.85
N LYS A 169 -11.60 -5.70 -30.04
CA LYS A 169 -12.36 -4.97 -29.05
C LYS A 169 -12.52 -5.76 -27.73
N ASN A 170 -12.22 -7.07 -27.73
CA ASN A 170 -12.29 -7.93 -26.55
C ASN A 170 -10.97 -7.97 -25.79
N ALA A 171 -9.89 -7.47 -26.37
CA ALA A 171 -8.58 -7.54 -25.75
C ALA A 171 -8.36 -6.24 -25.00
N VAL A 172 -8.17 -6.34 -23.69
CA VAL A 172 -8.02 -5.17 -22.81
C VAL A 172 -6.56 -5.09 -22.40
N ALA A 173 -5.92 -3.97 -22.70
CA ALA A 173 -4.53 -3.78 -22.33
C ALA A 173 -4.44 -3.66 -20.81
N THR A 174 -3.41 -4.27 -20.23
CA THR A 174 -3.29 -4.26 -18.78
C THR A 174 -1.83 -4.20 -18.37
N ARG A 175 -1.56 -3.51 -17.27
CA ARG A 175 -0.24 -3.50 -16.64
C ARG A 175 -0.13 -4.48 -15.48
N ALA A 176 -1.16 -5.28 -15.23
CA ALA A 176 -1.11 -6.31 -14.20
C ALA A 176 -0.28 -7.49 -14.66
N ASP A 177 0.29 -8.20 -13.69
CA ASP A 177 0.94 -9.46 -14.00
C ASP A 177 -0.07 -10.40 -14.64
N LEU A 178 0.35 -11.06 -15.73
CA LEU A 178 -0.64 -11.73 -16.54
C LEU A 178 -1.20 -12.96 -15.87
N LYS A 179 -0.48 -13.55 -14.91
CA LYS A 179 -1.05 -14.66 -14.15
C LYS A 179 -2.26 -14.19 -13.37
N GLU A 180 -2.18 -12.97 -12.83
CA GLU A 180 -3.30 -12.44 -12.06
C GLU A 180 -4.41 -11.98 -13.00
N ALA A 181 -4.05 -11.34 -14.12
CA ALA A 181 -5.05 -10.96 -15.11
C ALA A 181 -5.84 -12.17 -15.58
N ALA A 182 -5.19 -13.33 -15.70
CA ALA A 182 -5.88 -14.51 -16.22
C ALA A 182 -6.95 -15.04 -15.29
N THR A 183 -7.10 -14.49 -14.07
CA THR A 183 -8.19 -14.83 -13.17
C THR A 183 -9.42 -13.96 -13.39
N LEU A 184 -9.37 -13.04 -14.33
CA LEU A 184 -10.41 -12.01 -14.41
C LEU A 184 -11.55 -12.32 -15.36
N PRO A 185 -11.26 -12.86 -16.56
CA PRO A 185 -12.35 -12.98 -17.56
C PRO A 185 -13.50 -13.83 -17.11
N ILE A 186 -13.27 -14.84 -16.28
CA ILE A 186 -14.36 -15.64 -15.71
C ILE A 186 -14.51 -15.41 -14.22
N GLY A 187 -13.46 -15.72 -13.46
CA GLY A 187 -13.56 -15.63 -12.03
C GLY A 187 -14.03 -14.30 -11.53
N ALA A 188 -13.23 -13.24 -11.73
CA ALA A 188 -13.58 -11.92 -11.21
C ALA A 188 -14.79 -11.33 -11.91
N LEU A 189 -14.87 -11.42 -13.23
CA LEU A 189 -15.95 -10.73 -13.90
C LEU A 189 -17.31 -11.37 -13.55
N THR A 190 -17.38 -12.69 -13.51
CA THR A 190 -18.62 -13.34 -13.11
C THR A 190 -19.04 -12.91 -11.71
N ALA A 191 -18.08 -12.92 -10.78
CA ALA A 191 -18.39 -12.52 -9.41
C ALA A 191 -18.85 -11.07 -9.35
N TRP A 192 -18.18 -10.19 -10.07
CA TRP A 192 -18.60 -8.79 -10.08
C TRP A 192 -20.03 -8.69 -10.59
N ASN A 193 -20.32 -9.37 -11.67
CA ASN A 193 -21.64 -9.23 -12.25
C ASN A 193 -22.71 -9.78 -11.29
N MET A 194 -22.40 -10.82 -10.51
CA MET A 194 -23.35 -11.32 -9.53
C MET A 194 -23.58 -10.29 -8.44
N ALA A 195 -22.50 -9.71 -7.94
CA ALA A 195 -22.62 -8.73 -6.86
C ALA A 195 -23.34 -7.48 -7.32
N TYR A 196 -23.09 -7.06 -8.57
CA TYR A 196 -23.74 -5.89 -9.17
C TYR A 196 -25.23 -6.10 -9.32
N ARG A 197 -25.62 -7.31 -9.71
CA ARG A 197 -27.03 -7.63 -9.86
C ARG A 197 -27.72 -7.90 -8.55
N ALA A 198 -26.99 -7.95 -7.43
CA ALA A 198 -27.58 -8.10 -6.12
C ALA A 198 -27.92 -6.77 -5.44
N SER A 199 -27.51 -5.64 -6.02
CA SER A 199 -27.78 -4.34 -5.43
C SER A 199 -27.46 -4.37 -3.94
N ILE A 200 -26.19 -4.69 -3.64
CA ILE A 200 -25.74 -4.74 -2.27
C ILE A 200 -25.63 -3.33 -1.73
N SER A 201 -26.23 -3.09 -0.51
CA SER A 201 -26.10 -1.80 0.19
C SER A 201 -25.18 -1.97 1.40
N PRO A 202 -24.41 -0.94 1.76
CA PRO A 202 -23.56 -1.07 2.95
C PRO A 202 -24.39 -1.45 4.17
N GLY A 203 -23.86 -2.40 4.94
CA GLY A 203 -24.48 -2.91 6.13
C GLY A 203 -25.22 -4.20 5.88
N GLU A 204 -25.71 -4.40 4.66
CA GLU A 204 -26.44 -5.61 4.34
C GLU A 204 -25.55 -6.83 4.50
N LYS A 205 -26.17 -7.93 4.92
CA LYS A 205 -25.48 -9.17 5.19
C LYS A 205 -25.50 -10.04 3.96
N VAL A 206 -24.31 -10.39 3.48
CA VAL A 206 -24.13 -11.10 2.22
C VAL A 206 -23.46 -12.42 2.56
N ALA A 207 -24.12 -13.51 2.18
CA ALA A 207 -23.55 -14.84 2.30
C ALA A 207 -23.07 -15.26 0.92
N VAL A 208 -21.84 -15.80 0.85
CA VAL A 208 -21.27 -16.31 -0.38
C VAL A 208 -21.10 -17.82 -0.19
N VAL A 209 -21.82 -18.59 -1.00
CA VAL A 209 -21.71 -20.04 -1.04
C VAL A 209 -20.66 -20.40 -2.07
N GLY A 210 -19.95 -21.51 -1.85
CA GLY A 210 -18.84 -21.86 -2.74
C GLY A 210 -17.74 -20.83 -2.72
N ALA A 211 -17.45 -20.26 -1.55
CA ALA A 211 -16.57 -19.12 -1.44
C ALA A 211 -15.12 -19.47 -1.73
N THR A 212 -14.74 -20.74 -1.70
CA THR A 212 -13.38 -21.13 -2.06
C THR A 212 -13.18 -21.30 -3.55
N GLY A 213 -14.26 -21.32 -4.34
CA GLY A 213 -14.10 -21.51 -5.78
C GLY A 213 -13.58 -20.22 -6.42
N ASN A 214 -13.27 -20.31 -7.71
CA ASN A 214 -12.67 -19.15 -8.38
C ASN A 214 -13.61 -17.96 -8.42
N VAL A 215 -14.89 -18.19 -8.74
CA VAL A 215 -15.86 -17.11 -8.72
C VAL A 215 -16.12 -16.67 -7.29
N GLY A 216 -16.26 -17.63 -6.38
CA GLY A 216 -16.68 -17.31 -5.03
C GLY A 216 -15.68 -16.46 -4.30
N ILE A 217 -14.38 -16.76 -4.48
CA ILE A 217 -13.43 -15.98 -3.70
C ILE A 217 -13.44 -14.53 -4.16
N TYR A 218 -13.76 -14.27 -5.45
CA TYR A 218 -13.94 -12.88 -5.90
C TYR A 218 -15.27 -12.30 -5.42
N ALA A 219 -16.30 -13.16 -5.29
CA ALA A 219 -17.58 -12.67 -4.77
C ALA A 219 -17.46 -12.15 -3.35
N VAL A 220 -16.61 -12.78 -2.54
CA VAL A 220 -16.34 -12.27 -1.20
C VAL A 220 -15.73 -10.87 -1.28
N GLN A 221 -14.72 -10.71 -2.12
CA GLN A 221 -14.07 -9.41 -2.29
C GLN A 221 -15.05 -8.35 -2.78
N PHE A 222 -15.84 -8.67 -3.82
CA PHE A 222 -16.76 -7.65 -4.32
C PHE A 222 -17.86 -7.34 -3.31
N ALA A 223 -18.37 -8.34 -2.62
CA ALA A 223 -19.43 -8.07 -1.66
C ALA A 223 -18.92 -7.11 -0.58
N LYS A 224 -17.64 -7.25 -0.21
CA LYS A 224 -17.01 -6.40 0.79
C LYS A 224 -16.70 -5.04 0.18
N LEU A 225 -16.20 -5.00 -1.06
CA LEU A 225 -15.90 -3.74 -1.71
C LEU A 225 -17.14 -2.83 -1.79
N LEU A 226 -18.32 -3.44 -1.87
CA LEU A 226 -19.58 -2.72 -1.98
C LEU A 226 -20.19 -2.36 -0.63
N GLY A 227 -19.52 -2.71 0.47
CA GLY A 227 -19.96 -2.32 1.80
C GLY A 227 -20.74 -3.40 2.52
N GLY A 228 -20.86 -4.57 1.92
CA GLY A 228 -21.55 -5.64 2.59
C GLY A 228 -20.80 -6.13 3.81
N GLU A 229 -21.56 -6.75 4.72
CA GLU A 229 -21.02 -7.56 5.81
C GLU A 229 -21.05 -9.00 5.31
N VAL A 230 -19.88 -9.62 5.10
CA VAL A 230 -19.76 -10.79 4.24
C VAL A 230 -19.56 -12.02 5.10
N TYR A 231 -20.39 -13.04 4.86
CA TYR A 231 -20.29 -14.33 5.52
C TYR A 231 -20.01 -15.37 4.45
N ALA A 232 -18.79 -15.90 4.47
CA ALA A 232 -18.41 -16.95 3.56
C ALA A 232 -18.87 -18.26 4.16
N ILE A 233 -19.54 -19.08 3.37
CA ILE A 233 -20.08 -20.37 3.83
C ILE A 233 -19.22 -21.46 3.19
N SER A 234 -18.76 -22.39 4.01
CA SER A 234 -17.92 -23.48 3.50
C SER A 234 -17.96 -24.65 4.48
N ARG A 235 -18.17 -25.84 3.96
CA ARG A 235 -18.04 -27.06 4.75
C ARG A 235 -16.62 -27.24 5.23
N ARG A 236 -15.64 -26.58 4.62
CA ARG A 236 -14.23 -26.74 4.92
C ARG A 236 -13.67 -25.64 5.81
N LYS A 237 -14.56 -24.99 6.60
CA LYS A 237 -14.16 -23.82 7.40
C LYS A 237 -12.96 -24.09 8.30
N ALA A 238 -12.85 -25.31 8.82
CA ALA A 238 -11.69 -25.70 9.64
C ALA A 238 -10.38 -25.36 8.93
N LYS A 239 -10.33 -25.54 7.61
CA LYS A 239 -9.12 -25.33 6.83
C LYS A 239 -9.07 -23.98 6.09
N VAL A 240 -10.22 -23.42 5.69
CA VAL A 240 -10.22 -22.28 4.78
C VAL A 240 -10.62 -20.99 5.47
N GLU A 241 -10.85 -21.02 6.80
CA GLU A 241 -11.41 -19.86 7.48
C GLU A 241 -10.54 -18.62 7.26
N SER A 242 -9.24 -18.74 7.50
CA SER A 242 -8.36 -17.59 7.46
CA SER A 242 -8.40 -17.55 7.47
C SER A 242 -8.11 -17.12 6.04
N ILE A 243 -8.00 -18.03 5.10
CA ILE A 243 -7.82 -17.55 3.74
C ILE A 243 -9.05 -16.77 3.27
N LEU A 244 -10.26 -17.20 3.66
CA LEU A 244 -11.45 -16.46 3.27
C LEU A 244 -11.54 -15.12 3.99
N LYS A 245 -11.11 -15.07 5.26
CA LYS A 245 -11.01 -13.79 5.94
C LYS A 245 -10.07 -12.86 5.19
N SER A 246 -8.96 -13.41 4.70
CA SER A 246 -8.01 -12.55 4.01
C SER A 246 -8.57 -12.06 2.68
N ALA A 247 -9.62 -12.69 2.16
CA ALA A 247 -10.26 -12.22 0.94
C ALA A 247 -11.30 -11.16 1.22
N GLY A 248 -11.69 -10.97 2.47
CA GLY A 248 -12.63 -9.92 2.83
C GLY A 248 -13.84 -10.40 3.63
N ALA A 249 -13.98 -11.70 3.82
CA ALA A 249 -15.10 -12.18 4.63
C ALA A 249 -15.01 -11.69 6.07
N ASP A 250 -16.14 -11.21 6.63
CA ASP A 250 -16.18 -10.82 8.03
C ASP A 250 -16.33 -12.02 8.96
N ALA A 251 -16.82 -13.12 8.44
CA ALA A 251 -16.93 -14.35 9.20
C ALA A 251 -17.02 -15.47 8.19
N VAL A 252 -16.61 -16.67 8.61
CA VAL A 252 -16.69 -17.88 7.81
C VAL A 252 -17.52 -18.90 8.61
N LEU A 253 -18.50 -19.49 7.95
CA LEU A 253 -19.47 -20.32 8.64
C LEU A 253 -19.62 -21.63 7.90
N THR A 254 -19.80 -22.73 8.64
CA THR A 254 -20.33 -23.95 8.03
C THR A 254 -21.81 -23.73 7.68
N PRO A 255 -22.37 -24.56 6.81
CA PRO A 255 -23.84 -24.49 6.60
C PRO A 255 -24.71 -24.53 7.86
N ASP A 256 -24.38 -25.37 8.85
CA ASP A 256 -25.19 -25.39 10.07
C ASP A 256 -25.11 -24.07 10.84
N GLU A 257 -23.91 -23.45 10.88
CA GLU A 257 -23.80 -22.13 11.51
C GLU A 257 -24.51 -21.05 10.69
N ALA A 258 -24.56 -21.22 9.36
CA ALA A 258 -25.22 -20.23 8.53
C ALA A 258 -26.70 -20.17 8.83
N LYS A 259 -27.32 -21.33 9.07
CA LYS A 259 -28.73 -21.37 9.46
C LYS A 259 -28.97 -20.51 10.70
N SER A 260 -28.04 -20.55 11.65
CA SER A 260 -28.20 -19.78 12.88
C SER A 260 -27.88 -18.31 12.68
N ALA A 261 -27.07 -17.97 11.69
CA ALA A 261 -26.76 -16.57 11.41
C ALA A 261 -27.81 -15.89 10.53
N ALA A 262 -28.75 -16.65 9.98
CA ALA A 262 -29.76 -16.08 9.09
C ALA A 262 -30.64 -15.15 9.91
N PRO A 263 -31.30 -14.16 9.30
CA PRO A 263 -31.39 -14.07 7.84
C PRO A 263 -30.25 -13.29 7.17
N PHE A 264 -30.07 -13.58 5.86
CA PHE A 264 -29.18 -12.82 5.00
C PHE A 264 -29.99 -11.97 4.03
N ASP A 265 -29.44 -10.82 3.66
CA ASP A 265 -30.08 -9.98 2.67
C ASP A 265 -29.73 -10.41 1.26
N VAL A 266 -28.55 -10.99 1.08
CA VAL A 266 -28.05 -11.41 -0.21
C VAL A 266 -27.36 -12.76 -0.03
N VAL A 267 -27.64 -13.67 -0.96
CA VAL A 267 -26.88 -14.90 -1.12
C VAL A 267 -26.32 -14.88 -2.54
N LEU A 268 -24.98 -14.96 -2.63
CA LEU A 268 -24.29 -15.13 -3.91
C LEU A 268 -23.87 -16.60 -4.01
N ASP A 269 -24.32 -17.27 -5.06
CA ASP A 269 -24.15 -18.72 -5.20
C ASP A 269 -23.71 -19.05 -6.61
N PRO A 270 -22.40 -19.12 -6.88
CA PRO A 270 -21.93 -19.49 -8.23
C PRO A 270 -21.89 -20.98 -8.52
N THR A 271 -22.41 -21.86 -7.65
CA THR A 271 -22.25 -23.30 -7.74
C THR A 271 -23.51 -23.99 -8.24
N GLY A 272 -24.47 -23.22 -8.76
CA GLY A 272 -25.76 -23.75 -9.17
C GLY A 272 -26.50 -24.54 -8.10
N SER A 273 -27.07 -25.68 -8.55
CA SER A 273 -28.09 -26.47 -7.86
C SER A 273 -27.62 -27.13 -6.57
N ALA A 274 -26.33 -27.12 -6.27
CA ALA A 274 -25.83 -27.88 -5.13
C ALA A 274 -26.43 -27.39 -3.80
N SER A 275 -26.38 -26.07 -3.57
CA SER A 275 -26.64 -25.53 -2.25
C SER A 275 -28.02 -24.88 -2.12
N TRP A 276 -28.96 -25.28 -2.98
CA TRP A 276 -30.13 -24.47 -3.28
C TRP A 276 -30.99 -24.21 -2.04
N ASP A 277 -31.38 -25.30 -1.33
CA ASP A 277 -32.30 -25.19 -0.19
C ASP A 277 -31.71 -24.37 0.97
N LEU A 278 -30.40 -24.47 1.18
CA LEU A 278 -29.72 -23.74 2.24
C LEU A 278 -29.56 -22.27 1.85
N SER A 279 -29.10 -22.02 0.62
CA SER A 279 -29.00 -20.65 0.12
C SER A 279 -30.36 -19.96 0.11
N PHE A 280 -31.39 -20.65 -0.41
CA PHE A 280 -32.71 -20.05 -0.43
C PHE A 280 -33.31 -19.93 0.98
N GLY A 281 -33.13 -20.93 1.86
CA GLY A 281 -33.71 -20.85 3.21
C GLY A 281 -33.16 -19.75 4.13
N VAL A 282 -31.92 -19.29 3.90
CA VAL A 282 -31.34 -18.31 4.81
C VAL A 282 -31.72 -16.87 4.46
N LEU A 283 -32.45 -16.65 3.37
CA LEU A 283 -32.76 -15.31 2.90
C LEU A 283 -33.84 -14.65 3.75
N GLY A 284 -33.65 -13.37 4.05
CA GLY A 284 -34.64 -12.58 4.76
C GLY A 284 -35.60 -11.88 3.81
N ARG A 285 -36.41 -11.01 4.40
CA ARG A 285 -37.37 -10.22 3.62
C ARG A 285 -36.65 -9.36 2.59
N GLY A 286 -37.13 -9.38 1.34
CA GLY A 286 -36.41 -8.66 0.30
C GLY A 286 -35.06 -9.24 -0.05
N GLY A 287 -34.77 -10.45 0.40
CA GLY A 287 -33.49 -11.06 0.07
C GLY A 287 -33.32 -11.30 -1.41
N ARG A 288 -32.06 -11.24 -1.87
CA ARG A 288 -31.73 -11.52 -3.26
C ARG A 288 -30.84 -12.74 -3.31
N TYR A 289 -31.26 -13.74 -4.07
CA TYR A 289 -30.43 -14.89 -4.37
C TYR A 289 -29.91 -14.70 -5.79
N VAL A 290 -28.60 -14.56 -5.95
CA VAL A 290 -27.98 -14.47 -7.26
C VAL A 290 -27.28 -15.78 -7.54
N THR A 291 -27.60 -16.37 -8.68
CA THR A 291 -26.97 -17.61 -9.08
C THR A 291 -26.35 -17.43 -10.44
N ALA A 292 -25.20 -18.06 -10.58
CA ALA A 292 -24.49 -18.23 -11.84
C ALA A 292 -24.14 -19.72 -11.92
N GLY A 293 -23.67 -20.16 -13.07
CA GLY A 293 -23.25 -21.56 -13.17
C GLY A 293 -22.07 -21.78 -14.13
N ALA A 294 -21.86 -23.01 -14.57
CA ALA A 294 -20.86 -23.34 -15.60
C ALA A 294 -21.47 -24.25 -16.68
N LEU A 295 -22.73 -23.96 -17.06
CA LEU A 295 -23.46 -24.59 -18.16
C LEU A 295 -23.77 -26.06 -17.94
N THR A 296 -23.49 -26.59 -16.75
CA THR A 296 -23.99 -27.90 -16.37
C THR A 296 -25.47 -27.78 -16.04
N GLY A 297 -26.26 -28.76 -16.50
CA GLY A 297 -27.70 -28.70 -16.31
C GLY A 297 -28.12 -29.01 -14.87
N ALA A 298 -29.05 -28.20 -14.36
CA ALA A 298 -29.62 -28.47 -13.04
C ALA A 298 -30.97 -27.77 -12.89
N GLU A 299 -31.76 -28.34 -12.00
CA GLU A 299 -33.11 -27.86 -11.76
C GLU A 299 -33.27 -27.84 -10.24
N VAL A 300 -34.02 -26.87 -9.73
CA VAL A 300 -34.32 -26.79 -8.31
C VAL A 300 -35.82 -26.69 -8.13
N ARG A 301 -36.26 -27.03 -6.93
CA ARG A 301 -37.66 -26.92 -6.55
C ARG A 301 -37.79 -25.60 -5.82
N LEU A 302 -38.53 -24.69 -6.42
CA LEU A 302 -38.64 -23.31 -5.97
C LEU A 302 -40.03 -23.13 -5.35
N ASP A 303 -40.06 -22.73 -4.08
CA ASP A 303 -41.32 -22.50 -3.36
C ASP A 303 -41.73 -21.05 -3.64
N LEU A 304 -42.67 -20.87 -4.60
CA LEU A 304 -43.09 -19.51 -4.95
C LEU A 304 -43.79 -18.80 -3.80
N ARG A 305 -44.47 -19.54 -2.94
CA ARG A 305 -45.16 -18.93 -1.82
C ARG A 305 -44.18 -18.25 -0.88
N ARG A 306 -43.08 -18.94 -0.57
CA ARG A 306 -42.00 -18.34 0.19
C ARG A 306 -41.39 -17.16 -0.57
N LEU A 307 -41.20 -17.32 -1.87
CA LEU A 307 -40.64 -16.22 -2.66
C LEU A 307 -41.53 -14.99 -2.60
N TYR A 308 -42.84 -15.13 -2.85
CA TYR A 308 -43.68 -13.93 -2.82
C TYR A 308 -43.96 -13.48 -1.40
N GLY A 309 -44.09 -14.42 -0.45
CA GLY A 309 -44.39 -14.02 0.91
C GLY A 309 -43.27 -13.20 1.53
N MET A 310 -42.02 -13.49 1.14
CA MET A 310 -40.84 -12.78 1.61
C MET A 310 -40.38 -11.68 0.66
N GLN A 311 -41.00 -11.57 -0.52
CA GLN A 311 -40.56 -10.63 -1.55
C GLN A 311 -39.07 -10.84 -1.88
N ILE A 312 -38.69 -12.08 -1.97
CA ILE A 312 -37.36 -12.46 -2.40
C ILE A 312 -37.26 -12.30 -3.91
N LEU A 313 -36.04 -12.11 -4.39
CA LEU A 313 -35.71 -12.13 -5.82
C LEU A 313 -34.75 -13.28 -6.06
N VAL A 314 -35.04 -14.08 -7.08
CA VAL A 314 -34.12 -15.08 -7.60
C VAL A 314 -33.61 -14.52 -8.93
N ILE A 315 -32.30 -14.25 -8.99
CA ILE A 315 -31.67 -13.46 -10.04
C ILE A 315 -30.60 -14.29 -10.72
N GLY A 316 -30.75 -14.51 -12.02
CA GLY A 316 -29.73 -15.17 -12.81
C GLY A 316 -28.65 -14.18 -13.25
N ALA A 317 -27.40 -14.66 -13.24
CA ALA A 317 -26.24 -13.90 -13.71
C ALA A 317 -25.34 -14.81 -14.53
N THR A 318 -24.81 -14.30 -15.64
CA THR A 318 -23.80 -15.01 -16.39
C THR A 318 -22.81 -14.01 -16.95
N GLY A 319 -21.54 -14.40 -17.01
CA GLY A 319 -20.53 -13.50 -17.55
C GLY A 319 -20.51 -12.16 -16.86
N GLY A 320 -20.25 -11.13 -17.64
CA GLY A 320 -20.31 -9.76 -17.15
C GLY A 320 -20.36 -8.82 -18.33
N ARG A 321 -20.58 -7.54 -18.00
CA ARG A 321 -20.67 -6.50 -18.99
C ARG A 321 -19.27 -6.10 -19.46
N ARG A 322 -19.20 -5.75 -20.75
CA ARG A 322 -17.94 -5.29 -21.34
C ARG A 322 -17.40 -4.06 -20.61
N ALA A 323 -18.29 -3.14 -20.24
CA ALA A 323 -17.82 -1.98 -19.49
C ALA A 323 -17.29 -2.40 -18.14
N ASP A 324 -17.92 -3.40 -17.51
CA ASP A 324 -17.50 -3.79 -16.15
C ASP A 324 -16.20 -4.58 -16.17
N PHE A 325 -15.89 -5.27 -17.27
CA PHE A 325 -14.59 -5.92 -17.38
C PHE A 325 -13.45 -4.91 -17.33
N ASN A 326 -13.64 -3.72 -17.93
CA ASN A 326 -12.61 -2.69 -17.84
C ASN A 326 -12.39 -2.27 -16.39
N THR A 327 -13.50 -2.05 -15.66
CA THR A 327 -13.45 -1.73 -14.24
C THR A 327 -12.74 -2.81 -13.44
N VAL A 328 -13.05 -4.08 -13.72
CA VAL A 328 -12.43 -5.16 -12.95
C VAL A 328 -10.91 -5.18 -13.19
N VAL A 329 -10.50 -4.94 -14.44
CA VAL A 329 -9.07 -4.89 -14.76
C VAL A 329 -8.39 -3.78 -13.98
N ARG A 330 -8.99 -2.57 -13.98
CA ARG A 330 -8.40 -1.46 -13.22
C ARG A 330 -8.38 -1.73 -11.72
N LEU A 331 -9.39 -2.41 -11.19
CA LEU A 331 -9.36 -2.71 -9.76
C LEU A 331 -8.22 -3.64 -9.41
N LEU A 332 -7.90 -4.59 -10.28
CA LEU A 332 -6.77 -5.46 -10.01
C LEU A 332 -5.46 -4.66 -10.07
N GLU A 333 -5.33 -3.77 -11.05
CA GLU A 333 -4.10 -3.00 -11.22
C GLU A 333 -3.86 -2.07 -10.04
N ALA A 334 -4.93 -1.50 -9.50
CA ALA A 334 -4.89 -0.67 -8.32
C ALA A 334 -4.76 -1.47 -7.02
N GLY A 335 -4.80 -2.80 -7.09
CA GLY A 335 -4.68 -3.58 -5.88
C GLY A 335 -5.92 -3.61 -5.02
N ARG A 336 -7.08 -3.24 -5.56
CA ARG A 336 -8.29 -3.19 -4.76
C ARG A 336 -8.96 -4.55 -4.66
N ILE A 337 -8.63 -5.48 -5.57
CA ILE A 337 -9.00 -6.89 -5.45
C ILE A 337 -7.73 -7.71 -5.69
N LYS A 338 -7.80 -8.99 -5.33
CA LYS A 338 -6.61 -9.84 -5.25
C LYS A 338 -6.87 -11.16 -5.93
N ALA A 339 -5.91 -11.60 -6.75
CA ALA A 339 -5.94 -12.87 -7.44
C ALA A 339 -5.38 -13.97 -6.54
N PHE A 340 -6.21 -14.95 -6.17
CA PHE A 340 -5.79 -16.11 -5.37
C PHE A 340 -5.41 -17.24 -6.32
N LEU A 341 -4.12 -17.42 -6.50
CA LEU A 341 -3.54 -18.40 -7.40
C LEU A 341 -3.08 -19.60 -6.58
N HIS A 342 -3.07 -20.76 -7.23
CA HIS A 342 -2.63 -21.99 -6.59
C HIS A 342 -1.38 -22.56 -7.24
N ASN A 343 -1.47 -22.93 -8.52
CA ASN A 343 -0.37 -23.53 -9.27
C ASN A 343 -0.52 -23.22 -10.75
N VAL A 344 0.62 -23.15 -11.44
CA VAL A 344 0.70 -23.01 -12.89
C VAL A 344 1.25 -24.31 -13.46
N TYR A 345 0.58 -24.87 -14.49
CA TYR A 345 1.03 -26.09 -15.15
C TYR A 345 1.42 -25.81 -16.60
N PRO A 346 2.45 -26.49 -17.12
CA PRO A 346 2.74 -26.36 -18.55
C PRO A 346 1.63 -27.00 -19.36
N LEU A 347 1.57 -26.58 -20.60
CA LEU A 347 0.52 -27.05 -21.49
C LEU A 347 0.43 -28.57 -21.51
N ALA A 348 1.59 -29.25 -21.45
CA ALA A 348 1.64 -30.72 -21.53
C ALA A 348 1.04 -31.41 -20.33
N ASP A 349 0.83 -30.68 -19.22
CA ASP A 349 0.18 -31.22 -18.03
C ASP A 349 -1.25 -30.75 -17.91
N VAL A 350 -1.92 -30.48 -19.04
CA VAL A 350 -3.28 -29.95 -18.97
C VAL A 350 -4.22 -30.93 -18.28
N ARG A 351 -3.97 -32.24 -18.41
CA ARG A 351 -4.81 -33.22 -17.73
C ARG A 351 -4.60 -33.14 -16.22
N LYS A 352 -3.35 -33.03 -15.77
CA LYS A 352 -3.10 -32.86 -14.33
C LYS A 352 -3.78 -31.60 -13.82
N ALA A 353 -3.78 -30.53 -14.62
CA ALA A 353 -4.33 -29.24 -14.22
C ALA A 353 -5.85 -29.31 -14.03
N LEU A 354 -6.54 -29.92 -14.99
CA LEU A 354 -7.97 -30.15 -14.86
C LEU A 354 -8.29 -31.02 -13.63
N GLU A 355 -7.45 -32.03 -13.34
CA GLU A 355 -7.67 -32.85 -12.14
C GLU A 355 -7.51 -32.01 -10.87
N GLU A 356 -6.50 -31.11 -10.84
CA GLU A 356 -6.26 -30.26 -9.67
C GLU A 356 -7.45 -29.35 -9.40
N LEU A 357 -8.18 -28.99 -10.45
CA LEU A 357 -9.42 -28.25 -10.28
C LEU A 357 -10.46 -29.11 -9.56
N ARG A 358 -10.49 -30.43 -9.85
CA ARG A 358 -11.49 -31.33 -9.28
C ARG A 358 -11.17 -31.73 -7.85
N SER A 359 -9.91 -31.78 -7.45
CA SER A 359 -9.54 -32.09 -6.07
C SER A 359 -8.30 -31.29 -5.71
N PRO A 360 -8.48 -30.05 -5.26
CA PRO A 360 -7.31 -29.18 -5.05
C PRO A 360 -6.58 -29.45 -3.73
N GLU A 361 -5.24 -29.34 -3.76
CA GLU A 361 -4.46 -29.44 -2.53
C GLU A 361 -4.71 -28.21 -1.64
N ARG A 362 -5.01 -27.07 -2.25
CA ARG A 362 -5.32 -25.86 -1.50
C ARG A 362 -6.20 -24.95 -2.35
N VAL A 363 -6.61 -23.84 -1.75
CA VAL A 363 -7.50 -22.89 -2.41
C VAL A 363 -6.73 -22.06 -3.44
N GLY A 364 -7.32 -21.88 -4.60
CA GLY A 364 -6.80 -20.90 -5.54
C GLY A 364 -6.94 -21.32 -6.99
N LYS A 365 -6.56 -20.40 -7.86
CA LYS A 365 -6.72 -20.61 -9.29
C LYS A 365 -5.63 -21.52 -9.82
N VAL A 366 -6.01 -22.43 -10.71
CA VAL A 366 -5.08 -23.25 -11.49
C VAL A 366 -4.92 -22.61 -12.86
N LEU A 367 -3.68 -22.41 -13.27
CA LEU A 367 -3.37 -21.79 -14.56
C LEU A 367 -2.62 -22.77 -15.46
N ILE A 368 -2.79 -22.59 -16.75
CA ILE A 368 -1.99 -23.24 -17.79
C ILE A 368 -1.11 -22.16 -18.37
N ALA A 369 0.19 -22.46 -18.50
CA ALA A 369 1.16 -21.58 -19.20
C ALA A 369 1.61 -22.26 -20.49
N PRO A 370 1.12 -21.85 -21.65
CA PRO A 370 1.70 -22.36 -22.89
C PRO A 370 3.05 -21.68 -23.16
N HIS B 38 42.60 7.86 -40.82
CA HIS B 38 41.32 8.59 -41.07
C HIS B 38 41.17 9.75 -40.06
N GLU B 39 40.42 10.79 -40.41
CA GLU B 39 40.28 11.97 -39.58
C GLU B 39 38.97 11.92 -38.78
N MET B 40 38.96 12.63 -37.65
CA MET B 40 37.78 12.71 -36.81
C MET B 40 37.52 14.16 -36.43
N ARG B 41 36.27 14.45 -36.06
CA ARG B 41 35.91 15.74 -35.49
C ARG B 41 36.14 15.72 -33.97
N ALA B 42 36.59 16.84 -33.45
CA ALA B 42 36.93 16.93 -32.05
C ALA B 42 36.88 18.40 -31.65
N ALA B 43 36.55 18.64 -30.38
CA ALA B 43 36.67 19.95 -29.77
C ALA B 43 38.00 20.00 -29.05
N ALA B 44 38.82 21.00 -29.37
CA ALA B 44 40.15 21.11 -28.78
C ALA B 44 40.48 22.57 -28.45
N PHE B 45 41.33 22.75 -27.44
CA PHE B 45 41.82 24.09 -27.12
C PHE B 45 43.33 24.05 -26.99
N SER B 46 43.94 25.15 -27.45
CA SER B 46 45.38 25.40 -27.38
CA SER B 46 45.38 25.38 -27.37
C SER B 46 45.75 26.38 -26.28
N THR B 47 44.78 27.09 -25.76
CA THR B 47 44.99 27.99 -24.65
C THR B 47 43.65 27.99 -23.93
N PRO B 48 43.63 28.22 -22.63
CA PRO B 48 42.38 28.01 -21.89
C PRO B 48 41.30 29.00 -22.27
N GLY B 49 40.06 28.62 -22.02
CA GLY B 49 38.90 29.46 -22.26
C GLY B 49 37.96 28.82 -23.25
N LEU B 50 36.68 28.77 -22.86
CA LEU B 50 35.62 28.30 -23.73
C LEU B 50 35.66 28.95 -25.13
N GLU B 51 35.92 30.26 -25.19
CA GLU B 51 36.04 30.96 -26.46
C GLU B 51 37.22 30.48 -27.28
N ASN B 52 38.10 29.66 -26.73
CA ASN B 52 39.21 29.07 -27.48
C ASN B 52 38.99 27.59 -27.75
N LEU B 53 37.87 27.03 -27.32
CA LEU B 53 37.53 25.65 -27.61
C LEU B 53 36.99 25.63 -29.05
N LYS B 54 37.77 25.08 -29.97
CA LYS B 54 37.45 25.10 -31.40
C LYS B 54 37.15 23.68 -31.89
N LEU B 55 36.22 23.55 -32.83
CA LEU B 55 36.03 22.29 -33.53
C LEU B 55 37.12 22.13 -34.60
N VAL B 56 37.85 21.02 -34.54
CA VAL B 56 38.98 20.80 -35.43
C VAL B 56 38.78 19.44 -36.06
N GLU B 57 39.62 19.15 -37.05
CA GLU B 57 39.78 17.79 -37.54
C GLU B 57 41.08 17.26 -36.95
N ALA B 58 41.04 16.02 -36.49
CA ALA B 58 42.21 15.40 -35.91
C ALA B 58 42.32 13.97 -36.44
N GLU B 59 43.55 13.45 -36.46
CA GLU B 59 43.77 12.04 -36.75
C GLU B 59 43.05 11.21 -35.70
N THR B 60 42.31 10.21 -36.14
CA THR B 60 41.76 9.28 -35.17
C THR B 60 42.88 8.52 -34.45
N PRO B 61 42.99 8.59 -33.12
CA PRO B 61 44.04 7.85 -32.42
C PRO B 61 43.86 6.34 -32.54
N ARG B 62 45.00 5.61 -32.41
CA ARG B 62 44.94 4.17 -32.52
C ARG B 62 45.19 3.56 -31.13
N PRO B 63 44.52 2.46 -30.79
CA PRO B 63 44.72 1.88 -29.45
C PRO B 63 46.01 1.08 -29.40
N GLY B 64 46.83 1.37 -28.40
CA GLY B 64 48.00 0.56 -28.15
C GLY B 64 47.71 -0.58 -27.20
N PRO B 65 48.79 -1.20 -26.69
CA PRO B 65 48.63 -2.29 -25.72
C PRO B 65 47.78 -1.85 -24.54
N GLY B 66 46.84 -2.71 -24.17
CA GLY B 66 45.97 -2.47 -23.03
C GLY B 66 44.90 -1.42 -23.24
N GLU B 67 44.69 -0.96 -24.47
CA GLU B 67 43.77 0.14 -24.76
C GLU B 67 42.71 -0.31 -25.75
N VAL B 68 41.58 0.41 -25.74
CA VAL B 68 40.52 0.29 -26.72
C VAL B 68 40.26 1.66 -27.33
N LEU B 69 39.76 1.66 -28.55
CA LEU B 69 39.29 2.87 -29.21
C LEU B 69 37.78 2.86 -29.14
N ILE B 70 37.21 3.92 -28.58
CA ILE B 70 35.75 4.06 -28.44
C ILE B 70 35.27 5.13 -29.39
N ARG B 71 34.21 4.84 -30.12
CA ARG B 71 33.46 5.84 -30.86
C ARG B 71 32.47 6.42 -29.88
N VAL B 72 32.65 7.69 -29.54
CA VAL B 72 31.85 8.30 -28.48
C VAL B 72 30.44 8.53 -29.01
N LYS B 73 29.43 8.05 -28.27
CA LYS B 73 28.02 8.37 -28.51
C LYS B 73 27.50 9.53 -27.67
N TYR B 74 27.82 9.54 -26.36
CA TYR B 74 27.38 10.63 -25.50
C TYR B 74 28.49 10.93 -24.51
N ALA B 75 28.70 12.22 -24.23
CA ALA B 75 29.64 12.67 -23.24
C ALA B 75 28.96 13.69 -22.35
N GLY B 76 29.19 13.56 -21.04
CA GLY B 76 28.56 14.45 -20.11
C GLY B 76 29.27 15.79 -20.07
N VAL B 77 28.53 16.81 -19.66
CA VAL B 77 29.07 18.14 -19.38
C VAL B 77 28.99 18.36 -17.87
N ASN B 78 30.14 18.55 -17.24
CA ASN B 78 30.24 18.65 -15.79
C ASN B 78 31.07 19.86 -15.43
N PRO B 79 30.98 20.33 -14.20
CA PRO B 79 31.89 21.39 -13.76
C PRO B 79 33.35 21.07 -14.01
N LEU B 80 33.70 19.80 -13.91
CA LEU B 80 35.10 19.43 -14.11
C LEU B 80 35.53 19.73 -15.54
N ASP B 81 34.71 19.34 -16.53
CA ASP B 81 35.04 19.67 -17.91
C ASP B 81 35.08 21.18 -18.13
N TYR B 82 34.14 21.91 -17.54
CA TYR B 82 34.15 23.36 -17.66
C TYR B 82 35.44 23.96 -17.11
N ASN B 83 35.91 23.48 -15.94
CA ASN B 83 37.10 24.03 -15.32
C ASN B 83 38.38 23.59 -16.02
N VAL B 84 38.41 22.38 -16.60
CA VAL B 84 39.54 22.03 -17.46
C VAL B 84 39.61 23.00 -18.63
N VAL B 85 38.48 23.22 -19.31
CA VAL B 85 38.47 24.10 -20.48
C VAL B 85 38.79 25.54 -20.08
N ALA B 86 38.35 25.97 -18.89
CA ALA B 86 38.64 27.31 -18.38
C ALA B 86 40.08 27.49 -17.92
N GLY B 87 40.85 26.42 -17.77
CA GLY B 87 42.24 26.51 -17.37
C GLY B 87 42.48 26.39 -15.87
N ALA B 88 41.44 26.14 -15.08
CA ALA B 88 41.60 26.03 -13.63
C ALA B 88 42.38 24.78 -13.26
N VAL B 89 42.39 23.79 -14.16
CA VAL B 89 43.08 22.53 -13.98
C VAL B 89 43.97 22.36 -15.20
N LYS B 90 45.26 22.13 -15.00
CA LYS B 90 46.15 21.93 -16.13
C LYS B 90 45.75 20.65 -16.84
N ALA B 91 45.90 20.62 -18.15
CA ALA B 91 45.57 19.46 -18.97
C ALA B 91 46.77 19.05 -19.82
N SER B 92 46.82 17.78 -20.20
CA SER B 92 47.83 17.29 -21.16
C SER B 92 47.22 16.12 -21.95
N PRO B 93 47.62 15.93 -23.21
CA PRO B 93 48.50 16.88 -23.88
C PRO B 93 47.77 18.16 -24.32
N MET B 94 48.57 19.11 -24.84
CA MET B 94 48.06 20.37 -25.38
C MET B 94 48.55 20.49 -26.82
N PRO B 95 47.72 20.82 -27.84
CA PRO B 95 46.29 21.18 -27.63
C PRO B 95 45.47 20.03 -27.08
N HIS B 96 44.37 20.36 -26.42
CA HIS B 96 43.72 19.39 -25.58
C HIS B 96 42.28 19.20 -25.97
N ILE B 97 41.88 17.93 -26.04
CA ILE B 97 40.48 17.53 -26.19
C ILE B 97 39.97 17.20 -24.79
N PRO B 98 39.01 17.95 -24.23
CA PRO B 98 38.45 17.64 -22.91
C PRO B 98 37.36 16.58 -23.01
N GLY B 99 36.82 16.24 -21.84
CA GLY B 99 35.66 15.39 -21.75
C GLY B 99 35.96 14.16 -20.94
N SER B 100 35.60 14.15 -19.66
CA SER B 100 36.03 13.13 -18.71
C SER B 100 34.95 12.10 -18.38
N GLU B 101 33.75 12.27 -18.94
CA GLU B 101 32.61 11.42 -18.63
C GLU B 101 32.00 11.01 -19.97
N PHE B 102 32.08 9.74 -20.35
CA PHE B 102 31.53 9.39 -21.65
C PHE B 102 31.23 7.91 -21.78
N ALA B 103 30.47 7.62 -22.83
CA ALA B 103 30.05 6.28 -23.20
C ALA B 103 30.01 6.22 -24.72
N GLY B 104 30.17 5.01 -25.25
CA GLY B 104 30.14 4.81 -26.67
C GLY B 104 30.31 3.35 -27.03
N VAL B 105 30.81 3.08 -28.23
CA VAL B 105 30.90 1.73 -28.77
C VAL B 105 32.36 1.42 -29.06
N VAL B 106 32.83 0.26 -28.64
CA VAL B 106 34.21 -0.10 -28.96
C VAL B 106 34.35 -0.17 -30.47
N GLU B 107 35.32 0.56 -31.01
CA GLU B 107 35.60 0.51 -32.43
C GLU B 107 36.79 -0.39 -32.76
N GLU B 108 37.83 -0.39 -31.93
CA GLU B 108 38.99 -1.24 -32.16
C GLU B 108 39.63 -1.57 -30.81
N ALA B 109 40.14 -2.79 -30.66
CA ALA B 109 40.85 -3.20 -29.47
C ALA B 109 42.34 -3.24 -29.77
N GLY B 110 43.13 -2.71 -28.84
CA GLY B 110 44.56 -2.70 -29.02
C GLY B 110 45.15 -4.10 -29.06
N PRO B 111 46.42 -4.19 -29.44
CA PRO B 111 47.10 -5.49 -29.48
C PRO B 111 47.07 -6.17 -28.14
N GLY B 112 46.66 -7.45 -28.13
CA GLY B 112 46.70 -8.25 -26.92
C GLY B 112 45.53 -8.04 -25.99
N VAL B 113 44.70 -7.02 -26.25
CA VAL B 113 43.49 -6.82 -25.46
C VAL B 113 42.48 -7.91 -25.75
N THR B 114 41.81 -8.37 -24.70
CA THR B 114 40.77 -9.37 -24.75
C THR B 114 39.75 -9.01 -23.69
N GLY B 115 38.57 -9.65 -23.77
CA GLY B 115 37.49 -9.39 -22.83
C GLY B 115 36.39 -8.49 -23.38
N VAL B 116 36.77 -7.31 -23.86
CA VAL B 116 35.86 -6.37 -24.52
C VAL B 116 36.17 -6.33 -26.01
N SER B 117 35.11 -6.28 -26.82
CA SER B 117 35.20 -6.51 -28.27
C SER B 117 34.54 -5.39 -29.07
N ARG B 118 35.08 -5.12 -30.25
CA ARG B 118 34.47 -4.18 -31.18
C ARG B 118 32.97 -4.42 -31.29
N GLY B 119 32.19 -3.33 -31.25
CA GLY B 119 30.74 -3.38 -31.22
C GLY B 119 30.12 -3.35 -29.85
N ASP B 120 30.88 -3.56 -28.80
CA ASP B 120 30.32 -3.57 -27.44
C ASP B 120 29.99 -2.15 -27.02
N PRO B 121 28.77 -1.88 -26.54
CA PRO B 121 28.49 -0.61 -25.85
C PRO B 121 29.18 -0.59 -24.48
N VAL B 122 29.87 0.50 -24.17
CA VAL B 122 30.64 0.62 -22.95
C VAL B 122 30.48 2.03 -22.36
N VAL B 123 30.72 2.12 -21.06
CA VAL B 123 30.79 3.38 -20.34
C VAL B 123 32.11 3.38 -19.56
N VAL B 124 32.78 4.51 -19.51
CA VAL B 124 34.20 4.56 -19.19
C VAL B 124 34.43 5.07 -17.76
N TYR B 125 35.06 4.25 -16.91
CA TYR B 125 35.55 4.72 -15.62
C TYR B 125 36.71 5.70 -15.83
N ASN B 126 36.65 6.87 -15.19
CA ASN B 126 37.47 7.97 -15.67
C ASN B 126 38.79 8.13 -14.95
N ARG B 127 39.16 7.23 -14.03
CA ARG B 127 40.43 7.34 -13.32
C ARG B 127 41.42 6.35 -13.88
N LEU B 128 42.64 6.83 -14.17
CA LEU B 128 43.74 5.92 -14.49
C LEU B 128 44.24 5.31 -13.19
N TYR B 129 44.44 3.99 -13.17
CA TYR B 129 44.94 3.33 -11.97
C TYR B 129 45.93 2.25 -12.37
N CYS B 130 46.92 1.99 -11.50
CA CYS B 130 48.03 1.09 -11.83
C CYS B 130 47.70 -0.37 -11.51
N GLY B 131 46.81 -0.62 -10.54
CA GLY B 131 46.46 -1.97 -10.14
C GLY B 131 47.42 -2.66 -9.18
N HIS B 132 48.51 -1.99 -8.76
CA HIS B 132 49.61 -2.64 -8.03
C HIS B 132 49.99 -1.95 -6.71
N CYS B 133 49.57 -0.71 -6.47
CA CYS B 133 49.90 0.00 -5.25
C CYS B 133 48.89 -0.33 -4.13
N ARG B 134 49.17 0.20 -2.94
CA ARG B 134 48.37 -0.05 -1.74
C ARG B 134 46.95 0.45 -1.93
N GLN B 135 46.77 1.58 -2.63
CA GLN B 135 45.43 2.12 -2.83
C GLN B 135 44.62 1.23 -3.77
N CYS B 136 45.20 0.89 -4.93
CA CYS B 136 44.48 0.07 -5.89
C CYS B 136 44.15 -1.31 -5.30
N LEU B 137 45.13 -1.91 -4.61
CA LEU B 137 44.94 -3.24 -4.06
C LEU B 137 43.94 -3.28 -2.93
N THR B 138 43.67 -2.14 -2.29
CA THR B 138 42.59 -2.07 -1.30
C THR B 138 41.32 -1.49 -1.87
N GLY B 139 41.26 -1.32 -3.20
CA GLY B 139 40.05 -0.92 -3.89
C GLY B 139 39.92 0.57 -4.17
N TRP B 140 40.75 1.43 -3.54
CA TRP B 140 40.66 2.88 -3.73
C TRP B 140 41.43 3.29 -5.00
N THR B 141 40.95 2.81 -6.14
CA THR B 141 41.64 3.09 -7.40
C THR B 141 41.71 4.59 -7.69
N GLN B 142 40.73 5.38 -7.25
CA GLN B 142 40.80 6.82 -7.52
C GLN B 142 41.91 7.49 -6.74
N MET B 143 42.50 6.78 -5.77
CA MET B 143 43.61 7.28 -4.97
C MET B 143 44.96 6.75 -5.44
N CYS B 144 45.02 6.12 -6.61
CA CYS B 144 46.22 5.43 -7.04
C CYS B 144 47.47 6.27 -6.85
N GLU B 145 48.48 5.70 -6.19
CA GLU B 145 49.73 6.38 -5.88
C GLU B 145 50.64 6.51 -7.09
N VAL B 146 50.48 5.67 -8.09
CA VAL B 146 51.35 5.71 -9.26
C VAL B 146 50.84 6.70 -10.30
N THR B 147 49.52 6.72 -10.57
CA THR B 147 48.98 7.66 -11.56
C THR B 147 48.58 8.99 -10.96
N GLY B 148 48.56 9.09 -9.62
CA GLY B 148 48.15 10.32 -8.97
C GLY B 148 46.66 10.58 -9.04
N GLY B 149 45.84 9.56 -9.28
CA GLY B 149 44.45 9.84 -9.54
C GLY B 149 44.14 10.49 -10.88
N GLY B 150 45.13 10.58 -11.78
CA GLY B 150 44.92 11.12 -13.12
C GLY B 150 43.59 10.78 -13.74
N ILE B 151 42.94 11.78 -14.33
CA ILE B 151 41.60 11.63 -14.87
C ILE B 151 41.67 11.64 -16.39
N ILE B 152 40.99 10.70 -17.03
CA ILE B 152 40.87 10.68 -18.48
C ILE B 152 40.16 11.94 -18.96
N GLY B 153 40.69 12.55 -20.02
CA GLY B 153 40.22 13.82 -20.49
C GLY B 153 40.83 14.99 -19.78
N ILE B 154 41.61 14.76 -18.75
CA ILE B 154 42.44 15.77 -18.15
C ILE B 154 43.92 15.54 -18.46
N VAL B 155 44.45 14.34 -18.12
CA VAL B 155 45.84 13.96 -18.42
C VAL B 155 45.93 13.12 -19.68
N THR B 156 44.81 12.85 -20.34
CA THR B 156 44.72 12.24 -21.66
C THR B 156 43.70 13.05 -22.48
N GLN B 157 43.72 12.82 -23.78
CA GLN B 157 42.67 13.36 -24.64
C GLN B 157 41.35 12.68 -24.29
N GLY B 158 40.25 13.44 -24.32
CA GLY B 158 39.01 12.98 -23.77
C GLY B 158 37.94 12.72 -24.81
N GLY B 159 36.68 12.79 -24.34
CA GLY B 159 35.52 12.38 -25.08
C GLY B 159 34.77 13.41 -25.90
N TYR B 160 35.17 14.68 -25.95
CA TYR B 160 34.46 15.65 -26.80
C TYR B 160 35.03 15.53 -28.22
N ALA B 161 34.89 14.32 -28.76
CA ALA B 161 35.43 13.97 -30.05
C ALA B 161 34.69 12.73 -30.51
N GLU B 162 34.79 12.43 -31.79
CA GLU B 162 34.12 11.24 -32.29
C GLU B 162 34.70 9.96 -31.68
N TYR B 163 36.02 9.94 -31.45
CA TYR B 163 36.70 8.76 -30.94
C TYR B 163 37.63 9.15 -29.80
N ALA B 164 37.80 8.23 -28.85
CA ALA B 164 38.79 8.43 -27.80
C ALA B 164 39.41 7.09 -27.45
N VAL B 165 40.69 7.11 -27.06
CA VAL B 165 41.38 5.91 -26.60
C VAL B 165 41.35 5.91 -25.06
N VAL B 166 40.98 4.78 -24.47
CA VAL B 166 41.00 4.60 -23.01
C VAL B 166 41.59 3.22 -22.71
N PRO B 167 42.04 3.00 -21.50
CA PRO B 167 42.50 1.66 -21.13
C PRO B 167 41.33 0.70 -21.15
N ALA B 168 41.60 -0.51 -21.68
CA ALA B 168 40.55 -1.53 -21.75
C ALA B 168 39.95 -1.82 -20.38
N LYS B 169 40.78 -1.87 -19.34
CA LYS B 169 40.21 -2.21 -18.03
C LYS B 169 39.27 -1.14 -17.50
N ASN B 170 39.24 0.05 -18.12
CA ASN B 170 38.36 1.14 -17.66
C ASN B 170 37.01 1.14 -18.36
N ALA B 171 36.80 0.30 -19.39
CA ALA B 171 35.56 0.30 -20.15
C ALA B 171 34.67 -0.80 -19.60
N VAL B 172 33.47 -0.44 -19.17
CA VAL B 172 32.49 -1.38 -18.64
C VAL B 172 31.40 -1.55 -19.69
N ALA B 173 31.16 -2.79 -20.10
CA ALA B 173 30.08 -3.06 -21.04
C ALA B 173 28.76 -2.90 -20.32
N THR B 174 27.77 -2.36 -21.02
CA THR B 174 26.49 -2.04 -20.41
C THR B 174 25.42 -2.26 -21.46
N ARG B 175 24.26 -2.69 -21.00
CA ARG B 175 23.08 -2.76 -21.86
C ARG B 175 22.16 -1.60 -21.63
N ALA B 176 22.54 -0.64 -20.79
CA ALA B 176 21.75 0.56 -20.65
C ALA B 176 21.91 1.47 -21.87
N ASP B 177 20.88 2.30 -22.09
CA ASP B 177 20.93 3.38 -23.08
C ASP B 177 22.19 4.21 -22.81
N LEU B 178 23.01 4.40 -23.84
CA LEU B 178 24.30 5.08 -23.62
C LEU B 178 24.08 6.53 -23.18
N LYS B 179 22.94 7.11 -23.54
CA LYS B 179 22.56 8.44 -23.10
C LYS B 179 22.57 8.50 -21.59
N GLU B 180 21.92 7.53 -20.96
CA GLU B 180 21.87 7.51 -19.50
C GLU B 180 23.19 7.05 -18.92
N ALA B 181 23.85 6.12 -19.61
CA ALA B 181 25.14 5.64 -19.10
C ALA B 181 26.14 6.78 -19.03
N ALA B 182 26.04 7.75 -19.91
CA ALA B 182 27.02 8.82 -19.92
C ALA B 182 26.89 9.73 -18.72
N THR B 183 25.87 9.55 -17.89
CA THR B 183 25.68 10.31 -16.65
C THR B 183 26.33 9.65 -15.44
N LEU B 184 27.01 8.51 -15.63
CA LEU B 184 27.45 7.71 -14.48
C LEU B 184 28.89 7.93 -14.05
N PRO B 185 29.83 8.06 -14.97
CA PRO B 185 31.24 8.10 -14.52
C PRO B 185 31.59 9.25 -13.59
N ILE B 186 30.91 10.39 -13.67
CA ILE B 186 31.12 11.47 -12.71
C ILE B 186 29.92 11.64 -11.81
N GLY B 187 28.75 11.92 -12.39
CA GLY B 187 27.54 12.21 -11.64
C GLY B 187 27.21 11.09 -10.69
N ALA B 188 26.81 9.93 -11.22
CA ALA B 188 26.41 8.83 -10.35
C ALA B 188 27.56 8.34 -9.46
N LEU B 189 28.74 8.09 -10.04
CA LEU B 189 29.77 7.45 -9.24
C LEU B 189 30.24 8.35 -8.10
N THR B 190 30.42 9.66 -8.37
CA THR B 190 30.86 10.58 -7.31
C THR B 190 29.86 10.60 -6.16
N ALA B 191 28.57 10.61 -6.50
CA ALA B 191 27.48 10.58 -5.52
C ALA B 191 27.46 9.25 -4.76
N TRP B 192 27.61 8.15 -5.47
CA TRP B 192 27.69 6.87 -4.79
C TRP B 192 28.82 6.86 -3.77
N ASN B 193 29.99 7.34 -4.18
CA ASN B 193 31.14 7.32 -3.27
C ASN B 193 30.92 8.22 -2.05
N MET B 194 30.23 9.36 -2.21
CA MET B 194 29.91 10.20 -1.05
C MET B 194 28.96 9.48 -0.10
N ALA B 195 27.90 8.88 -0.63
CA ALA B 195 26.94 8.19 0.22
C ALA B 195 27.56 6.98 0.89
N TYR B 196 28.43 6.27 0.17
CA TYR B 196 29.20 5.17 0.75
C TYR B 196 30.00 5.67 1.95
N ARG B 197 30.75 6.74 1.77
CA ARG B 197 31.63 7.23 2.82
C ARG B 197 30.86 7.86 3.97
N ALA B 198 29.56 8.07 3.81
CA ALA B 198 28.74 8.66 4.83
C ALA B 198 28.09 7.64 5.76
N SER B 199 28.16 6.34 5.46
CA SER B 199 27.62 5.30 6.34
C SER B 199 26.18 5.59 6.73
N ILE B 200 25.35 5.82 5.71
CA ILE B 200 23.93 6.10 5.93
C ILE B 200 23.24 4.81 6.36
N SER B 201 22.49 4.89 7.48
CA SER B 201 21.63 3.81 7.96
C SER B 201 20.16 4.17 7.73
N PRO B 202 19.29 3.19 7.48
CA PRO B 202 17.85 3.46 7.33
C PRO B 202 17.30 4.29 8.46
N GLY B 203 16.50 5.28 8.10
CA GLY B 203 15.95 6.21 9.04
C GLY B 203 16.79 7.44 9.28
N GLU B 204 18.08 7.42 8.96
CA GLU B 204 18.88 8.62 9.15
C GLU B 204 18.37 9.75 8.27
N LYS B 205 18.47 10.97 8.79
CA LYS B 205 18.07 12.15 8.05
C LYS B 205 19.27 12.66 7.28
N VAL B 206 19.12 12.74 5.96
CA VAL B 206 20.20 13.07 5.01
C VAL B 206 19.77 14.34 4.27
N ALA B 207 20.56 15.38 4.38
CA ALA B 207 20.33 16.61 3.64
C ALA B 207 21.27 16.57 2.43
N VAL B 208 20.75 16.89 1.25
CA VAL B 208 21.59 17.00 0.06
C VAL B 208 21.57 18.46 -0.37
N VAL B 209 22.75 19.07 -0.38
CA VAL B 209 22.95 20.45 -0.79
C VAL B 209 23.22 20.47 -2.28
N GLY B 210 22.67 21.44 -3.01
CA GLY B 210 22.94 21.47 -4.44
C GLY B 210 22.33 20.29 -5.17
N ALA B 211 21.10 19.93 -4.78
CA ALA B 211 20.51 18.64 -5.14
C ALA B 211 20.15 18.53 -6.62
N THR B 212 20.10 19.63 -7.37
CA THR B 212 19.84 19.53 -8.80
C THR B 212 21.11 19.41 -9.62
N GLY B 213 22.29 19.51 -9.01
CA GLY B 213 23.50 19.32 -9.76
C GLY B 213 23.61 17.89 -10.23
N ASN B 214 24.55 17.66 -11.14
CA ASN B 214 24.72 16.33 -11.73
C ASN B 214 25.00 15.27 -10.66
N VAL B 215 25.89 15.59 -9.71
CA VAL B 215 26.16 14.70 -8.59
C VAL B 215 25.02 14.75 -7.59
N GLY B 216 24.58 15.97 -7.25
CA GLY B 216 23.58 16.12 -6.23
C GLY B 216 22.34 15.30 -6.50
N ILE B 217 21.92 15.23 -7.76
CA ILE B 217 20.66 14.58 -8.01
C ILE B 217 20.79 13.07 -7.85
N TYR B 218 21.97 12.51 -8.15
CA TYR B 218 22.21 11.10 -7.83
C TYR B 218 22.42 10.91 -6.34
N ALA B 219 22.98 11.90 -5.65
CA ALA B 219 23.16 11.76 -4.22
C ALA B 219 21.81 11.62 -3.53
N VAL B 220 20.80 12.39 -3.99
CA VAL B 220 19.43 12.21 -3.51
C VAL B 220 19.01 10.76 -3.68
N GLN B 221 19.30 10.17 -4.84
CA GLN B 221 18.83 8.83 -5.13
C GLN B 221 19.53 7.80 -4.26
N PHE B 222 20.85 7.93 -4.12
CA PHE B 222 21.58 6.94 -3.35
C PHE B 222 21.25 7.06 -1.87
N ALA B 223 21.09 8.29 -1.37
CA ALA B 223 20.72 8.44 0.03
C ALA B 223 19.39 7.73 0.31
N LYS B 224 18.44 7.80 -0.65
CA LYS B 224 17.15 7.12 -0.51
C LYS B 224 17.29 5.62 -0.69
N LEU B 225 18.12 5.19 -1.66
CA LEU B 225 18.33 3.78 -1.91
C LEU B 225 18.93 3.07 -0.70
N LEU B 226 19.73 3.80 0.10
CA LEU B 226 20.36 3.29 1.31
C LEU B 226 19.44 3.35 2.53
N GLY B 227 18.23 3.87 2.39
CA GLY B 227 17.24 3.90 3.47
C GLY B 227 17.06 5.26 4.08
N GLY B 228 17.81 6.26 3.62
CA GLY B 228 17.77 7.53 4.30
C GLY B 228 16.43 8.20 4.18
N GLU B 229 16.24 9.22 5.03
CA GLU B 229 15.13 10.16 4.91
C GLU B 229 15.76 11.40 4.30
N VAL B 230 15.38 11.73 3.08
CA VAL B 230 16.18 12.58 2.20
C VAL B 230 15.54 13.95 2.08
N TYR B 231 16.27 14.99 2.51
CA TYR B 231 15.84 16.38 2.41
C TYR B 231 16.73 17.05 1.36
N ALA B 232 16.13 17.43 0.23
CA ALA B 232 16.86 18.04 -0.85
C ALA B 232 16.79 19.54 -0.63
N ILE B 233 17.94 20.20 -0.63
CA ILE B 233 18.02 21.63 -0.32
C ILE B 233 18.25 22.38 -1.63
N SER B 234 17.44 23.42 -1.87
CA SER B 234 17.49 24.16 -3.12
C SER B 234 17.02 25.58 -2.88
N ARG B 235 17.65 26.52 -3.56
CA ARG B 235 17.13 27.89 -3.61
C ARG B 235 16.08 28.07 -4.70
N ARG B 236 15.94 27.08 -5.57
CA ARG B 236 14.99 27.10 -6.70
C ARG B 236 13.82 26.17 -6.43
N LYS B 237 13.34 26.14 -5.18
CA LYS B 237 12.51 25.03 -4.70
C LYS B 237 11.25 24.85 -5.53
N ALA B 238 10.60 25.93 -5.95
CA ALA B 238 9.37 25.79 -6.71
C ALA B 238 9.62 25.23 -8.12
N LYS B 239 10.72 25.66 -8.76
CA LYS B 239 11.06 25.21 -10.10
C LYS B 239 11.36 23.71 -10.17
N VAL B 240 11.85 23.11 -9.07
CA VAL B 240 12.46 21.78 -9.12
C VAL B 240 11.85 20.80 -8.13
N GLU B 241 10.82 21.19 -7.38
CA GLU B 241 10.31 20.34 -6.33
C GLU B 241 9.92 18.97 -6.88
N SER B 242 9.19 18.94 -7.99
CA SER B 242 8.68 17.67 -8.48
C SER B 242 9.81 16.80 -9.05
N ILE B 243 10.83 17.43 -9.63
CA ILE B 243 11.97 16.67 -10.15
C ILE B 243 12.72 16.01 -8.99
N LEU B 244 12.92 16.74 -7.88
CA LEU B 244 13.65 16.17 -6.75
C LEU B 244 12.83 15.08 -6.07
N LYS B 245 11.52 15.27 -5.97
CA LYS B 245 10.67 14.21 -5.42
C LYS B 245 10.72 12.97 -6.28
N SER B 246 10.75 13.14 -7.60
CA SER B 246 10.78 11.97 -8.45
C SER B 246 12.14 11.28 -8.37
N ALA B 247 13.17 11.97 -7.89
CA ALA B 247 14.47 11.37 -7.65
C ALA B 247 14.58 10.71 -6.28
N GLY B 248 13.55 10.86 -5.44
CA GLY B 248 13.49 10.19 -4.17
C GLY B 248 13.61 11.07 -2.94
N ALA B 249 13.58 12.39 -3.09
CA ALA B 249 13.65 13.27 -1.93
C ALA B 249 12.33 13.25 -1.18
N ASP B 250 12.40 13.08 0.14
CA ASP B 250 11.20 13.10 0.95
C ASP B 250 10.71 14.50 1.19
N ALA B 251 11.59 15.47 1.12
CA ALA B 251 11.20 16.87 1.24
C ALA B 251 12.17 17.68 0.41
N VAL B 252 11.67 18.80 -0.10
CA VAL B 252 12.51 19.80 -0.75
C VAL B 252 12.40 21.08 0.08
N LEU B 253 13.54 21.58 0.54
CA LEU B 253 13.56 22.72 1.44
C LEU B 253 14.47 23.81 0.90
N THR B 254 14.12 25.05 1.20
CA THR B 254 15.09 26.12 1.07
C THR B 254 16.07 26.09 2.23
N PRO B 255 17.23 26.72 2.07
CA PRO B 255 18.20 26.82 3.18
C PRO B 255 17.60 27.30 4.49
N ASP B 256 16.66 28.26 4.45
CA ASP B 256 16.04 28.72 5.69
C ASP B 256 15.02 27.72 6.23
N GLU B 257 14.34 26.99 5.35
CA GLU B 257 13.46 25.94 5.85
C GLU B 257 14.26 24.80 6.51
N ALA B 258 15.49 24.57 6.05
CA ALA B 258 16.32 23.48 6.58
C ALA B 258 16.77 23.73 8.02
N LYS B 259 16.92 24.99 8.41
CA LYS B 259 17.25 25.30 9.79
C LYS B 259 16.25 24.62 10.74
N SER B 260 14.98 24.56 10.33
CA SER B 260 13.95 23.96 11.17
C SER B 260 13.90 22.43 11.05
N ALA B 261 14.33 21.87 9.91
CA ALA B 261 14.33 20.41 9.76
C ALA B 261 15.49 19.75 10.49
N ALA B 262 16.51 20.53 10.86
CA ALA B 262 17.66 20.02 11.57
C ALA B 262 17.20 19.42 12.90
N PRO B 263 17.98 18.52 13.51
CA PRO B 263 19.32 18.18 13.00
C PRO B 263 19.33 17.06 11.97
N PHE B 264 20.40 17.04 11.17
CA PHE B 264 20.61 16.01 10.18
C PHE B 264 21.74 15.10 10.65
N ASP B 265 21.58 13.81 10.35
CA ASP B 265 22.67 12.87 10.57
C ASP B 265 23.76 12.96 9.51
N VAL B 266 23.38 13.33 8.29
CA VAL B 266 24.28 13.34 7.15
C VAL B 266 23.99 14.57 6.29
N VAL B 267 25.05 15.24 5.88
CA VAL B 267 25.00 16.33 4.90
C VAL B 267 25.93 15.90 3.78
N LEU B 268 25.35 15.69 2.59
CA LEU B 268 26.10 15.45 1.37
C LEU B 268 26.17 16.76 0.59
N ASP B 269 27.39 17.16 0.25
CA ASP B 269 27.69 18.46 -0.32
C ASP B 269 28.60 18.22 -1.53
N PRO B 270 28.03 17.96 -2.72
CA PRO B 270 28.89 17.59 -3.87
C PRO B 270 29.94 18.61 -4.25
N THR B 271 29.64 19.92 -4.09
CA THR B 271 30.51 20.97 -4.60
C THR B 271 31.25 21.76 -3.51
N GLY B 272 31.14 21.38 -2.25
CA GLY B 272 31.86 22.11 -1.22
C GLY B 272 31.28 23.47 -0.93
N SER B 273 29.96 23.63 -1.10
CA SER B 273 29.29 24.92 -0.97
C SER B 273 28.30 24.98 0.18
N ALA B 274 28.21 23.92 1.02
CA ALA B 274 27.17 23.84 2.05
C ALA B 274 27.25 24.96 3.07
N SER B 275 28.44 25.54 3.27
CA SER B 275 28.60 26.65 4.22
C SER B 275 27.84 27.92 3.82
N TRP B 276 27.34 28.00 2.56
CA TRP B 276 26.48 29.11 2.13
C TRP B 276 25.00 28.83 2.42
N ASP B 277 24.63 27.57 2.61
CA ASP B 277 23.24 27.19 2.80
C ASP B 277 22.98 26.51 4.15
N LEU B 278 24.02 26.06 4.88
CA LEU B 278 23.84 25.29 6.11
C LEU B 278 24.92 25.64 7.12
N SER B 279 24.48 26.10 8.31
CA SER B 279 25.39 26.21 9.44
C SER B 279 25.87 24.82 9.88
N PHE B 280 27.11 24.77 10.34
CA PHE B 280 27.61 23.54 10.93
C PHE B 280 26.69 23.02 12.03
N GLY B 281 25.84 23.88 12.58
CA GLY B 281 24.94 23.47 13.65
C GLY B 281 23.78 22.62 13.20
N VAL B 282 23.51 22.52 11.88
CA VAL B 282 22.45 21.60 11.42
C VAL B 282 22.81 20.13 11.64
N LEU B 283 24.09 19.78 11.74
CA LEU B 283 24.52 18.41 11.95
C LEU B 283 24.26 17.99 13.39
N GLY B 284 23.68 16.80 13.56
CA GLY B 284 23.43 16.24 14.87
C GLY B 284 24.64 15.52 15.42
N ARG B 285 24.42 14.90 16.57
CA ARG B 285 25.43 14.07 17.21
C ARG B 285 25.85 12.96 16.27
N GLY B 286 27.16 12.71 16.22
CA GLY B 286 27.65 11.70 15.32
C GLY B 286 27.42 12.05 13.86
N GLY B 287 27.11 13.31 13.57
CA GLY B 287 26.77 13.69 12.21
C GLY B 287 27.97 13.61 11.29
N ARG B 288 27.70 13.29 10.00
CA ARG B 288 28.73 13.19 8.97
C ARG B 288 28.49 14.20 7.85
N TYR B 289 29.49 15.04 7.60
CA TYR B 289 29.47 15.96 6.46
C TYR B 289 30.46 15.41 5.44
N VAL B 290 29.98 15.16 4.23
CA VAL B 290 30.81 14.60 3.16
C VAL B 290 30.81 15.58 2.02
N THR B 291 32.01 15.95 1.56
CA THR B 291 32.14 16.86 0.44
C THR B 291 32.98 16.23 -0.66
N ALA B 292 32.54 16.41 -1.91
CA ALA B 292 33.27 15.96 -3.09
C ALA B 292 33.82 17.12 -3.91
N GLY B 293 33.91 18.31 -3.33
CA GLY B 293 34.52 19.40 -4.07
C GLY B 293 34.70 20.63 -3.22
N ALA B 294 35.14 21.70 -3.88
CA ALA B 294 35.22 23.00 -3.24
C ALA B 294 34.93 24.05 -4.29
N GLU B 299 38.83 27.09 1.21
CA GLU B 299 38.97 27.14 2.68
C GLU B 299 37.70 27.63 3.41
N VAL B 300 37.33 26.96 4.50
CA VAL B 300 36.18 27.33 5.32
C VAL B 300 36.62 27.33 6.78
N ARG B 301 35.76 27.89 7.63
CA ARG B 301 36.04 28.06 9.06
C ARG B 301 35.22 27.04 9.83
N LEU B 302 35.86 26.38 10.79
CA LEU B 302 35.37 25.14 11.36
C LEU B 302 35.52 25.21 12.87
N ASP B 303 34.39 25.13 13.58
CA ASP B 303 34.37 25.10 15.04
C ASP B 303 34.80 23.70 15.51
N LEU B 304 36.11 23.53 15.77
CA LEU B 304 36.61 22.26 16.29
C LEU B 304 35.89 21.85 17.55
N ARG B 305 35.57 22.81 18.42
CA ARG B 305 34.90 22.47 19.65
C ARG B 305 33.56 21.81 19.37
N ARG B 306 32.84 22.30 18.38
CA ARG B 306 31.55 21.72 18.03
C ARG B 306 31.76 20.33 17.41
N LEU B 307 32.84 20.20 16.65
CA LEU B 307 33.14 18.97 15.95
C LEU B 307 33.44 17.84 16.92
N TYR B 308 34.40 18.06 17.82
CA TYR B 308 34.72 17.03 18.80
C TYR B 308 33.60 16.88 19.84
N GLY B 309 32.89 17.97 20.17
CA GLY B 309 31.82 17.88 21.16
C GLY B 309 30.61 17.13 20.65
N MET B 310 30.40 17.13 19.35
CA MET B 310 29.31 16.41 18.74
C MET B 310 29.75 15.09 18.11
N GLN B 311 31.05 14.76 18.17
CA GLN B 311 31.61 13.58 17.48
C GLN B 311 31.18 13.53 16.01
N ILE B 312 31.27 14.70 15.37
CA ILE B 312 30.96 14.85 13.95
C ILE B 312 32.17 14.40 13.14
N LEU B 313 31.90 13.98 11.91
CA LEU B 313 32.95 13.63 10.97
C LEU B 313 32.85 14.55 9.76
N VAL B 314 33.97 15.13 9.35
CA VAL B 314 34.07 15.91 8.10
C VAL B 314 34.89 15.07 7.12
N ILE B 315 34.25 14.63 6.03
CA ILE B 315 34.78 13.54 5.22
C ILE B 315 34.96 14.02 3.80
N GLY B 316 36.17 13.84 3.26
CA GLY B 316 36.42 14.13 1.86
C GLY B 316 36.06 12.93 0.99
N ALA B 317 35.64 13.19 -0.24
CA ALA B 317 35.35 12.12 -1.19
C ALA B 317 35.69 12.61 -2.59
N THR B 318 36.21 11.73 -3.44
CA THR B 318 36.47 12.14 -4.81
C THR B 318 36.33 10.93 -5.71
N GLY B 319 35.86 11.17 -6.93
CA GLY B 319 35.62 10.09 -7.86
C GLY B 319 34.88 8.94 -7.21
N GLY B 320 35.29 7.73 -7.57
CA GLY B 320 34.72 6.51 -7.02
C GLY B 320 35.68 5.36 -7.27
N ARG B 321 35.42 4.27 -6.56
CA ARG B 321 36.23 3.06 -6.66
C ARG B 321 35.84 2.31 -7.91
N ARG B 322 36.84 1.72 -8.57
CA ARG B 322 36.57 0.97 -9.79
C ARG B 322 35.51 -0.09 -9.57
N ALA B 323 35.58 -0.81 -8.45
CA ALA B 323 34.56 -1.86 -8.23
C ALA B 323 33.18 -1.26 -8.12
N ASP B 324 33.05 -0.08 -7.50
CA ASP B 324 31.72 0.51 -7.32
C ASP B 324 31.13 1.03 -8.63
N PHE B 325 31.99 1.32 -9.61
CA PHE B 325 31.50 1.74 -10.91
C PHE B 325 30.69 0.63 -11.55
N ASN B 326 31.16 -0.63 -11.46
CA ASN B 326 30.37 -1.77 -11.95
C ASN B 326 29.00 -1.83 -11.29
N THR B 327 28.94 -1.49 -10.01
CA THR B 327 27.67 -1.52 -9.29
C THR B 327 26.75 -0.39 -9.75
N VAL B 328 27.28 0.82 -9.90
CA VAL B 328 26.46 1.92 -10.40
C VAL B 328 25.89 1.58 -11.79
N VAL B 329 26.71 1.02 -12.69
CA VAL B 329 26.21 0.61 -14.01
C VAL B 329 25.06 -0.37 -13.89
N ARG B 330 25.20 -1.38 -13.01
CA ARG B 330 24.14 -2.37 -12.84
C ARG B 330 22.85 -1.75 -12.30
N LEU B 331 22.96 -0.82 -11.34
CA LEU B 331 21.76 -0.21 -10.79
C LEU B 331 21.00 0.59 -11.86
N LEU B 332 21.74 1.30 -12.73
CA LEU B 332 21.07 1.99 -13.83
C LEU B 332 20.35 0.97 -14.71
N GLU B 333 21.06 -0.08 -15.12
CA GLU B 333 20.45 -1.12 -15.96
C GLU B 333 19.17 -1.67 -15.34
N ALA B 334 19.14 -1.84 -14.02
CA ALA B 334 17.97 -2.38 -13.34
C ALA B 334 16.88 -1.35 -13.09
N GLY B 335 17.05 -0.10 -13.53
CA GLY B 335 16.09 0.96 -13.22
C GLY B 335 16.08 1.43 -11.77
N ARG B 336 17.10 1.10 -10.98
CA ARG B 336 17.10 1.48 -9.57
C ARG B 336 17.60 2.89 -9.35
N ILE B 337 18.27 3.49 -10.34
CA ILE B 337 18.63 4.89 -10.32
C ILE B 337 18.31 5.39 -11.71
N LYS B 338 18.21 6.72 -11.85
CA LYS B 338 17.62 7.33 -13.03
C LYS B 338 18.48 8.51 -13.46
N ALA B 339 18.63 8.64 -14.78
CA ALA B 339 19.34 9.74 -15.41
C ALA B 339 18.34 10.85 -15.70
N PHE B 340 18.57 12.02 -15.13
CA PHE B 340 17.71 13.18 -15.34
C PHE B 340 18.37 14.12 -16.34
N LEU B 341 17.90 14.08 -17.59
CA LEU B 341 18.53 14.83 -18.67
C LEU B 341 17.83 16.17 -18.89
N HIS B 342 18.62 17.18 -19.21
CA HIS B 342 18.08 18.49 -19.52
C HIS B 342 18.17 18.80 -21.01
N ASN B 343 19.23 18.38 -21.68
CA ASN B 343 19.41 18.70 -23.08
C ASN B 343 20.58 17.92 -23.65
N VAL B 344 20.50 17.62 -24.95
CA VAL B 344 21.57 16.98 -25.69
C VAL B 344 21.97 17.90 -26.83
N TYR B 345 23.27 18.17 -26.95
CA TYR B 345 23.75 19.04 -28.00
C TYR B 345 24.70 18.29 -28.90
N PRO B 346 24.69 18.58 -30.20
CA PRO B 346 25.71 18.01 -31.07
C PRO B 346 27.08 18.57 -30.71
N LEU B 347 28.13 17.89 -31.18
CA LEU B 347 29.50 18.34 -30.91
C LEU B 347 29.75 19.77 -31.39
N ALA B 348 29.13 20.20 -32.50
CA ALA B 348 29.30 21.58 -32.98
C ALA B 348 28.85 22.64 -31.97
N ASP B 349 27.93 22.30 -31.06
CA ASP B 349 27.44 23.24 -30.05
C ASP B 349 28.11 23.05 -28.70
N VAL B 350 29.33 22.50 -28.69
CA VAL B 350 30.00 22.17 -27.43
C VAL B 350 30.11 23.40 -26.55
N ARG B 351 30.36 24.58 -27.14
CA ARG B 351 30.51 25.81 -26.34
C ARG B 351 29.18 26.19 -25.67
N LYS B 352 28.07 26.08 -26.39
CA LYS B 352 26.78 26.30 -25.78
C LYS B 352 26.49 25.25 -24.71
N ALA B 353 26.77 23.98 -24.99
CA ALA B 353 26.56 22.94 -23.99
C ALA B 353 27.33 23.23 -22.69
N LEU B 354 28.62 23.58 -22.80
CA LEU B 354 29.37 23.90 -21.58
C LEU B 354 28.78 25.11 -20.88
N GLU B 355 28.43 26.15 -21.64
CA GLU B 355 27.91 27.33 -20.97
C GLU B 355 26.54 27.06 -20.36
N GLU B 356 25.79 26.12 -20.90
CA GLU B 356 24.49 25.81 -20.32
C GLU B 356 24.62 25.21 -18.92
N LEU B 357 25.80 24.72 -18.57
CA LEU B 357 26.04 24.24 -17.22
C LEU B 357 25.76 25.31 -16.18
N ARG B 358 25.84 26.58 -16.56
CA ARG B 358 25.65 27.69 -15.62
C ARG B 358 24.33 28.42 -15.83
N SER B 359 23.44 27.88 -16.67
CA SER B 359 22.20 28.61 -16.86
C SER B 359 21.24 28.39 -15.69
N PRO B 360 20.58 29.45 -15.20
CA PRO B 360 19.53 29.26 -14.18
C PRO B 360 18.34 28.46 -14.66
N GLU B 361 18.21 28.24 -15.96
CA GLU B 361 17.11 27.43 -16.50
C GLU B 361 17.43 25.95 -16.57
N ARG B 362 18.68 25.55 -16.32
CA ARG B 362 19.05 24.14 -16.44
C ARG B 362 18.54 23.39 -15.23
N VAL B 363 17.77 22.35 -15.46
CA VAL B 363 17.35 21.40 -14.43
C VAL B 363 17.69 20.05 -15.05
N GLY B 364 18.83 19.51 -14.68
CA GLY B 364 19.28 18.22 -15.16
C GLY B 364 20.58 18.29 -15.94
N LYS B 365 20.95 17.15 -16.52
CA LYS B 365 22.25 16.94 -17.13
C LYS B 365 22.27 17.43 -18.60
N VAL B 366 23.38 18.02 -18.99
CA VAL B 366 23.61 18.36 -20.38
C VAL B 366 24.60 17.34 -20.93
N LEU B 367 24.31 16.81 -22.11
CA LEU B 367 25.16 15.85 -22.77
C LEU B 367 25.54 16.44 -24.11
N ILE B 368 26.69 16.01 -24.61
CA ILE B 368 27.13 16.19 -25.98
C ILE B 368 27.04 14.82 -26.66
N ALA B 369 26.59 14.80 -27.91
CA ALA B 369 26.58 13.61 -28.75
C ALA B 369 27.55 13.84 -29.89
N PRO B 370 28.76 13.28 -29.87
CA PRO B 370 29.61 13.55 -31.00
C PRO B 370 29.10 12.83 -32.23
N HIS C 38 -9.75 -7.57 38.15
CA HIS C 38 -9.41 -8.59 39.18
C HIS C 38 -9.21 -9.95 38.52
N GLU C 39 -10.11 -10.30 37.61
CA GLU C 39 -10.03 -11.55 36.87
C GLU C 39 -9.97 -11.23 35.37
N MET C 40 -9.22 -12.03 34.61
CA MET C 40 -9.12 -11.83 33.18
C MET C 40 -9.17 -13.19 32.49
N ARG C 41 -9.52 -13.17 31.21
CA ARG C 41 -9.43 -14.36 30.39
C ARG C 41 -8.00 -14.48 29.82
N ALA C 42 -7.56 -15.73 29.65
CA ALA C 42 -6.21 -16.03 29.20
C ALA C 42 -6.15 -17.44 28.62
N ALA C 43 -5.26 -17.64 27.65
CA ALA C 43 -4.94 -18.98 27.20
C ALA C 43 -3.74 -19.47 28.01
N ALA C 44 -3.84 -20.69 28.53
CA ALA C 44 -2.80 -21.18 29.40
C ALA C 44 -2.71 -22.68 29.29
N PHE C 45 -1.54 -23.17 29.67
CA PHE C 45 -1.26 -24.59 29.69
C PHE C 45 -0.48 -24.93 30.96
N SER C 46 -0.84 -26.08 31.54
CA SER C 46 -0.22 -26.59 32.76
CA SER C 46 -0.20 -26.58 32.75
C SER C 46 0.76 -27.72 32.46
N THR C 47 0.63 -28.35 31.30
CA THR C 47 1.56 -29.31 30.74
C THR C 47 1.66 -28.97 29.25
N PRO C 48 2.80 -29.21 28.62
CA PRO C 48 2.97 -28.81 27.21
C PRO C 48 2.11 -29.67 26.29
N GLY C 49 1.94 -29.17 25.06
CA GLY C 49 1.12 -29.83 24.03
C GLY C 49 -0.04 -28.94 23.65
N LEU C 50 -0.29 -28.83 22.34
CA LEU C 50 -1.31 -27.92 21.86
C LEU C 50 -2.70 -28.23 22.43
N GLU C 51 -2.96 -29.50 22.75
CA GLU C 51 -4.26 -29.93 23.27
C GLU C 51 -4.50 -29.42 24.69
N ASN C 52 -3.44 -29.08 25.43
CA ASN C 52 -3.57 -28.61 26.80
C ASN C 52 -3.60 -27.10 26.90
N LEU C 53 -3.48 -26.39 25.78
CA LEU C 53 -3.69 -24.95 25.81
C LEU C 53 -5.18 -24.73 25.95
N LYS C 54 -5.61 -24.05 27.00
CA LYS C 54 -7.02 -23.92 27.33
C LYS C 54 -7.31 -22.50 27.75
N LEU C 55 -8.53 -22.05 27.46
CA LEU C 55 -8.99 -20.76 27.94
C LEU C 55 -9.32 -20.90 29.42
N VAL C 56 -8.85 -19.96 30.22
CA VAL C 56 -9.02 -20.00 31.65
C VAL C 56 -9.37 -18.59 32.10
N GLU C 57 -9.72 -18.49 33.38
CA GLU C 57 -9.76 -17.22 34.09
C GLU C 57 -8.58 -17.22 35.06
N ALA C 58 -7.92 -16.08 35.17
CA ALA C 58 -6.66 -15.95 35.89
C ALA C 58 -6.64 -14.60 36.56
N GLU C 59 -5.86 -14.50 37.66
CA GLU C 59 -5.72 -13.23 38.33
C GLU C 59 -5.11 -12.22 37.37
N THR C 60 -5.74 -11.05 37.27
CA THR C 60 -5.14 -9.95 36.55
C THR C 60 -3.85 -9.58 37.27
N PRO C 61 -2.70 -9.64 36.60
CA PRO C 61 -1.45 -9.32 37.31
C PRO C 61 -1.36 -7.83 37.57
N ARG C 62 -0.54 -7.48 38.57
CA ARG C 62 -0.35 -6.11 39.01
C ARG C 62 1.09 -5.67 38.74
N PRO C 63 1.30 -4.44 38.25
CA PRO C 63 2.64 -3.99 37.88
C PRO C 63 3.43 -3.58 39.12
N GLY C 64 4.54 -4.27 39.35
CA GLY C 64 5.50 -3.86 40.35
C GLY C 64 6.28 -2.66 39.86
N PRO C 65 7.29 -2.27 40.62
CA PRO C 65 8.12 -1.11 40.23
C PRO C 65 8.75 -1.31 38.86
N GLY C 66 8.87 -0.20 38.14
CA GLY C 66 9.44 -0.23 36.82
C GLY C 66 8.62 -0.98 35.81
N GLU C 67 7.40 -1.40 36.15
CA GLU C 67 6.57 -2.21 35.29
C GLU C 67 5.28 -1.49 34.92
N VAL C 68 4.69 -1.93 33.81
CA VAL C 68 3.40 -1.42 33.40
C VAL C 68 2.49 -2.62 33.18
N LEU C 69 1.20 -2.39 33.39
CA LEU C 69 0.15 -3.30 32.99
C LEU C 69 -0.38 -2.83 31.64
N ILE C 70 -0.60 -3.76 30.73
CA ILE C 70 -1.02 -3.45 29.38
C ILE C 70 -2.30 -4.21 29.11
N ARG C 71 -3.31 -3.49 28.61
CA ARG C 71 -4.47 -4.14 28.02
C ARG C 71 -4.05 -4.56 26.62
N VAL C 72 -3.93 -5.86 26.41
CA VAL C 72 -3.48 -6.41 25.12
C VAL C 72 -4.57 -6.19 24.08
N LYS C 73 -4.23 -5.52 22.99
CA LYS C 73 -5.15 -5.42 21.88
C LYS C 73 -4.90 -6.54 20.87
N TYR C 74 -3.62 -6.80 20.52
CA TYR C 74 -3.27 -7.81 19.54
C TYR C 74 -1.97 -8.50 19.93
N ALA C 75 -1.94 -9.81 19.73
CA ALA C 75 -0.75 -10.60 19.98
C ALA C 75 -0.45 -11.39 18.72
N GLY C 76 0.83 -11.47 18.38
CA GLY C 76 1.23 -12.23 17.21
C GLY C 76 1.23 -13.73 17.47
N VAL C 77 0.95 -14.47 16.41
CA VAL C 77 1.05 -15.93 16.43
C VAL C 77 2.29 -16.28 15.64
N ASN C 78 3.29 -16.81 16.34
CA ASN C 78 4.61 -17.07 15.78
C ASN C 78 5.04 -18.51 16.00
N PRO C 79 5.98 -18.98 15.19
CA PRO C 79 6.53 -20.32 15.44
C PRO C 79 7.08 -20.45 16.83
N LEU C 80 7.66 -19.37 17.37
CA LEU C 80 8.18 -19.38 18.73
C LEU C 80 7.06 -19.66 19.75
N ASP C 81 5.90 -18.99 19.61
CA ASP C 81 4.77 -19.27 20.51
C ASP C 81 4.29 -20.73 20.35
N TYR C 82 4.26 -21.23 19.11
CA TYR C 82 3.91 -22.63 18.92
C TYR C 82 4.85 -23.55 19.67
N ASN C 83 6.16 -23.31 19.55
CA ASN C 83 7.16 -24.18 20.16
C ASN C 83 7.16 -24.09 21.69
N VAL C 84 6.79 -22.94 22.24
CA VAL C 84 6.63 -22.85 23.68
C VAL C 84 5.46 -23.72 24.15
N VAL C 85 4.31 -23.58 23.48
CA VAL C 85 3.14 -24.37 23.88
C VAL C 85 3.40 -25.84 23.67
N ALA C 86 4.14 -26.20 22.60
CA ALA C 86 4.34 -27.59 22.24
C ALA C 86 5.34 -28.30 23.12
N GLY C 87 6.13 -27.55 23.89
CA GLY C 87 7.12 -28.12 24.79
C GLY C 87 8.55 -27.99 24.35
N ALA C 88 8.80 -27.52 23.13
CA ALA C 88 10.17 -27.46 22.63
C ALA C 88 11.03 -26.51 23.45
N VAL C 89 10.40 -25.62 24.18
CA VAL C 89 11.09 -24.62 24.98
C VAL C 89 10.46 -24.64 26.35
N LYS C 90 11.28 -24.51 27.39
CA LYS C 90 10.78 -24.54 28.75
C LYS C 90 10.25 -23.15 29.11
N ALA C 91 9.05 -23.11 29.65
CA ALA C 91 8.38 -21.88 30.02
C ALA C 91 8.25 -21.80 31.53
N SER C 92 8.27 -20.57 32.05
CA SER C 92 8.07 -20.28 33.45
C SER C 92 7.27 -18.97 33.52
N PRO C 93 6.30 -18.82 34.40
CA PRO C 93 5.95 -19.90 35.34
C PRO C 93 4.99 -20.90 34.71
N MET C 94 4.77 -21.99 35.45
CA MET C 94 3.78 -22.99 35.06
C MET C 94 2.71 -23.03 36.15
N PRO C 95 1.42 -23.01 35.83
CA PRO C 95 0.95 -22.98 34.44
C PRO C 95 1.27 -21.67 33.73
N HIS C 96 1.28 -21.74 32.39
CA HIS C 96 1.95 -20.72 31.59
C HIS C 96 1.04 -20.09 30.55
N ILE C 97 1.05 -18.76 30.51
CA ILE C 97 0.38 -17.97 29.48
C ILE C 97 1.42 -17.61 28.42
N PRO C 98 1.36 -18.16 27.22
CA PRO C 98 2.35 -17.84 26.18
C PRO C 98 2.00 -16.53 25.49
N GLY C 99 2.83 -16.18 24.51
CA GLY C 99 2.63 -15.00 23.67
C GLY C 99 3.75 -13.98 23.84
N SER C 100 4.75 -14.05 22.95
CA SER C 100 5.95 -13.23 23.11
C SER C 100 5.94 -11.95 22.29
N GLU C 101 4.87 -11.72 21.53
CA GLU C 101 4.79 -10.61 20.59
C GLU C 101 3.42 -9.95 20.77
N PHE C 102 3.37 -8.74 21.28
CA PHE C 102 2.07 -8.11 21.41
C PHE C 102 2.16 -6.60 21.54
N ALA C 103 1.02 -5.97 21.33
CA ALA C 103 0.85 -4.54 21.48
C ALA C 103 -0.50 -4.29 22.16
N GLY C 104 -0.66 -3.09 22.70
CA GLY C 104 -1.87 -2.79 23.44
C GLY C 104 -1.86 -1.41 24.05
N VAL C 105 -2.63 -1.24 25.12
CA VAL C 105 -2.85 0.08 25.71
C VAL C 105 -2.44 0.00 27.17
N VAL C 106 -1.63 0.95 27.61
CA VAL C 106 -1.23 0.98 29.02
C VAL C 106 -2.46 1.21 29.88
N GLU C 107 -2.69 0.30 30.82
CA GLU C 107 -3.77 0.32 31.78
C GLU C 107 -3.33 0.88 33.14
N GLU C 108 -2.15 0.48 33.64
CA GLU C 108 -1.65 0.96 34.90
C GLU C 108 -0.12 1.00 34.87
N ALA C 109 0.44 2.09 35.36
CA ALA C 109 1.88 2.18 35.56
C ALA C 109 2.21 1.84 37.01
N GLY C 110 3.28 1.08 37.20
CA GLY C 110 3.67 0.70 38.54
C GLY C 110 4.48 1.79 39.20
N PRO C 111 4.94 1.52 40.43
CA PRO C 111 5.73 2.52 41.15
C PRO C 111 6.98 2.91 40.37
N GLY C 112 7.28 4.20 40.38
CA GLY C 112 8.51 4.67 39.80
C GLY C 112 8.48 4.87 38.31
N VAL C 113 7.39 4.56 37.65
CA VAL C 113 7.35 4.66 36.20
C VAL C 113 6.99 6.08 35.82
N THR C 114 7.58 6.56 34.72
CA THR C 114 7.37 7.91 34.24
C THR C 114 7.32 7.89 32.73
N GLY C 115 6.75 8.95 32.15
CA GLY C 115 6.68 9.06 30.71
C GLY C 115 5.85 8.01 30.03
N VAL C 116 5.07 7.25 30.79
CA VAL C 116 4.17 6.24 30.24
C VAL C 116 2.91 6.32 31.10
N SER C 117 1.81 6.74 30.49
CA SER C 117 0.57 7.01 31.20
C SER C 117 -0.57 6.14 30.66
N ARG C 118 -1.63 6.05 31.48
CA ARG C 118 -2.80 5.26 31.15
C ARG C 118 -3.34 5.66 29.78
N GLY C 119 -3.74 4.67 29.00
CA GLY C 119 -4.25 4.93 27.66
C GLY C 119 -3.21 5.06 26.56
N ASP C 120 -1.91 5.14 26.88
CA ASP C 120 -0.85 5.15 25.87
C ASP C 120 -0.83 3.84 25.08
N PRO C 121 -1.08 3.86 23.76
CA PRO C 121 -0.86 2.66 22.94
C PRO C 121 0.64 2.38 22.80
N VAL C 122 1.02 1.12 23.04
CA VAL C 122 2.43 0.71 23.09
C VAL C 122 2.58 -0.64 22.40
N VAL C 123 3.80 -0.89 21.92
CA VAL C 123 4.19 -2.20 21.44
C VAL C 123 5.45 -2.60 22.21
N VAL C 124 5.59 -3.90 22.49
CA VAL C 124 6.48 -4.36 23.55
C VAL C 124 7.72 -5.01 22.94
N TYR C 125 8.89 -4.44 23.24
CA TYR C 125 10.15 -5.09 22.97
C TYR C 125 10.24 -6.32 23.87
N ASN C 126 10.45 -7.51 23.27
CA ASN C 126 10.19 -8.75 24.02
C ASN C 126 11.40 -9.36 24.76
N ARG C 127 12.55 -8.68 24.82
CA ARG C 127 13.71 -9.20 25.54
C ARG C 127 13.92 -8.45 26.85
N LEU C 128 14.08 -9.18 27.95
CA LEU C 128 14.39 -8.56 29.21
C LEU C 128 15.87 -8.23 29.24
N TYR C 129 16.21 -6.99 29.60
CA TYR C 129 17.60 -6.58 29.61
C TYR C 129 17.88 -5.73 30.85
N CYS C 130 19.12 -5.82 31.35
CA CYS C 130 19.53 -5.15 32.58
C CYS C 130 19.99 -3.72 32.36
N GLY C 131 20.51 -3.43 31.16
CA GLY C 131 21.02 -2.11 30.80
C GLY C 131 22.41 -1.77 31.28
N HIS C 132 23.11 -2.70 31.99
CA HIS C 132 24.37 -2.36 32.66
C HIS C 132 25.53 -3.29 32.33
N CYS C 133 25.27 -4.44 31.69
CA CYS C 133 26.32 -5.40 31.38
C CYS C 133 26.97 -5.03 30.05
N ARG C 134 28.09 -5.69 29.76
CA ARG C 134 28.86 -5.44 28.53
C ARG C 134 27.98 -5.49 27.28
N GLN C 135 27.06 -6.46 27.22
CA GLN C 135 26.21 -6.60 26.04
C GLN C 135 25.25 -5.42 25.92
N CYS C 136 24.53 -5.08 27.00
CA CYS C 136 23.56 -3.98 26.96
C CYS C 136 24.24 -2.66 26.62
N LEU C 137 25.45 -2.44 27.15
CA LEU C 137 26.10 -1.15 26.96
C LEU C 137 26.66 -0.96 25.56
N THR C 138 26.88 -2.03 24.81
CA THR C 138 27.28 -1.94 23.41
C THR C 138 26.09 -2.03 22.48
N GLY C 139 24.87 -2.16 23.02
CA GLY C 139 23.65 -2.16 22.24
C GLY C 139 22.99 -3.51 22.06
N TRP C 140 23.69 -4.61 22.35
CA TRP C 140 23.17 -5.94 22.10
C TRP C 140 22.29 -6.38 23.28
N THR C 141 21.19 -5.65 23.48
CA THR C 141 20.35 -5.92 24.64
C THR C 141 19.74 -7.31 24.60
N GLN C 142 19.48 -7.86 23.42
CA GLN C 142 18.98 -9.24 23.35
C GLN C 142 20.01 -10.26 23.81
N MET C 143 21.28 -9.86 23.97
CA MET C 143 22.36 -10.71 24.47
C MET C 143 22.63 -10.50 25.96
N CYS C 144 21.74 -9.84 26.69
CA CYS C 144 22.04 -9.43 28.06
C CYS C 144 22.60 -10.60 28.90
N GLU C 145 23.77 -10.38 29.53
CA GLU C 145 24.43 -11.40 30.36
C GLU C 145 23.75 -11.62 31.72
N VAL C 146 22.94 -10.69 32.16
CA VAL C 146 22.27 -10.81 33.46
C VAL C 146 20.93 -11.53 33.33
N THR C 147 20.10 -11.16 32.35
CA THR C 147 18.81 -11.82 32.16
C THR C 147 18.92 -13.05 31.28
N GLY C 148 20.08 -13.29 30.66
CA GLY C 148 20.22 -14.43 29.74
C GLY C 148 19.45 -14.31 28.43
N GLY C 149 19.16 -13.10 27.98
CA GLY C 149 18.33 -12.98 26.79
C GLY C 149 16.86 -13.28 27.00
N GLY C 150 16.43 -13.47 28.26
CA GLY C 150 15.09 -13.93 28.60
C GLY C 150 13.97 -13.24 27.85
N ILE C 151 13.05 -14.02 27.30
CA ILE C 151 12.04 -13.54 26.38
C ILE C 151 10.71 -13.44 27.10
N ILE C 152 10.04 -12.29 26.99
CA ILE C 152 8.73 -12.10 27.60
C ILE C 152 7.73 -13.07 26.96
N GLY C 153 6.95 -13.74 27.82
CA GLY C 153 6.04 -14.79 27.40
C GLY C 153 6.66 -16.15 27.32
N ILE C 154 7.96 -16.26 27.58
CA ILE C 154 8.64 -17.53 27.81
C ILE C 154 9.09 -17.64 29.27
N VAL C 155 9.80 -16.63 29.76
CA VAL C 155 10.22 -16.58 31.17
C VAL C 155 9.32 -15.71 32.01
N THR C 156 8.30 -15.08 31.41
CA THR C 156 7.19 -14.40 32.08
C THR C 156 5.89 -14.86 31.41
N GLN C 157 4.77 -14.55 32.04
CA GLN C 157 3.49 -14.73 31.39
C GLN C 157 3.37 -13.75 30.21
N GLY C 158 2.75 -14.20 29.11
CA GLY C 158 2.78 -13.48 27.87
C GLY C 158 1.44 -12.87 27.50
N GLY C 159 1.29 -12.53 26.23
CA GLY C 159 0.21 -11.68 25.78
C GLY C 159 -1.04 -12.38 25.28
N TYR C 160 -1.17 -13.70 25.43
CA TYR C 160 -2.38 -14.40 25.01
C TYR C 160 -3.39 -14.35 26.16
N ALA C 161 -3.69 -13.11 26.54
CA ALA C 161 -4.55 -12.82 27.66
C ALA C 161 -4.96 -11.38 27.49
N GLU C 162 -6.00 -11.00 28.24
CA GLU C 162 -6.48 -9.62 28.20
C GLU C 162 -5.43 -8.65 28.74
N TYR C 163 -4.59 -9.08 29.68
CA TYR C 163 -3.63 -8.18 30.29
C TYR C 163 -2.30 -8.87 30.48
N ALA C 164 -1.23 -8.09 30.40
CA ALA C 164 0.11 -8.59 30.65
C ALA C 164 0.95 -7.48 31.25
N VAL C 165 1.85 -7.86 32.15
CA VAL C 165 2.75 -6.92 32.81
C VAL C 165 4.12 -7.08 32.18
N VAL C 166 4.72 -5.96 31.75
CA VAL C 166 6.06 -5.98 31.18
C VAL C 166 6.86 -4.85 31.80
N PRO C 167 8.17 -4.82 31.60
CA PRO C 167 8.95 -3.68 32.08
C PRO C 167 8.63 -2.41 31.31
N ALA C 168 8.53 -1.29 32.05
CA ALA C 168 8.12 -0.04 31.41
C ALA C 168 9.05 0.31 30.27
N LYS C 169 10.37 0.12 30.46
CA LYS C 169 11.32 0.48 29.42
C LYS C 169 11.23 -0.41 28.18
N ASN C 170 10.49 -1.52 28.23
CA ASN C 170 10.26 -2.36 27.07
C ASN C 170 9.07 -1.92 26.25
N ALA C 171 8.25 -1.01 26.79
CA ALA C 171 7.03 -0.58 26.12
C ALA C 171 7.37 0.65 25.29
N VAL C 172 7.14 0.57 23.98
CA VAL C 172 7.45 1.66 23.06
C VAL C 172 6.13 2.28 22.64
N ALA C 173 6.00 3.58 22.85
CA ALA C 173 4.78 4.29 22.47
C ALA C 173 4.73 4.37 20.96
N THR C 174 3.54 4.20 20.39
CA THR C 174 3.44 4.23 18.94
C THR C 174 2.09 4.82 18.53
N ARG C 175 2.11 5.56 17.43
CA ARG C 175 0.90 6.01 16.78
C ARG C 175 0.44 5.08 15.67
N ALA C 176 1.13 3.96 15.45
CA ALA C 176 0.71 3.01 14.43
C ALA C 176 -0.52 2.25 14.89
N ASP C 177 -1.30 1.76 13.94
CA ASP C 177 -2.40 0.86 14.27
C ASP C 177 -1.81 -0.34 15.01
N LEU C 178 -2.40 -0.67 16.15
CA LEU C 178 -1.81 -1.70 17.00
C LEU C 178 -1.87 -3.08 16.35
N LYS C 179 -2.85 -3.31 15.49
CA LYS C 179 -2.85 -4.52 14.68
C LYS C 179 -1.53 -4.65 13.91
N GLU C 180 -1.12 -3.58 13.25
CA GLU C 180 0.14 -3.59 12.53
C GLU C 180 1.33 -3.60 13.47
N ALA C 181 1.27 -2.82 14.55
CA ALA C 181 2.41 -2.75 15.47
C ALA C 181 2.72 -4.12 16.07
N ALA C 182 1.69 -4.95 16.26
CA ALA C 182 1.90 -6.26 16.86
C ALA C 182 2.68 -7.23 15.96
N THR C 183 3.03 -6.84 14.75
CA THR C 183 3.86 -7.67 13.87
C THR C 183 5.33 -7.31 13.98
N LEU C 184 5.70 -6.38 14.87
CA LEU C 184 7.04 -5.83 14.94
C LEU C 184 7.97 -6.53 15.94
N PRO C 185 7.52 -6.89 17.14
CA PRO C 185 8.49 -7.36 18.16
C PRO C 185 9.24 -8.62 17.78
N ILE C 186 8.61 -9.54 17.06
CA ILE C 186 9.30 -10.71 16.50
C ILE C 186 9.54 -10.55 14.99
N GLY C 187 8.48 -10.42 14.22
CA GLY C 187 8.60 -10.46 12.77
C GLY C 187 9.55 -9.41 12.21
N ALA C 188 9.26 -8.13 12.44
CA ALA C 188 10.09 -7.10 11.86
C ALA C 188 11.42 -6.96 12.58
N LEU C 189 11.44 -6.98 13.91
CA LEU C 189 12.69 -6.73 14.59
C LEU C 189 13.70 -7.84 14.30
N THR C 190 13.27 -9.11 14.32
CA THR C 190 14.17 -10.19 13.96
C THR C 190 14.69 -10.00 12.54
N ALA C 191 13.79 -9.69 11.61
CA ALA C 191 14.18 -9.50 10.23
C ALA C 191 15.18 -8.36 10.09
N TRP C 192 14.89 -7.22 10.75
CA TRP C 192 15.82 -6.10 10.74
C TRP C 192 17.19 -6.53 11.27
N ASN C 193 17.21 -7.21 12.42
CA ASN C 193 18.46 -7.59 13.01
C ASN C 193 19.23 -8.54 12.09
N MET C 194 18.54 -9.39 11.34
CA MET C 194 19.22 -10.24 10.36
C MET C 194 19.81 -9.41 9.21
N ALA C 195 19.03 -8.49 8.67
CA ALA C 195 19.52 -7.71 7.55
C ALA C 195 20.69 -6.83 7.97
N TYR C 196 20.62 -6.29 9.18
CA TYR C 196 21.66 -5.43 9.71
C TYR C 196 22.97 -6.18 9.87
N ARG C 197 22.92 -7.40 10.40
CA ARG C 197 24.13 -8.18 10.62
C ARG C 197 24.68 -8.80 9.34
N ALA C 198 23.97 -8.70 8.22
CA ALA C 198 24.44 -9.24 6.95
C ALA C 198 25.30 -8.26 6.16
N SER C 199 25.44 -7.02 6.62
CA SER C 199 26.19 -5.97 5.91
C SER C 199 25.83 -5.92 4.43
N ILE C 200 24.54 -5.74 4.18
CA ILE C 200 24.02 -5.64 2.83
C ILE C 200 24.37 -4.27 2.27
N SER C 201 24.96 -4.24 1.06
CA SER C 201 25.23 -2.99 0.36
C SER C 201 24.41 -2.92 -0.92
N PRO C 202 24.06 -1.72 -1.37
CA PRO C 202 23.31 -1.62 -2.62
C PRO C 202 23.98 -2.44 -3.69
N GLY C 203 23.16 -3.09 -4.52
CA GLY C 203 23.62 -3.93 -5.58
C GLY C 203 23.69 -5.39 -5.23
N GLU C 204 23.94 -5.72 -3.96
CA GLU C 204 24.22 -7.10 -3.62
C GLU C 204 22.97 -7.95 -3.79
N LYS C 205 23.17 -9.21 -4.20
CA LYS C 205 22.07 -10.14 -4.46
C LYS C 205 21.75 -10.84 -3.17
N VAL C 206 20.53 -10.65 -2.71
CA VAL C 206 20.08 -11.11 -1.40
C VAL C 206 18.96 -12.10 -1.63
N ALA C 207 19.19 -13.36 -1.23
CA ALA C 207 18.14 -14.37 -1.25
C ALA C 207 17.51 -14.43 0.14
N VAL C 208 16.18 -14.38 0.19
CA VAL C 208 15.41 -14.56 1.41
C VAL C 208 14.65 -15.87 1.30
N VAL C 209 15.00 -16.86 2.14
CA VAL C 209 14.25 -18.12 2.21
C VAL C 209 13.21 -17.99 3.32
N GLY C 210 12.21 -18.86 3.29
CA GLY C 210 11.06 -18.71 4.18
C GLY C 210 10.41 -17.35 4.04
N ALA C 211 10.32 -16.85 2.80
CA ALA C 211 10.08 -15.44 2.57
C ALA C 211 8.66 -15.03 2.92
N THR C 212 7.71 -15.97 2.98
CA THR C 212 6.35 -15.60 3.40
C THR C 212 6.11 -15.77 4.89
N GLY C 213 7.08 -16.25 5.66
CA GLY C 213 6.91 -16.32 7.10
C GLY C 213 6.91 -14.95 7.71
N ASN C 214 6.63 -14.89 9.02
CA ASN C 214 6.51 -13.59 9.69
C ASN C 214 7.79 -12.81 9.62
N VAL C 215 8.93 -13.47 9.87
CA VAL C 215 10.22 -12.79 9.74
C VAL C 215 10.58 -12.61 8.27
N GLY C 216 10.39 -13.64 7.47
CA GLY C 216 10.80 -13.60 6.08
C GLY C 216 10.20 -12.42 5.32
N ILE C 217 8.93 -12.14 5.55
CA ILE C 217 8.27 -11.11 4.75
C ILE C 217 8.87 -9.75 5.06
N TYR C 218 9.24 -9.51 6.33
CA TYR C 218 9.92 -8.27 6.70
C TYR C 218 11.38 -8.29 6.25
N ALA C 219 12.02 -9.46 6.20
CA ALA C 219 13.39 -9.52 5.72
C ALA C 219 13.47 -9.15 4.23
N VAL C 220 12.47 -9.51 3.43
CA VAL C 220 12.40 -8.98 2.06
C VAL C 220 12.40 -7.48 2.09
N GLN C 221 11.59 -6.89 2.98
CA GLN C 221 11.45 -5.45 2.99
C GLN C 221 12.74 -4.76 3.42
N PHE C 222 13.41 -5.26 4.49
CA PHE C 222 14.62 -4.61 4.95
C PHE C 222 15.81 -4.83 4.01
N ALA C 223 15.88 -5.98 3.35
CA ALA C 223 16.96 -6.16 2.39
C ALA C 223 16.82 -5.14 1.27
N LYS C 224 15.58 -4.88 0.85
CA LYS C 224 15.34 -3.91 -0.21
C LYS C 224 15.57 -2.49 0.28
N LEU C 225 15.21 -2.21 1.53
CA LEU C 225 15.36 -0.89 2.10
C LEU C 225 16.82 -0.49 2.25
N LEU C 226 17.70 -1.47 2.51
CA LEU C 226 19.15 -1.26 2.58
C LEU C 226 19.81 -1.16 1.22
N GLY C 227 19.08 -1.41 0.13
CA GLY C 227 19.64 -1.29 -1.20
C GLY C 227 19.88 -2.60 -1.92
N GLY C 228 19.58 -3.73 -1.31
CA GLY C 228 19.83 -4.99 -1.98
C GLY C 228 18.93 -5.22 -3.18
N GLU C 229 19.37 -6.12 -4.05
CA GLU C 229 18.54 -6.71 -5.09
C GLU C 229 17.98 -8.00 -4.54
N VAL C 230 16.67 -8.07 -4.32
CA VAL C 230 16.11 -9.03 -3.39
C VAL C 230 15.40 -10.11 -4.18
N TYR C 231 15.79 -11.36 -3.93
CA TYR C 231 15.18 -12.55 -4.51
C TYR C 231 14.50 -13.31 -3.38
N ALA C 232 13.17 -13.32 -3.39
CA ALA C 232 12.38 -14.13 -2.47
C ALA C 232 12.28 -15.55 -2.99
N ILE C 233 12.69 -16.52 -2.18
CA ILE C 233 12.72 -17.91 -2.59
C ILE C 233 11.48 -18.57 -2.01
N SER C 234 10.67 -19.15 -2.89
CA SER C 234 9.43 -19.83 -2.48
C SER C 234 9.08 -20.85 -3.54
N ARG C 235 8.76 -22.05 -3.09
CA ARG C 235 8.29 -23.10 -3.98
C ARG C 235 6.84 -22.91 -4.42
N ARG C 236 6.04 -22.14 -3.69
CA ARG C 236 4.67 -21.86 -4.11
C ARG C 236 4.59 -20.49 -4.79
N LYS C 237 5.41 -20.37 -5.83
CA LYS C 237 5.74 -19.06 -6.37
C LYS C 237 4.51 -18.32 -6.91
N ALA C 238 3.62 -19.01 -7.63
CA ALA C 238 2.42 -18.35 -8.18
C ALA C 238 1.54 -17.77 -7.07
N LYS C 239 1.32 -18.55 -6.01
CA LYS C 239 0.47 -18.13 -4.91
C LYS C 239 1.01 -16.88 -4.19
N VAL C 240 2.32 -16.74 -4.03
CA VAL C 240 2.87 -15.68 -3.18
C VAL C 240 3.60 -14.61 -3.94
N GLU C 241 3.65 -14.66 -5.28
CA GLU C 241 4.49 -13.69 -6.01
C GLU C 241 4.02 -12.25 -5.79
N SER C 242 2.71 -12.01 -5.94
CA SER C 242 2.22 -10.63 -5.81
C SER C 242 2.50 -10.06 -4.41
N ILE C 243 2.24 -10.82 -3.37
CA ILE C 243 2.52 -10.29 -2.04
C ILE C 243 4.03 -10.04 -1.85
N LEU C 244 4.88 -10.96 -2.31
CA LEU C 244 6.32 -10.78 -2.14
C LEU C 244 6.85 -9.62 -3.00
N LYS C 245 6.30 -9.42 -4.20
CA LYS C 245 6.69 -8.25 -4.97
C LYS C 245 6.25 -6.97 -4.28
N SER C 246 5.06 -6.96 -3.67
CA SER C 246 4.67 -5.73 -2.98
C SER C 246 5.46 -5.52 -1.69
N ALA C 247 6.06 -6.56 -1.13
CA ALA C 247 6.97 -6.35 -0.02
C ALA C 247 8.34 -5.83 -0.47
N GLY C 248 8.62 -5.79 -1.77
CA GLY C 248 9.89 -5.29 -2.26
C GLY C 248 10.78 -6.30 -2.94
N ALA C 249 10.32 -7.54 -3.18
CA ALA C 249 11.13 -8.50 -3.90
C ALA C 249 11.30 -8.04 -5.35
N ASP C 250 12.50 -8.16 -5.90
CA ASP C 250 12.63 -7.90 -7.32
C ASP C 250 12.23 -9.12 -8.13
N ALA C 251 12.39 -10.30 -7.55
CA ALA C 251 12.00 -11.51 -8.21
C ALA C 251 11.69 -12.52 -7.15
N VAL C 252 10.91 -13.53 -7.56
CA VAL C 252 10.51 -14.65 -6.71
C VAL C 252 10.91 -15.89 -7.48
N LEU C 253 11.68 -16.75 -6.84
CA LEU C 253 12.26 -17.90 -7.51
C LEU C 253 11.93 -19.13 -6.71
N THR C 254 11.80 -20.25 -7.38
CA THR C 254 11.75 -21.48 -6.65
C THR C 254 13.16 -21.80 -6.18
N PRO C 255 13.28 -22.70 -5.20
CA PRO C 255 14.63 -23.12 -4.79
C PRO C 255 15.51 -23.62 -5.93
N ASP C 256 14.97 -24.34 -6.94
CA ASP C 256 15.81 -24.78 -8.08
C ASP C 256 16.19 -23.63 -9.00
N GLU C 257 15.27 -22.68 -9.22
CA GLU C 257 15.64 -21.45 -9.91
C GLU C 257 16.72 -20.69 -9.15
N ALA C 258 16.70 -20.74 -7.83
CA ALA C 258 17.75 -20.03 -7.11
C ALA C 258 19.10 -20.71 -7.31
N LYS C 259 19.12 -22.04 -7.46
CA LYS C 259 20.38 -22.69 -7.77
C LYS C 259 20.93 -22.21 -9.09
N SER C 260 20.07 -22.00 -10.08
CA SER C 260 20.50 -21.53 -11.40
C SER C 260 20.87 -20.05 -11.39
N ALA C 261 20.25 -19.24 -10.53
CA ALA C 261 20.56 -17.81 -10.42
C ALA C 261 21.80 -17.52 -9.56
N ALA C 262 22.32 -18.52 -8.83
CA ALA C 262 23.49 -18.38 -7.98
C ALA C 262 24.62 -17.80 -8.83
N PRO C 263 25.60 -17.08 -8.27
CA PRO C 263 25.73 -16.96 -6.82
C PRO C 263 24.97 -15.78 -6.23
N PHE C 264 24.64 -15.91 -4.94
CA PHE C 264 24.10 -14.84 -4.13
C PHE C 264 25.15 -14.38 -3.14
N ASP C 265 25.06 -13.10 -2.75
CA ASP C 265 25.95 -12.52 -1.75
C ASP C 265 25.45 -12.69 -0.33
N VAL C 266 24.14 -12.86 -0.16
CA VAL C 266 23.52 -12.94 1.15
C VAL C 266 22.36 -13.93 1.08
N VAL C 267 22.27 -14.82 2.06
CA VAL C 267 21.04 -15.56 2.31
C VAL C 267 20.55 -15.15 3.68
N LEU C 268 19.33 -14.61 3.73
CA LEU C 268 18.63 -14.40 4.99
C LEU C 268 17.71 -15.60 5.21
N ASP C 269 17.95 -16.33 6.28
CA ASP C 269 17.26 -17.60 6.49
C ASP C 269 16.69 -17.66 7.91
N PRO C 270 15.38 -17.38 8.08
CA PRO C 270 14.79 -17.38 9.42
C PRO C 270 14.11 -18.68 9.82
N THR C 271 14.41 -19.79 9.12
CA THR C 271 13.71 -21.06 9.27
C THR C 271 14.50 -22.11 10.06
N GLY C 272 15.46 -21.71 10.88
CA GLY C 272 16.28 -22.68 11.59
C GLY C 272 17.12 -23.55 10.65
N SER C 273 16.91 -24.86 10.65
CA SER C 273 17.63 -25.77 9.78
C SER C 273 16.85 -26.21 8.54
N ALA C 274 15.64 -25.66 8.31
CA ALA C 274 14.73 -26.16 7.28
C ALA C 274 15.23 -25.94 5.84
N SER C 275 15.97 -24.85 5.60
CA SER C 275 16.34 -24.47 4.23
C SER C 275 17.82 -24.66 3.94
N TRP C 276 18.63 -24.94 4.96
CA TRP C 276 20.10 -24.98 4.84
C TRP C 276 20.56 -25.85 3.68
N ASP C 277 20.00 -27.05 3.56
CA ASP C 277 20.52 -28.00 2.59
C ASP C 277 20.21 -27.62 1.16
N LEU C 278 19.22 -26.75 0.92
CA LEU C 278 18.99 -26.22 -0.42
C LEU C 278 19.64 -24.87 -0.67
N SER C 279 19.96 -24.11 0.38
CA SER C 279 20.27 -22.70 0.23
C SER C 279 21.74 -22.36 0.41
N PHE C 280 22.45 -23.12 1.24
CA PHE C 280 23.80 -22.72 1.57
C PHE C 280 24.68 -22.76 0.35
N GLY C 281 24.41 -23.70 -0.54
CA GLY C 281 25.13 -23.80 -1.80
C GLY C 281 24.90 -22.67 -2.77
N VAL C 282 23.90 -21.82 -2.57
CA VAL C 282 23.68 -20.74 -3.56
C VAL C 282 24.54 -19.53 -3.27
N LEU C 283 25.26 -19.50 -2.15
CA LEU C 283 26.09 -18.37 -1.81
C LEU C 283 27.36 -18.41 -2.63
N GLY C 284 27.80 -17.23 -3.08
CA GLY C 284 29.06 -17.07 -3.77
C GLY C 284 30.18 -16.68 -2.80
N ARG C 285 31.29 -16.26 -3.41
CA ARG C 285 32.50 -15.91 -2.65
C ARG C 285 32.22 -14.75 -1.72
N GLY C 286 32.69 -14.85 -0.47
CA GLY C 286 32.38 -13.82 0.51
C GLY C 286 30.93 -13.76 0.95
N GLY C 287 30.14 -14.78 0.66
CA GLY C 287 28.73 -14.71 0.98
C GLY C 287 28.45 -14.81 2.47
N ARG C 288 27.33 -14.22 2.88
CA ARG C 288 26.89 -14.25 4.27
C ARG C 288 25.58 -15.01 4.36
N TYR C 289 25.57 -16.03 5.20
CA TYR C 289 24.40 -16.82 5.51
C TYR C 289 23.93 -16.43 6.92
N VAL C 290 22.86 -15.69 7.00
CA VAL C 290 22.37 -15.18 8.27
C VAL C 290 21.23 -16.08 8.73
N THR C 291 21.42 -16.72 9.87
CA THR C 291 20.51 -17.74 10.35
C THR C 291 19.81 -17.21 11.59
N ALA C 292 18.49 -17.40 11.62
CA ALA C 292 17.70 -17.21 12.82
C ALA C 292 16.69 -18.34 12.88
N GLY C 293 16.01 -18.48 14.02
CA GLY C 293 15.02 -19.53 14.15
C GLY C 293 14.18 -19.33 15.40
N ALA C 294 13.39 -20.36 15.73
CA ALA C 294 12.37 -20.28 16.79
C ALA C 294 12.61 -21.33 17.89
N LEU C 295 13.87 -21.66 18.12
CA LEU C 295 14.32 -22.38 19.32
C LEU C 295 14.12 -23.89 19.23
N THR C 296 13.70 -24.40 18.08
CA THR C 296 13.70 -25.84 17.86
C THR C 296 15.09 -26.32 17.44
N GLY C 297 15.34 -27.62 17.60
CA GLY C 297 16.59 -28.21 17.17
C GLY C 297 16.92 -27.83 15.74
N ALA C 298 18.18 -27.49 15.48
CA ALA C 298 18.56 -26.97 14.18
C ALA C 298 20.01 -27.33 13.89
N GLU C 299 20.36 -28.59 14.07
CA GLU C 299 21.67 -29.07 13.68
C GLU C 299 21.71 -29.33 12.18
N VAL C 300 22.83 -28.95 11.55
CA VAL C 300 23.07 -29.12 10.12
C VAL C 300 24.51 -29.55 9.93
N ARG C 301 24.79 -29.98 8.74
CA ARG C 301 26.14 -30.37 8.39
C ARG C 301 26.75 -29.27 7.55
N LEU C 302 27.88 -28.76 8.01
CA LEU C 302 28.59 -27.69 7.34
C LEU C 302 29.83 -28.27 6.67
N ASP C 303 29.95 -28.03 5.37
CA ASP C 303 31.16 -28.36 4.62
C ASP C 303 32.19 -27.26 4.87
N LEU C 304 33.11 -27.51 5.83
CA LEU C 304 34.13 -26.51 6.18
C LEU C 304 34.97 -26.12 4.97
N ARG C 305 35.15 -27.03 4.04
CA ARG C 305 35.95 -26.76 2.86
C ARG C 305 35.28 -25.75 1.98
N ARG C 306 33.97 -25.87 1.79
CA ARG C 306 33.25 -24.85 1.06
C ARG C 306 33.27 -23.53 1.83
N LEU C 307 33.16 -23.61 3.15
CA LEU C 307 33.14 -22.37 3.93
C LEU C 307 34.46 -21.65 3.79
N TYR C 308 35.58 -22.35 4.04
CA TYR C 308 36.82 -21.60 4.00
C TYR C 308 37.25 -21.33 2.57
N GLY C 309 36.92 -22.21 1.62
CA GLY C 309 37.32 -21.99 0.23
C GLY C 309 36.61 -20.84 -0.47
N MET C 310 35.36 -20.57 -0.08
CA MET C 310 34.56 -19.45 -0.57
C MET C 310 34.59 -18.22 0.35
N GLN C 311 35.27 -18.27 1.50
CA GLN C 311 35.25 -17.21 2.53
C GLN C 311 33.83 -16.78 2.90
N ILE C 312 33.00 -17.77 3.11
CA ILE C 312 31.62 -17.55 3.53
C ILE C 312 31.61 -17.29 5.03
N LEU C 313 30.66 -16.47 5.48
CA LEU C 313 30.37 -16.26 6.89
C LEU C 313 28.97 -16.77 7.19
N VAL C 314 28.83 -17.59 8.23
CA VAL C 314 27.53 -17.96 8.77
C VAL C 314 27.33 -17.10 10.02
N ILE C 315 26.28 -16.27 10.01
CA ILE C 315 26.09 -15.22 11.00
C ILE C 315 24.80 -15.51 11.77
N GLY C 316 24.95 -15.75 13.08
CA GLY C 316 23.78 -15.95 13.92
C GLY C 316 23.07 -14.63 14.20
N ALA C 317 21.75 -14.68 14.28
CA ALA C 317 20.98 -13.50 14.61
C ALA C 317 19.81 -13.90 15.48
N THR C 318 19.59 -13.19 16.60
CA THR C 318 18.43 -13.46 17.45
C THR C 318 17.85 -12.15 17.95
N GLY C 319 16.52 -12.08 18.03
CA GLY C 319 15.85 -10.86 18.45
C GLY C 319 16.32 -9.65 17.67
N GLY C 320 16.55 -8.56 18.38
CA GLY C 320 17.18 -7.37 17.84
C GLY C 320 17.54 -6.47 18.99
N ARG C 321 18.23 -5.38 18.67
CA ARG C 321 18.71 -4.41 19.65
C ARG C 321 17.58 -3.50 20.08
N ARG C 322 17.56 -3.12 21.37
CA ARG C 322 16.56 -2.20 21.90
C ARG C 322 16.48 -0.92 21.09
N ALA C 323 17.65 -0.39 20.68
CA ALA C 323 17.67 0.84 19.89
C ALA C 323 17.01 0.65 18.53
N ASP C 324 17.19 -0.52 17.92
CA ASP C 324 16.68 -0.76 16.56
C ASP C 324 15.18 -1.00 16.57
N PHE C 325 14.64 -1.48 17.69
CA PHE C 325 13.20 -1.64 17.84
C PHE C 325 12.50 -0.30 17.69
N ASN C 326 13.06 0.75 18.30
CA ASN C 326 12.53 2.09 18.11
C ASN C 326 12.53 2.47 16.65
N THR C 327 13.61 2.13 15.94
CA THR C 327 13.69 2.47 14.53
C THR C 327 12.63 1.73 13.72
N VAL C 328 12.40 0.46 14.03
CA VAL C 328 11.45 -0.33 13.27
C VAL C 328 10.04 0.19 13.48
N VAL C 329 9.74 0.62 14.74
CA VAL C 329 8.44 1.23 15.04
C VAL C 329 8.29 2.51 14.26
N ARG C 330 9.35 3.33 14.21
CA ARG C 330 9.28 4.58 13.44
C ARG C 330 9.12 4.32 11.95
N LEU C 331 9.74 3.26 11.42
CA LEU C 331 9.58 2.98 10.00
C LEU C 331 8.15 2.55 9.66
N LEU C 332 7.49 1.80 10.55
CA LEU C 332 6.11 1.43 10.32
C LEU C 332 5.19 2.65 10.33
N GLU C 333 5.37 3.53 11.33
CA GLU C 333 4.58 4.77 11.35
C GLU C 333 4.76 5.58 10.08
N ALA C 334 5.96 5.57 9.49
CA ALA C 334 6.21 6.36 8.30
C ALA C 334 5.72 5.68 7.03
N GLY C 335 5.23 4.44 7.12
CA GLY C 335 4.85 3.69 5.94
C GLY C 335 6.00 3.08 5.17
N ARG C 336 7.23 3.12 5.70
CA ARG C 336 8.35 2.55 4.96
C ARG C 336 8.41 1.03 5.04
N ILE C 337 7.70 0.41 5.98
CA ILE C 337 7.53 -1.04 6.03
C ILE C 337 6.04 -1.33 6.24
N LYS C 338 5.62 -2.55 5.84
CA LYS C 338 4.21 -2.91 5.84
C LYS C 338 3.99 -4.21 6.59
N ALA C 339 2.89 -4.26 7.30
CA ALA C 339 2.41 -5.45 7.98
C ALA C 339 1.45 -6.14 7.05
N PHE C 340 1.71 -7.43 6.79
CA PHE C 340 0.95 -8.25 5.85
C PHE C 340 0.16 -9.25 6.68
N LEU C 341 -1.15 -9.00 6.81
CA LEU C 341 -2.01 -9.76 7.70
C LEU C 341 -2.77 -10.84 6.94
N HIS C 342 -2.89 -12.01 7.58
CA HIS C 342 -3.65 -13.14 7.07
C HIS C 342 -5.01 -13.20 7.75
N ASN C 343 -5.04 -13.21 9.09
CA ASN C 343 -6.32 -13.18 9.78
C ASN C 343 -6.11 -12.91 11.27
N VAL C 344 -7.15 -12.36 11.90
CA VAL C 344 -7.21 -12.14 13.34
C VAL C 344 -8.26 -13.10 13.91
N TYR C 345 -7.89 -13.79 14.95
CA TYR C 345 -8.74 -14.70 15.66
C TYR C 345 -8.98 -14.15 17.06
N PRO C 346 -10.16 -14.40 17.64
CA PRO C 346 -10.36 -14.13 19.07
C PRO C 346 -9.56 -15.09 19.94
N LEU C 347 -9.36 -14.68 21.19
CA LEU C 347 -8.59 -15.48 22.13
C LEU C 347 -9.14 -16.89 22.26
N ALA C 348 -10.47 -17.05 22.23
CA ALA C 348 -11.05 -18.39 22.34
C ALA C 348 -10.56 -19.32 21.23
N ASP C 349 -10.17 -18.77 20.07
CA ASP C 349 -9.76 -19.54 18.89
C ASP C 349 -8.22 -19.75 18.85
N VAL C 350 -7.53 -19.61 20.00
CA VAL C 350 -6.07 -19.58 20.03
C VAL C 350 -5.48 -20.87 19.48
N ARG C 351 -6.13 -22.01 19.72
CA ARG C 351 -5.64 -23.28 19.18
C ARG C 351 -5.73 -23.30 17.67
N LYS C 352 -6.84 -22.78 17.13
CA LYS C 352 -6.97 -22.68 15.68
C LYS C 352 -5.93 -21.72 15.12
N ALA C 353 -5.65 -20.65 15.86
CA ALA C 353 -4.72 -19.67 15.33
C ALA C 353 -3.33 -20.29 15.23
N LEU C 354 -2.91 -21.01 16.28
CA LEU C 354 -1.60 -21.63 16.30
C LEU C 354 -1.48 -22.71 15.24
N GLU C 355 -2.56 -23.46 14.98
CA GLU C 355 -2.48 -24.49 13.95
C GLU C 355 -2.53 -23.90 12.55
N GLU C 356 -3.20 -22.75 12.40
CA GLU C 356 -3.18 -22.04 11.12
C GLU C 356 -1.74 -21.66 10.72
N LEU C 357 -0.82 -21.58 11.67
CA LEU C 357 0.59 -21.34 11.36
C LEU C 357 1.18 -22.44 10.49
N ARG C 358 0.70 -23.66 10.60
CA ARG C 358 1.20 -24.75 9.78
C ARG C 358 0.36 -24.99 8.51
N SER C 359 -0.66 -24.17 8.24
CA SER C 359 -1.58 -24.47 7.14
C SER C 359 -0.93 -24.23 5.77
N PRO C 360 -1.15 -25.12 4.80
CA PRO C 360 -0.69 -24.81 3.43
C PRO C 360 -1.37 -23.58 2.85
N GLU C 361 -2.56 -23.22 3.37
CA GLU C 361 -3.33 -22.08 2.91
C GLU C 361 -2.73 -20.75 3.36
N ARG C 362 -1.86 -20.74 4.38
CA ARG C 362 -1.51 -19.48 5.03
C ARG C 362 -0.51 -18.67 4.22
N VAL C 363 -0.81 -17.38 4.05
CA VAL C 363 0.18 -16.39 3.60
C VAL C 363 -0.04 -15.11 4.41
N GLY C 364 0.85 -14.84 5.37
CA GLY C 364 0.80 -13.61 6.13
C GLY C 364 0.57 -13.88 7.61
N LYS C 365 0.47 -12.79 8.34
CA LYS C 365 0.49 -12.85 9.80
C LYS C 365 -0.86 -13.30 10.36
N VAL C 366 -0.83 -14.22 11.33
CA VAL C 366 -2.01 -14.57 12.10
C VAL C 366 -1.91 -13.82 13.43
N LEU C 367 -2.98 -13.09 13.80
CA LEU C 367 -3.04 -12.37 15.08
C LEU C 367 -4.15 -12.93 15.97
N ILE C 368 -3.94 -12.79 17.30
CA ILE C 368 -4.94 -13.06 18.33
C ILE C 368 -5.38 -11.72 18.86
N ALA C 369 -6.69 -11.52 19.01
CA ALA C 369 -7.23 -10.31 19.62
C ALA C 369 -7.94 -10.63 20.93
N PRO C 370 -7.32 -10.37 22.10
CA PRO C 370 -8.03 -10.56 23.37
C PRO C 370 -8.93 -9.36 23.71
N HIS D 38 -37.17 19.70 40.01
CA HIS D 38 -35.81 19.36 39.49
C HIS D 38 -35.29 20.47 38.57
N GLU D 39 -34.03 20.84 38.78
CA GLU D 39 -33.37 21.90 38.02
C GLU D 39 -32.14 21.29 37.39
N MET D 40 -31.75 21.83 36.22
CA MET D 40 -30.60 21.30 35.50
C MET D 40 -29.77 22.47 34.96
N ARG D 41 -28.52 22.17 34.67
CA ARG D 41 -27.68 23.10 33.94
C ARG D 41 -28.02 23.03 32.45
N ALA D 42 -27.74 24.12 31.75
CA ALA D 42 -28.10 24.27 30.35
C ALA D 42 -27.40 25.50 29.78
N ALA D 43 -27.15 25.48 28.47
CA ALA D 43 -26.69 26.64 27.73
C ALA D 43 -27.88 27.16 26.95
N ALA D 44 -28.25 28.42 27.19
CA ALA D 44 -29.44 28.97 26.56
C ALA D 44 -29.18 30.40 26.13
N PHE D 45 -29.99 30.86 25.20
CA PHE D 45 -29.96 32.25 24.74
C PHE D 45 -31.39 32.76 24.65
N SER D 46 -31.58 33.97 25.18
CA SER D 46 -32.86 34.65 25.10
CA SER D 46 -32.87 34.66 25.11
C SER D 46 -33.00 35.49 23.84
N THR D 47 -31.88 35.84 23.22
CA THR D 47 -31.81 36.55 21.96
C THR D 47 -30.64 35.91 21.23
N PRO D 48 -30.71 35.77 19.90
CA PRO D 48 -29.57 35.21 19.15
C PRO D 48 -28.33 36.08 19.30
N GLY D 49 -27.21 35.50 18.91
CA GLY D 49 -25.86 36.04 19.04
C GLY D 49 -25.10 35.11 19.97
N LEU D 50 -23.87 34.76 19.57
CA LEU D 50 -23.01 33.93 20.39
C LEU D 50 -22.76 34.58 21.75
N GLU D 51 -22.64 35.91 21.78
CA GLU D 51 -22.35 36.61 23.02
C GLU D 51 -23.48 36.47 24.02
N ASN D 52 -24.68 36.07 23.59
CA ASN D 52 -25.82 35.88 24.47
C ASN D 52 -26.02 34.44 24.90
N LEU D 53 -25.12 33.54 24.51
CA LEU D 53 -25.25 32.14 24.89
C LEU D 53 -24.67 32.01 26.30
N LYS D 54 -25.52 31.63 27.27
CA LYS D 54 -25.17 31.72 28.68
C LYS D 54 -25.53 30.45 29.44
N LEU D 55 -24.67 30.13 30.41
CA LEU D 55 -24.93 29.02 31.31
C LEU D 55 -26.02 29.45 32.27
N VAL D 56 -27.11 28.65 32.35
CA VAL D 56 -28.27 28.97 33.17
C VAL D 56 -28.71 27.71 33.92
N GLU D 57 -29.78 27.89 34.71
CA GLU D 57 -30.42 26.82 35.45
C GLU D 57 -31.85 26.76 34.93
N ALA D 58 -32.33 25.56 34.63
CA ALA D 58 -33.60 25.44 33.94
C ALA D 58 -34.39 24.28 34.54
N GLU D 59 -35.71 24.39 34.43
CA GLU D 59 -36.58 23.30 34.83
C GLU D 59 -36.28 22.10 33.93
N THR D 60 -35.84 21.03 34.56
CA THR D 60 -35.65 19.78 33.86
C THR D 60 -36.97 19.32 33.24
N PRO D 61 -37.06 19.19 31.92
CA PRO D 61 -38.35 18.84 31.31
C PRO D 61 -38.77 17.44 31.77
N ARG D 62 -40.05 17.13 31.57
CA ARG D 62 -40.54 15.79 31.85
C ARG D 62 -41.18 15.20 30.60
N PRO D 63 -40.97 13.92 30.33
CA PRO D 63 -41.40 13.35 29.06
C PRO D 63 -42.90 13.11 29.09
N GLY D 64 -43.59 13.57 28.05
CA GLY D 64 -45.01 13.32 27.89
C GLY D 64 -45.26 12.04 27.11
N PRO D 65 -46.48 11.87 26.63
CA PRO D 65 -46.79 10.68 25.83
C PRO D 65 -45.88 10.54 24.61
N GLY D 66 -45.35 9.33 24.40
CA GLY D 66 -44.51 9.06 23.24
C GLY D 66 -43.09 9.58 23.34
N GLU D 67 -42.70 10.11 24.50
CA GLU D 67 -41.44 10.81 24.67
C GLU D 67 -40.59 10.09 25.72
N VAL D 68 -39.30 10.39 25.69
CA VAL D 68 -38.36 9.92 26.69
C VAL D 68 -37.55 11.12 27.16
N LEU D 69 -37.05 11.02 28.38
CA LEU D 69 -36.14 12.00 28.93
C LEU D 69 -34.78 11.37 28.92
N ILE D 70 -33.79 12.10 28.42
CA ILE D 70 -32.46 11.56 28.21
C ILE D 70 -31.52 12.42 29.02
N ARG D 71 -30.61 11.77 29.74
CA ARG D 71 -29.49 12.46 30.37
C ARG D 71 -28.40 12.60 29.32
N VAL D 72 -28.20 13.82 28.83
CA VAL D 72 -27.26 14.02 27.75
C VAL D 72 -25.87 13.75 28.26
N LYS D 73 -25.19 12.79 27.63
CA LYS D 73 -23.77 12.54 27.91
C LYS D 73 -22.83 13.28 26.96
N TYR D 74 -23.16 13.32 25.67
CA TYR D 74 -22.34 14.05 24.70
C TYR D 74 -23.23 14.66 23.64
N ALA D 75 -22.88 15.86 23.22
CA ALA D 75 -23.60 16.56 22.18
C ALA D 75 -22.57 17.07 21.18
N GLY D 76 -22.92 17.02 19.89
CA GLY D 76 -21.99 17.50 18.88
C GLY D 76 -22.03 19.01 18.74
N VAL D 77 -20.90 19.56 18.30
CA VAL D 77 -20.79 20.96 17.93
C VAL D 77 -20.67 21.07 16.40
N ASN D 78 -21.69 21.64 15.76
CA ASN D 78 -21.84 21.66 14.30
C ASN D 78 -22.11 23.08 13.77
N PRO D 79 -21.72 23.36 12.51
CA PRO D 79 -22.16 24.61 11.84
C PRO D 79 -23.63 24.89 12.05
N LEU D 80 -24.47 23.84 12.02
CA LEU D 80 -25.89 24.07 12.28
C LEU D 80 -26.13 24.65 13.68
N ASP D 81 -25.47 24.11 14.70
CA ASP D 81 -25.66 24.63 16.06
C ASP D 81 -25.19 26.08 16.14
N TYR D 82 -24.05 26.36 15.53
CA TYR D 82 -23.57 27.73 15.45
C TYR D 82 -24.61 28.65 14.82
N ASN D 83 -25.19 28.24 13.69
CA ASN D 83 -26.08 29.12 12.95
C ASN D 83 -27.38 29.34 13.68
N VAL D 84 -27.83 28.32 14.42
CA VAL D 84 -28.99 28.48 15.30
C VAL D 84 -28.70 29.56 16.34
N VAL D 85 -27.55 29.46 17.02
CA VAL D 85 -27.22 30.39 18.10
C VAL D 85 -27.01 31.80 17.54
N ALA D 86 -26.37 31.89 16.38
CA ALA D 86 -26.07 33.18 15.77
C ALA D 86 -27.30 33.85 15.20
N GLY D 87 -28.39 33.12 15.02
CA GLY D 87 -29.65 33.67 14.57
C GLY D 87 -29.95 33.49 13.10
N ALA D 88 -29.14 32.72 12.36
CA ALA D 88 -29.40 32.52 10.95
C ALA D 88 -30.65 31.70 10.71
N VAL D 89 -31.19 31.04 11.74
CA VAL D 89 -32.44 30.31 11.62
C VAL D 89 -33.19 30.46 12.94
N LYS D 90 -34.49 30.70 12.82
CA LYS D 90 -35.33 30.99 13.97
C LYS D 90 -35.50 29.73 14.80
N ALA D 91 -35.36 29.87 16.12
CA ALA D 91 -35.48 28.76 17.05
C ALA D 91 -36.73 28.92 17.93
N SER D 92 -37.21 27.78 18.47
CA SER D 92 -38.35 27.74 19.40
C SER D 92 -38.12 26.57 20.36
N PRO D 93 -38.40 26.71 21.66
CA PRO D 93 -38.93 27.97 22.18
C PRO D 93 -37.83 29.01 22.41
N MET D 94 -38.25 30.21 22.80
CA MET D 94 -37.34 31.24 23.29
C MET D 94 -37.72 31.54 24.74
N PRO D 95 -36.79 31.59 25.70
CA PRO D 95 -35.36 31.39 25.41
C PRO D 95 -35.04 29.95 25.03
N HIS D 96 -33.94 29.78 24.31
CA HIS D 96 -33.74 28.56 23.56
C HIS D 96 -32.48 27.85 23.97
N ILE D 97 -32.62 26.54 24.16
CA ILE D 97 -31.49 25.65 24.37
C ILE D 97 -31.16 25.01 23.01
N PRO D 98 -29.98 25.27 22.44
CA PRO D 98 -29.62 24.67 21.15
C PRO D 98 -29.00 23.30 21.35
N GLY D 99 -28.61 22.66 20.23
CA GLY D 99 -27.92 21.38 20.23
C GLY D 99 -28.75 20.30 19.57
N SER D 100 -28.47 20.05 18.30
CA SER D 100 -29.31 19.18 17.46
C SER D 100 -28.72 17.81 17.25
N GLU D 101 -27.62 17.50 17.90
CA GLU D 101 -26.89 16.25 17.68
C GLU D 101 -26.43 15.77 19.05
N PHE D 102 -27.08 14.76 19.61
CA PHE D 102 -26.60 14.30 20.91
C PHE D 102 -26.95 12.85 21.16
N ALA D 103 -26.25 12.31 22.16
CA ALA D 103 -26.45 10.97 22.69
C ALA D 103 -26.40 11.04 24.21
N GLY D 104 -27.03 10.05 24.86
CA GLY D 104 -27.04 9.99 26.30
C GLY D 104 -27.72 8.74 26.83
N VAL D 105 -28.25 8.81 28.05
CA VAL D 105 -28.88 7.66 28.69
C VAL D 105 -30.31 8.02 29.06
N VAL D 106 -31.24 7.09 28.81
CA VAL D 106 -32.63 7.35 29.14
C VAL D 106 -32.79 7.46 30.65
N GLU D 107 -33.42 8.54 31.09
CA GLU D 107 -33.73 8.77 32.49
C GLU D 107 -35.16 8.37 32.84
N GLU D 108 -36.13 8.68 31.98
CA GLU D 108 -37.53 8.38 32.24
C GLU D 108 -38.25 8.20 30.91
N ALA D 109 -39.09 7.18 30.82
CA ALA D 109 -39.98 6.97 29.69
C ALA D 109 -41.36 7.55 29.99
N GLY D 110 -41.94 8.24 29.01
CA GLY D 110 -43.23 8.84 29.18
C GLY D 110 -44.33 7.80 29.23
N PRO D 111 -45.52 8.19 29.68
CA PRO D 111 -46.60 7.20 29.84
C PRO D 111 -46.93 6.52 28.52
N GLY D 112 -47.16 5.21 28.60
CA GLY D 112 -47.44 4.44 27.40
C GLY D 112 -46.27 4.26 26.47
N VAL D 113 -45.07 4.66 26.85
CA VAL D 113 -43.87 4.44 26.03
C VAL D 113 -43.30 3.07 26.31
N THR D 114 -43.13 2.29 25.26
CA THR D 114 -42.48 1.00 25.31
C THR D 114 -41.38 1.00 24.25
N GLY D 115 -40.42 0.10 24.41
CA GLY D 115 -39.41 -0.12 23.39
C GLY D 115 -38.04 0.40 23.81
N VAL D 116 -38.02 1.53 24.48
CA VAL D 116 -36.82 2.01 25.17
C VAL D 116 -37.22 2.37 26.59
N SER D 117 -36.32 2.12 27.54
CA SER D 117 -36.63 2.23 28.96
C SER D 117 -35.43 2.76 29.73
N ARG D 118 -35.68 3.10 30.98
CA ARG D 118 -34.68 3.76 31.81
C ARG D 118 -33.38 2.95 31.79
N GLY D 119 -32.24 3.66 31.72
CA GLY D 119 -30.92 3.03 31.70
C GLY D 119 -30.33 2.84 30.31
N ASP D 120 -31.16 2.83 29.28
CA ASP D 120 -30.67 2.50 27.93
C ASP D 120 -29.80 3.63 27.35
N PRO D 121 -28.56 3.36 26.95
CA PRO D 121 -27.80 4.34 26.15
C PRO D 121 -28.40 4.48 24.75
N VAL D 122 -28.68 5.73 24.34
CA VAL D 122 -29.35 6.00 23.07
C VAL D 122 -28.64 7.14 22.33
N VAL D 123 -28.83 7.17 21.02
CA VAL D 123 -28.43 8.31 20.20
C VAL D 123 -29.66 8.73 19.41
N VAL D 124 -29.80 10.03 19.17
CA VAL D 124 -31.11 10.60 18.84
C VAL D 124 -31.10 11.04 17.39
N TYR D 125 -32.05 10.52 16.63
CA TYR D 125 -32.30 11.01 15.29
C TYR D 125 -32.93 12.38 15.43
N ASN D 126 -32.46 13.35 14.64
CA ASN D 126 -32.72 14.75 14.96
C ASN D 126 -33.89 15.38 14.21
N ARG D 127 -34.64 14.62 13.40
CA ARG D 127 -35.78 15.18 12.68
C ARG D 127 -37.05 14.67 13.32
N LEU D 128 -38.00 15.58 13.55
CA LEU D 128 -39.33 15.17 13.92
C LEU D 128 -40.08 14.68 12.69
N TYR D 129 -40.80 13.56 12.81
CA TYR D 129 -41.52 13.01 11.68
C TYR D 129 -42.84 12.41 12.14
N CYS D 130 -43.87 12.50 11.28
CA CYS D 130 -45.21 12.05 11.67
C CYS D 130 -45.42 10.56 11.48
N GLY D 131 -44.72 9.93 10.53
CA GLY D 131 -44.88 8.52 10.25
C GLY D 131 -46.09 8.15 9.38
N HIS D 132 -46.87 9.13 8.91
CA HIS D 132 -48.11 8.81 8.17
C HIS D 132 -48.29 9.58 6.88
N CYS D 133 -47.39 10.52 6.56
CA CYS D 133 -47.53 11.29 5.33
C CYS D 133 -46.83 10.55 4.21
N ARG D 134 -46.95 11.09 2.99
CA ARG D 134 -46.35 10.49 1.80
C ARG D 134 -44.83 10.34 1.94
N GLN D 135 -44.16 11.35 2.48
CA GLN D 135 -42.70 11.32 2.62
C GLN D 135 -42.25 10.30 3.67
N CYS D 136 -42.89 10.30 4.85
CA CYS D 136 -42.50 9.34 5.89
C CYS D 136 -42.75 7.92 5.44
N LEU D 137 -43.87 7.66 4.78
CA LEU D 137 -44.21 6.30 4.35
C LEU D 137 -43.33 5.76 3.23
N THR D 138 -42.63 6.63 2.48
CA THR D 138 -41.68 6.19 1.46
C THR D 138 -40.24 6.27 1.95
N GLY D 139 -40.06 6.56 3.25
CA GLY D 139 -38.78 6.52 3.88
C GLY D 139 -38.15 7.87 4.14
N TRP D 140 -38.59 8.93 3.45
CA TRP D 140 -37.92 10.23 3.55
C TRP D 140 -38.47 11.04 4.74
N THR D 141 -38.17 10.53 5.93
CA THR D 141 -38.72 11.12 7.14
C THR D 141 -38.25 12.55 7.32
N GLN D 142 -37.04 12.88 6.86
CA GLN D 142 -36.53 14.24 6.98
C GLN D 142 -37.29 15.24 6.09
N MET D 143 -38.16 14.76 5.19
CA MET D 143 -39.01 15.61 4.35
C MET D 143 -40.46 15.64 4.84
N CYS D 144 -40.69 15.19 6.06
CA CYS D 144 -42.04 15.04 6.56
C CYS D 144 -42.90 16.26 6.25
N GLU D 145 -44.08 16.02 5.66
CA GLU D 145 -44.96 17.12 5.29
C GLU D 145 -45.64 17.76 6.51
N VAL D 146 -45.78 17.01 7.60
CA VAL D 146 -46.53 17.48 8.77
C VAL D 146 -45.66 18.32 9.70
N THR D 147 -44.44 17.86 9.99
CA THR D 147 -43.53 18.60 10.86
C THR D 147 -42.65 19.58 10.10
N GLY D 148 -42.77 19.67 8.77
CA GLY D 148 -41.86 20.52 8.03
C GLY D 148 -40.42 20.08 8.10
N GLY D 149 -40.16 18.82 8.43
CA GLY D 149 -38.78 18.44 8.64
C GLY D 149 -38.14 19.02 9.88
N GLY D 150 -38.96 19.59 10.79
CA GLY D 150 -38.48 20.23 12.00
C GLY D 150 -37.36 19.49 12.72
N ILE D 151 -36.35 20.24 13.14
CA ILE D 151 -35.12 19.68 13.69
C ILE D 151 -35.13 19.83 15.22
N ILE D 152 -34.88 18.72 15.91
CA ILE D 152 -34.71 18.75 17.36
C ILE D 152 -33.52 19.63 17.70
N GLY D 153 -33.69 20.51 18.69
CA GLY D 153 -32.66 21.48 19.01
C GLY D 153 -32.81 22.78 18.26
N ILE D 154 -33.79 22.88 17.37
CA ILE D 154 -34.13 24.11 16.67
C ILE D 154 -35.58 24.49 16.91
N VAL D 155 -36.51 23.55 16.72
CA VAL D 155 -37.92 23.75 17.01
C VAL D 155 -38.33 23.14 18.34
N THR D 156 -37.40 22.48 19.04
CA THR D 156 -37.55 22.06 20.43
C THR D 156 -36.28 22.40 21.16
N GLN D 157 -36.29 22.24 22.48
CA GLN D 157 -35.08 22.44 23.26
C GLN D 157 -34.14 21.26 23.03
N GLY D 158 -32.87 21.56 22.77
CA GLY D 158 -31.90 20.55 22.37
C GLY D 158 -30.96 20.09 23.47
N GLY D 159 -29.80 19.59 23.04
CA GLY D 159 -28.94 18.79 23.87
C GLY D 159 -27.85 19.50 24.61
N TYR D 160 -27.69 20.83 24.47
CA TYR D 160 -26.67 21.55 25.25
C TYR D 160 -27.19 21.79 26.67
N ALA D 161 -27.46 20.70 27.35
CA ALA D 161 -28.06 20.71 28.66
C ALA D 161 -27.87 19.31 29.22
N GLU D 162 -28.16 19.16 30.52
CA GLU D 162 -27.97 17.88 31.19
C GLU D 162 -29.04 16.90 30.78
N TYR D 163 -30.25 17.40 30.56
CA TYR D 163 -31.38 16.59 30.16
C TYR D 163 -32.05 17.20 28.95
N ALA D 164 -32.67 16.33 28.14
CA ALA D 164 -33.48 16.73 27.01
C ALA D 164 -34.59 15.70 26.81
N VAL D 165 -35.73 16.18 26.31
CA VAL D 165 -36.88 15.34 26.00
C VAL D 165 -36.93 15.21 24.47
N VAL D 166 -37.08 13.98 23.96
CA VAL D 166 -37.24 13.73 22.52
C VAL D 166 -38.35 12.71 22.33
N PRO D 167 -38.84 12.52 21.11
CA PRO D 167 -39.74 11.37 20.88
C PRO D 167 -38.99 10.06 21.07
N ALA D 168 -39.67 9.10 21.69
CA ALA D 168 -39.06 7.78 21.90
C ALA D 168 -38.71 7.12 20.58
N LYS D 169 -39.53 7.33 19.55
CA LYS D 169 -39.24 6.72 18.25
C LYS D 169 -37.99 7.32 17.60
N ASN D 170 -37.51 8.48 18.09
CA ASN D 170 -36.26 9.04 17.58
C ASN D 170 -35.04 8.47 18.26
N ALA D 171 -35.21 7.77 19.37
CA ALA D 171 -34.09 7.37 20.20
C ALA D 171 -33.70 5.95 19.84
N VAL D 172 -32.43 5.76 19.49
CA VAL D 172 -31.93 4.49 19.00
C VAL D 172 -30.95 3.98 20.04
N ALA D 173 -31.25 2.81 20.61
CA ALA D 173 -30.34 2.18 21.53
C ALA D 173 -29.07 1.78 20.81
N THR D 174 -27.93 1.97 21.46
CA THR D 174 -26.63 1.65 20.86
C THR D 174 -25.70 1.12 21.93
N ARG D 175 -24.75 0.29 21.49
CA ARG D 175 -23.66 -0.20 22.32
C ARG D 175 -22.35 0.46 21.97
N ALA D 176 -22.38 1.50 21.14
CA ALA D 176 -21.16 2.21 20.78
C ALA D 176 -20.73 3.15 21.91
N ASP D 177 -19.43 3.42 21.97
C ASP D 177 -20.01 5.96 22.76
N LEU D 178 -20.77 6.51 23.71
CA LEU D 178 -21.70 7.59 23.41
C LEU D 178 -20.97 8.81 22.84
N LYS D 179 -19.67 8.90 23.12
CA LYS D 179 -18.83 9.94 22.54
C LYS D 179 -18.76 9.80 21.02
N GLU D 180 -18.58 8.57 20.54
CA GLU D 180 -18.54 8.36 19.09
C GLU D 180 -19.94 8.46 18.50
N ALA D 181 -20.95 7.97 19.23
CA ALA D 181 -22.31 7.95 18.71
C ALA D 181 -22.84 9.35 18.50
N ALA D 182 -22.41 10.31 19.33
CA ALA D 182 -22.81 11.72 19.23
C ALA D 182 -22.29 12.39 17.98
N THR D 183 -21.42 11.74 17.21
CA THR D 183 -21.03 12.22 15.89
C THR D 183 -21.94 11.69 14.77
N LEU D 184 -23.00 10.97 15.10
CA LEU D 184 -23.76 10.31 14.04
C LEU D 184 -24.95 11.12 13.58
N PRO D 185 -25.75 11.71 14.48
CA PRO D 185 -27.02 12.30 14.04
C PRO D 185 -26.91 13.38 12.97
N ILE D 186 -25.81 14.14 12.93
CA ILE D 186 -25.58 15.13 11.86
C ILE D 186 -24.42 14.71 10.97
N GLY D 187 -23.22 14.65 11.52
CA GLY D 187 -22.02 14.31 10.79
C GLY D 187 -22.18 13.07 9.94
N ALA D 188 -22.33 11.90 10.56
CA ALA D 188 -22.39 10.67 9.78
C ALA D 188 -23.67 10.57 8.95
N LEU D 189 -24.82 10.89 9.56
CA LEU D 189 -26.08 10.65 8.84
C LEU D 189 -26.19 11.53 7.61
N THR D 190 -25.81 12.81 7.73
CA THR D 190 -25.85 13.71 6.59
C THR D 190 -24.96 13.20 5.47
N ALA D 191 -23.76 12.71 5.81
CA ALA D 191 -22.81 12.22 4.82
C ALA D 191 -23.32 10.94 4.13
N TRP D 192 -23.84 10.00 4.93
CA TRP D 192 -24.46 8.83 4.37
C TRP D 192 -25.51 9.24 3.33
N ASN D 193 -26.39 10.15 3.72
CA ASN D 193 -27.49 10.52 2.85
C ASN D 193 -26.98 11.11 1.54
N MET D 194 -25.89 11.89 1.60
CA MET D 194 -25.27 12.43 0.40
C MET D 194 -24.70 11.32 -0.48
N ALA D 195 -23.89 10.44 0.10
CA ALA D 195 -23.32 9.33 -0.65
C ALA D 195 -24.40 8.44 -1.25
N TYR D 196 -25.44 8.14 -0.46
CA TYR D 196 -26.57 7.37 -0.95
C TYR D 196 -27.20 8.03 -2.17
N ARG D 197 -27.33 9.36 -2.15
CA ARG D 197 -28.02 10.05 -3.24
C ARG D 197 -27.13 10.33 -4.44
N ALA D 198 -25.85 10.02 -4.34
CA ALA D 198 -24.93 10.18 -5.43
C ALA D 198 -24.82 8.94 -6.33
N SER D 199 -25.29 7.77 -5.88
CA SER D 199 -25.18 6.53 -6.67
C SER D 199 -23.74 6.24 -7.07
N ILE D 200 -22.87 6.17 -6.04
CA ILE D 200 -21.47 5.86 -6.24
C ILE D 200 -21.36 4.38 -6.53
N SER D 201 -20.48 4.03 -7.46
CA SER D 201 -20.24 2.63 -7.79
C SER D 201 -18.74 2.39 -7.88
N PRO D 202 -18.31 1.18 -7.57
CA PRO D 202 -16.87 0.89 -7.56
C PRO D 202 -16.20 1.36 -8.84
N GLY D 203 -15.01 1.93 -8.69
CA GLY D 203 -14.25 2.51 -9.79
C GLY D 203 -14.44 4.00 -9.94
N GLU D 204 -15.58 4.54 -9.48
CA GLU D 204 -15.93 5.92 -9.77
C GLU D 204 -15.09 6.86 -8.94
N LYS D 205 -14.68 7.96 -9.54
CA LYS D 205 -13.84 8.94 -8.85
C LYS D 205 -14.73 9.90 -8.07
N VAL D 206 -14.56 9.94 -6.75
CA VAL D 206 -15.39 10.75 -5.86
C VAL D 206 -14.51 11.78 -5.16
N ALA D 207 -14.89 13.04 -5.30
CA ALA D 207 -14.21 14.15 -4.63
C ALA D 207 -15.08 14.60 -3.48
N VAL D 208 -14.44 14.85 -2.35
CA VAL D 208 -15.12 15.32 -1.16
C VAL D 208 -14.55 16.71 -0.86
N VAL D 209 -15.35 17.69 -1.00
CA VAL D 209 -14.98 19.06 -0.66
C VAL D 209 -15.25 19.23 0.82
N GLY D 210 -14.40 19.99 1.52
CA GLY D 210 -14.64 20.18 2.94
C GLY D 210 -14.49 18.90 3.73
N ALA D 211 -13.54 18.04 3.29
CA ALA D 211 -13.33 16.70 3.82
C ALA D 211 -12.86 16.66 5.27
N THR D 212 -12.39 17.78 5.86
CA THR D 212 -12.03 17.87 7.28
C THR D 212 -13.21 18.25 8.17
N GLY D 213 -14.29 18.76 7.60
CA GLY D 213 -15.47 19.03 8.39
C GLY D 213 -16.15 17.77 8.92
N ASN D 214 -17.13 17.97 9.80
CA ASN D 214 -17.75 16.85 10.49
C ASN D 214 -18.46 15.91 9.51
N VAL D 215 -19.18 16.50 8.54
CA VAL D 215 -19.85 15.74 7.50
C VAL D 215 -18.83 15.19 6.52
N GLY D 216 -17.90 16.04 6.07
CA GLY D 216 -16.96 15.61 5.03
C GLY D 216 -16.12 14.43 5.46
N ILE D 217 -15.77 14.36 6.75
CA ILE D 217 -14.91 13.27 7.20
C ILE D 217 -15.66 11.94 7.09
N TYR D 218 -16.96 11.96 7.34
CA TYR D 218 -17.75 10.75 7.16
C TYR D 218 -18.10 10.51 5.70
N ALA D 219 -18.18 11.58 4.89
CA ALA D 219 -18.38 11.41 3.44
C ALA D 219 -17.20 10.67 2.79
N VAL D 220 -15.97 11.01 3.21
CA VAL D 220 -14.81 10.27 2.73
C VAL D 220 -14.99 8.80 3.04
N GLN D 221 -15.40 8.49 4.28
CA GLN D 221 -15.54 7.10 4.69
C GLN D 221 -16.63 6.40 3.90
N PHE D 222 -17.82 7.02 3.75
CA PHE D 222 -18.91 6.36 3.04
C PHE D 222 -18.63 6.22 1.55
N ALA D 223 -17.95 7.21 0.95
CA ALA D 223 -17.58 7.10 -0.45
C ALA D 223 -16.63 5.92 -0.66
N LYS D 224 -15.73 5.68 0.29
CA LYS D 224 -14.81 4.53 0.17
C LYS D 224 -15.55 3.21 0.44
N LEU D 225 -16.47 3.22 1.40
CA LEU D 225 -17.22 2.02 1.75
C LEU D 225 -18.12 1.57 0.61
N LEU D 226 -18.62 2.49 -0.19
CA LEU D 226 -19.37 2.17 -1.40
C LEU D 226 -18.47 1.79 -2.58
N GLY D 227 -17.16 1.78 -2.38
CA GLY D 227 -16.27 1.36 -3.44
C GLY D 227 -15.71 2.47 -4.29
N GLY D 228 -15.83 3.73 -3.85
CA GLY D 228 -15.31 4.81 -4.66
C GLY D 228 -13.81 4.97 -4.48
N GLU D 229 -13.18 5.52 -5.51
CA GLU D 229 -11.81 6.05 -5.44
C GLU D 229 -11.91 7.50 -4.95
N VAL D 230 -11.38 7.76 -3.77
CA VAL D 230 -11.82 8.90 -2.97
C VAL D 230 -10.73 9.94 -2.93
N TYR D 231 -11.07 11.14 -3.38
CA TYR D 231 -10.16 12.29 -3.44
C TYR D 231 -10.65 13.30 -2.43
N ALA D 232 -9.92 13.48 -1.35
CA ALA D 232 -10.30 14.42 -0.32
C ALA D 232 -9.66 15.78 -0.56
N ILE D 233 -10.46 16.83 -0.43
CA ILE D 233 -10.02 18.19 -0.77
C ILE D 233 -9.97 19.04 0.50
N SER D 234 -8.79 19.59 0.80
CA SER D 234 -8.68 20.59 1.87
C SER D 234 -7.52 21.51 1.55
N ARG D 235 -7.64 22.74 2.04
CA ARG D 235 -6.56 23.71 1.89
C ARG D 235 -5.39 23.41 2.82
N ARG D 236 -5.65 22.68 3.91
CA ARG D 236 -4.63 22.33 4.89
C ARG D 236 -4.05 20.95 4.65
N LYS D 237 -3.98 20.54 3.39
CA LYS D 237 -3.57 19.19 3.01
C LYS D 237 -2.37 18.68 3.79
N ALA D 238 -1.37 19.54 4.02
CA ALA D 238 -0.13 19.11 4.65
C ALA D 238 -0.35 18.69 6.10
N LYS D 239 -1.22 19.40 6.84
CA LYS D 239 -1.48 19.12 8.24
C LYS D 239 -2.42 17.94 8.44
N VAL D 240 -3.27 17.66 7.44
CA VAL D 240 -4.42 16.78 7.61
C VAL D 240 -4.34 15.52 6.75
N GLU D 241 -3.29 15.37 5.95
CA GLU D 241 -3.23 14.26 5.00
C GLU D 241 -3.27 12.91 5.71
N SER D 242 -2.64 12.81 6.88
CA SER D 242 -2.61 11.54 7.60
C SER D 242 -4.02 11.16 8.08
N ILE D 243 -4.75 12.12 8.63
CA ILE D 243 -6.09 11.86 9.15
C ILE D 243 -7.02 11.41 8.04
N LEU D 244 -6.99 12.13 6.90
CA LEU D 244 -7.94 11.87 5.81
C LEU D 244 -7.66 10.54 5.13
N LYS D 245 -6.39 10.16 4.96
CA LYS D 245 -6.10 8.83 4.44
C LYS D 245 -6.53 7.75 5.43
N SER D 246 -6.35 8.01 6.73
CA SER D 246 -6.85 7.08 7.72
C SER D 246 -8.36 6.90 7.61
N ALA D 247 -9.07 7.92 7.14
CA ALA D 247 -10.52 7.81 6.99
C ALA D 247 -10.91 7.16 5.68
N GLY D 248 -9.96 6.80 4.82
CA GLY D 248 -10.27 6.11 3.57
C GLY D 248 -9.92 6.88 2.32
N ALA D 249 -9.39 8.10 2.41
CA ALA D 249 -9.03 8.84 1.20
C ALA D 249 -7.88 8.18 0.47
N ASP D 250 -8.01 8.02 -0.83
CA ASP D 250 -6.91 7.54 -1.65
C ASP D 250 -5.95 8.65 -2.01
N ALA D 251 -6.40 9.89 -1.98
CA ALA D 251 -5.52 11.01 -2.25
C ALA D 251 -6.09 12.21 -1.52
N VAL D 252 -5.20 13.11 -1.12
CA VAL D 252 -5.59 14.40 -0.55
C VAL D 252 -5.07 15.48 -1.47
N LEU D 253 -5.91 16.45 -1.79
CA LEU D 253 -5.56 17.48 -2.75
C LEU D 253 -6.01 18.84 -2.25
N THR D 254 -5.25 19.87 -2.60
CA THR D 254 -5.75 21.23 -2.46
C THR D 254 -6.75 21.50 -3.58
N PRO D 255 -7.58 22.51 -3.43
CA PRO D 255 -8.55 22.84 -4.48
C PRO D 255 -7.93 22.99 -5.84
N ASP D 256 -6.71 23.55 -5.92
CA ASP D 256 -6.11 23.78 -7.23
C ASP D 256 -5.59 22.48 -7.84
N GLU D 257 -5.12 21.56 -7.01
CA GLU D 257 -4.68 20.26 -7.53
C GLU D 257 -5.85 19.41 -8.01
N ALA D 258 -7.02 19.56 -7.38
CA ALA D 258 -8.17 18.76 -7.77
C ALA D 258 -8.62 19.12 -9.16
N LYS D 259 -8.50 20.39 -9.53
CA LYS D 259 -8.75 20.82 -10.90
C LYS D 259 -7.92 20.00 -11.88
N SER D 260 -6.70 19.64 -11.48
CA SER D 260 -5.80 18.85 -12.32
C SER D 260 -6.15 17.37 -12.31
N ALA D 261 -6.81 16.90 -11.25
CA ALA D 261 -7.21 15.50 -11.13
C ALA D 261 -8.56 15.23 -11.77
N ALA D 262 -9.28 16.27 -12.20
CA ALA D 262 -10.55 16.08 -12.88
C ALA D 262 -10.36 15.22 -14.13
N PRO D 263 -11.42 14.61 -14.65
CA PRO D 263 -12.76 14.75 -14.06
C PRO D 263 -13.10 13.72 -12.98
N PHE D 264 -14.05 14.11 -12.16
CA PHE D 264 -14.65 13.27 -11.16
C PHE D 264 -16.06 12.91 -11.59
N ASP D 265 -16.49 11.71 -11.20
CA ASP D 265 -17.87 11.25 -11.43
C ASP D 265 -18.82 11.75 -10.35
N VAL D 266 -18.30 12.05 -9.15
CA VAL D 266 -19.13 12.48 -8.02
C VAL D 266 -18.36 13.54 -7.23
N VAL D 267 -19.06 14.62 -6.88
CA VAL D 267 -18.58 15.58 -5.90
C VAL D 267 -19.59 15.59 -4.77
N LEU D 268 -19.10 15.31 -3.56
CA LEU D 268 -19.85 15.45 -2.31
C LEU D 268 -19.38 16.76 -1.67
N ASP D 269 -20.30 17.71 -1.52
CA ASP D 269 -19.96 19.06 -1.07
C ASP D 269 -20.89 19.43 0.08
N PRO D 270 -20.50 19.16 1.32
CA PRO D 270 -21.41 19.47 2.43
C PRO D 270 -21.38 20.92 2.88
N THR D 271 -20.60 21.80 2.24
CA THR D 271 -20.35 23.18 2.67
C THR D 271 -21.31 24.20 2.04
N GLY D 272 -22.44 23.76 1.47
CA GLY D 272 -23.39 24.72 0.93
C GLY D 272 -22.83 25.37 -0.33
N SER D 273 -23.03 26.69 -0.44
CA SER D 273 -22.60 27.48 -1.60
C SER D 273 -21.11 27.77 -1.62
N ALA D 274 -20.37 27.28 -0.63
CA ALA D 274 -19.05 27.85 -0.33
C ALA D 274 -18.02 27.51 -1.41
N SER D 275 -18.03 26.28 -1.92
CA SER D 275 -17.09 25.83 -2.95
C SER D 275 -17.79 25.53 -4.28
N TRP D 276 -18.90 26.21 -4.55
CA TRP D 276 -19.73 25.92 -5.72
C TRP D 276 -18.92 25.99 -7.01
N ASP D 277 -18.13 27.05 -7.19
CA ASP D 277 -17.38 27.24 -8.44
C ASP D 277 -16.48 26.03 -8.74
N LEU D 278 -15.69 25.59 -7.74
CA LEU D 278 -14.77 24.46 -7.92
C LEU D 278 -15.52 23.14 -8.08
N SER D 279 -16.59 22.93 -7.30
CA SER D 279 -17.30 21.65 -7.27
C SER D 279 -17.99 21.36 -8.61
N PHE D 280 -18.57 22.36 -9.25
CA PHE D 280 -19.27 22.12 -10.50
C PHE D 280 -18.32 21.84 -11.68
N GLY D 281 -17.18 22.58 -11.76
CA GLY D 281 -16.31 22.49 -12.94
C GLY D 281 -15.42 21.24 -13.02
N VAL D 282 -15.17 20.56 -11.90
CA VAL D 282 -14.38 19.33 -11.92
C VAL D 282 -15.19 18.09 -12.35
N LEU D 283 -16.50 18.22 -12.54
CA LEU D 283 -17.34 17.06 -12.83
C LEU D 283 -17.20 16.62 -14.27
N GLY D 284 -17.25 15.31 -14.50
CA GLY D 284 -17.23 14.75 -15.84
C GLY D 284 -18.64 14.47 -16.37
N ARG D 285 -18.69 13.75 -17.50
CA ARG D 285 -19.96 13.41 -18.12
C ARG D 285 -20.80 12.58 -17.17
N GLY D 286 -22.07 12.93 -17.01
CA GLY D 286 -22.91 12.20 -16.07
C GLY D 286 -22.55 12.42 -14.60
N GLY D 287 -21.69 13.39 -14.31
CA GLY D 287 -21.27 13.62 -12.94
C GLY D 287 -22.40 14.09 -12.02
N ARG D 288 -22.31 13.66 -10.77
CA ARG D 288 -23.29 13.99 -9.74
C ARG D 288 -22.64 14.90 -8.70
N TYR D 289 -23.19 16.08 -8.56
CA TYR D 289 -22.77 17.04 -7.55
C TYR D 289 -23.84 17.00 -6.47
N VAL D 290 -23.49 16.52 -5.28
CA VAL D 290 -24.43 16.41 -4.18
C VAL D 290 -24.08 17.52 -3.19
N THR D 291 -25.03 18.39 -2.94
CA THR D 291 -24.83 19.50 -2.02
C THR D 291 -25.72 19.33 -0.80
N ALA D 292 -25.17 19.64 0.36
CA ALA D 292 -25.90 19.76 1.60
C ALA D 292 -25.44 21.07 2.25
N GLY D 293 -26.10 21.47 3.35
CA GLY D 293 -25.72 22.71 4.00
C GLY D 293 -26.21 22.82 5.42
N ALA D 294 -25.75 23.88 6.12
CA ALA D 294 -26.08 24.11 7.52
C ALA D 294 -27.02 25.31 7.73
N LEU D 295 -27.88 25.57 6.73
CA LEU D 295 -29.06 26.46 6.77
C LEU D 295 -28.72 27.93 6.59
N THR D 296 -27.49 28.22 6.22
CA THR D 296 -27.07 29.59 5.97
C THR D 296 -27.33 29.95 4.51
N GLY D 297 -27.41 31.26 4.25
CA GLY D 297 -27.68 31.80 2.93
C GLY D 297 -26.80 31.24 1.84
N ALA D 298 -27.42 30.76 0.76
CA ALA D 298 -26.69 30.05 -0.29
C ALA D 298 -27.42 30.28 -1.61
N GLU D 299 -26.81 31.07 -2.49
CA GLU D 299 -27.32 31.31 -3.84
C GLU D 299 -26.15 31.27 -4.79
N VAL D 300 -26.34 30.61 -5.96
CA VAL D 300 -25.25 30.34 -6.90
C VAL D 300 -25.70 30.60 -8.34
N ARG D 301 -24.72 30.58 -9.24
CA ARG D 301 -24.94 30.78 -10.67
C ARG D 301 -24.68 29.43 -11.36
N LEU D 302 -25.71 28.89 -11.97
CA LEU D 302 -25.65 27.56 -12.57
C LEU D 302 -25.45 27.68 -14.06
N ASP D 303 -24.40 27.04 -14.58
CA ASP D 303 -24.13 27.01 -16.02
C ASP D 303 -25.02 25.94 -16.68
N LEU D 304 -26.18 26.36 -17.23
CA LEU D 304 -27.13 25.42 -17.81
C LEU D 304 -26.52 24.73 -19.02
N ARG D 305 -25.72 25.47 -19.77
CA ARG D 305 -25.15 24.91 -20.99
C ARG D 305 -24.29 23.72 -20.64
N ARG D 306 -23.45 23.89 -19.62
CA ARG D 306 -22.60 22.80 -19.16
C ARG D 306 -23.43 21.68 -18.55
N LEU D 307 -24.42 22.04 -17.71
CA LEU D 307 -25.30 21.05 -17.09
C LEU D 307 -25.90 20.11 -18.12
N TYR D 308 -26.55 20.68 -19.17
CA TYR D 308 -27.21 19.81 -20.13
C TYR D 308 -26.20 19.16 -21.06
N GLY D 309 -25.16 19.89 -21.48
CA GLY D 309 -24.17 19.30 -22.38
C GLY D 309 -23.39 18.15 -21.76
N MET D 310 -23.11 18.23 -20.46
CA MET D 310 -22.39 17.16 -19.76
C MET D 310 -23.31 16.12 -19.10
N GLN D 311 -24.64 16.32 -19.18
CA GLN D 311 -25.63 15.49 -18.48
C GLN D 311 -25.33 15.34 -16.97
N ILE D 312 -25.02 16.46 -16.35
CA ILE D 312 -24.68 16.51 -14.92
C ILE D 312 -25.95 16.58 -14.09
N LEU D 313 -25.89 16.07 -12.86
CA LEU D 313 -27.00 16.15 -11.93
C LEU D 313 -26.55 16.95 -10.71
N VAL D 314 -27.39 17.88 -10.29
CA VAL D 314 -27.15 18.64 -9.08
C VAL D 314 -28.21 18.16 -8.11
N ILE D 315 -27.79 17.44 -7.07
CA ILE D 315 -28.68 16.73 -6.16
C ILE D 315 -28.60 17.40 -4.77
N GLY D 316 -29.75 17.87 -4.27
CA GLY D 316 -29.82 18.33 -2.90
C GLY D 316 -29.95 17.18 -1.92
N ALA D 317 -29.37 17.38 -0.74
CA ALA D 317 -29.46 16.41 0.33
C ALA D 317 -29.59 17.16 1.64
N THR D 318 -30.41 16.63 2.55
CA THR D 318 -30.49 17.19 3.88
C THR D 318 -30.80 16.08 4.86
N GLY D 319 -30.19 16.14 6.03
CA GLY D 319 -30.48 15.15 7.05
C GLY D 319 -30.21 13.76 6.53
N GLY D 320 -31.05 12.82 6.93
CA GLY D 320 -30.98 11.45 6.44
C GLY D 320 -32.28 10.79 6.81
N ARG D 321 -32.49 9.60 6.26
CA ARG D 321 -33.72 8.87 6.52
C ARG D 321 -33.63 8.19 7.89
N ARG D 322 -34.79 8.09 8.57
CA ARG D 322 -34.84 7.38 9.85
C ARG D 322 -34.31 5.96 9.73
N ALA D 323 -34.67 5.26 8.65
CA ALA D 323 -34.17 3.90 8.43
C ALA D 323 -32.65 3.87 8.36
N ASP D 324 -32.05 4.81 7.63
CA ASP D 324 -30.59 4.81 7.46
C ASP D 324 -29.83 5.23 8.72
N PHE D 325 -30.47 5.95 9.64
CA PHE D 325 -29.81 6.25 10.93
C PHE D 325 -29.49 4.95 11.68
N ASN D 326 -30.45 4.03 11.76
CA ASN D 326 -30.15 2.69 12.31
C ASN D 326 -28.95 2.06 11.60
N THR D 327 -28.87 2.20 10.28
CA THR D 327 -27.74 1.59 9.57
C THR D 327 -26.41 2.23 9.96
N VAL D 328 -26.41 3.55 10.09
CA VAL D 328 -25.16 4.25 10.41
C VAL D 328 -24.73 3.90 11.83
N VAL D 329 -25.69 3.78 12.77
CA VAL D 329 -25.35 3.35 14.14
C VAL D 329 -24.72 1.96 14.13
N ARG D 330 -25.31 1.01 13.39
CA ARG D 330 -24.76 -0.35 13.33
C ARG D 330 -23.38 -0.34 12.72
N LEU D 331 -23.16 0.49 11.71
CA LEU D 331 -21.83 0.55 11.10
C LEU D 331 -20.78 1.07 12.08
N LEU D 332 -21.15 2.06 12.91
CA LEU D 332 -20.22 2.49 13.94
C LEU D 332 -19.94 1.36 14.92
N GLU D 333 -20.99 0.69 15.38
CA GLU D 333 -20.82 -0.42 16.33
C GLU D 333 -19.90 -1.49 15.76
N ALA D 334 -20.06 -1.78 14.46
CA ALA D 334 -19.25 -2.79 13.79
C ALA D 334 -17.83 -2.32 13.51
N GLY D 335 -17.52 -1.05 13.76
CA GLY D 335 -16.20 -0.52 13.41
C GLY D 335 -15.98 -0.24 11.93
N ARG D 336 -17.02 -0.24 11.12
CA ARG D 336 -16.83 0.02 9.70
C ARG D 336 -16.71 1.52 9.37
N ILE D 337 -17.11 2.40 10.30
CA ILE D 337 -16.87 3.83 10.21
C ILE D 337 -16.32 4.26 11.56
N LYS D 338 -15.62 5.41 11.56
CA LYS D 338 -14.83 5.87 12.68
C LYS D 338 -15.16 7.31 13.01
N ALA D 339 -15.14 7.63 14.32
CA ALA D 339 -15.39 8.97 14.83
C ALA D 339 -14.05 9.68 15.02
N PHE D 340 -13.82 10.79 14.29
CA PHE D 340 -12.58 11.56 14.41
C PHE D 340 -12.82 12.75 15.33
N LEU D 341 -12.27 12.68 16.54
CA LEU D 341 -12.59 13.65 17.58
C LEU D 341 -11.42 14.60 17.75
N HIS D 342 -11.74 15.88 17.88
CA HIS D 342 -10.73 16.88 18.19
C HIS D 342 -10.70 17.25 19.67
N ASN D 343 -11.85 17.57 20.26
CA ASN D 343 -11.88 17.94 21.67
C ASN D 343 -13.26 17.68 22.23
N VAL D 344 -13.28 17.54 23.56
CA VAL D 344 -14.51 17.47 24.33
C VAL D 344 -14.48 18.61 25.35
N TYR D 345 -15.57 19.36 25.44
CA TYR D 345 -15.60 20.51 26.33
C TYR D 345 -16.74 20.39 27.35
N PRO D 346 -16.55 20.86 28.58
CA PRO D 346 -17.71 21.00 29.49
C PRO D 346 -18.68 22.03 28.96
N LEU D 347 -19.92 21.93 29.44
CA LEU D 347 -20.99 22.87 29.11
C LEU D 347 -20.56 24.33 29.30
N ALA D 348 -19.75 24.61 30.32
CA ALA D 348 -19.32 25.98 30.61
C ALA D 348 -18.41 26.54 29.53
N ASP D 349 -17.77 25.69 28.73
CA ASP D 349 -16.92 26.12 27.62
C ASP D 349 -17.66 26.09 26.28
N VAL D 350 -19.00 26.07 26.31
CA VAL D 350 -19.77 25.84 25.09
C VAL D 350 -19.50 26.94 24.06
N ARG D 351 -19.36 28.20 24.53
CA ARG D 351 -19.07 29.30 23.60
C ARG D 351 -17.72 29.13 22.91
N LYS D 352 -16.69 28.76 23.67
CA LYS D 352 -15.38 28.51 23.08
C LYS D 352 -15.40 27.28 22.17
N ALA D 353 -16.25 26.31 22.49
CA ALA D 353 -16.35 25.10 21.67
C ALA D 353 -16.95 25.46 20.32
N LEU D 354 -18.04 26.24 20.33
CA LEU D 354 -18.63 26.73 19.10
C LEU D 354 -17.62 27.50 18.26
N GLU D 355 -16.82 28.39 18.91
CA GLU D 355 -15.85 29.18 18.15
C GLU D 355 -14.73 28.32 17.58
N GLU D 356 -14.39 27.22 18.25
CA GLU D 356 -13.36 26.32 17.73
C GLU D 356 -13.73 25.65 16.40
N LEU D 357 -15.00 25.72 15.95
CA LEU D 357 -15.37 25.29 14.60
C LEU D 357 -14.63 26.06 13.52
N ARG D 358 -14.29 27.34 13.79
CA ARG D 358 -13.58 28.23 12.85
C ARG D 358 -12.07 28.03 12.87
N SER D 359 -11.53 27.20 13.79
CA SER D 359 -10.09 27.25 14.06
C SER D 359 -9.31 26.47 13.02
N PRO D 360 -8.22 27.04 12.47
CA PRO D 360 -7.41 26.27 11.51
C PRO D 360 -6.64 25.13 12.14
N GLU D 361 -6.57 25.06 13.47
CA GLU D 361 -5.90 23.96 14.16
C GLU D 361 -6.85 22.82 14.51
N ARG D 362 -8.16 23.01 14.30
CA ARG D 362 -9.15 21.99 14.60
C ARG D 362 -9.20 20.97 13.46
N VAL D 363 -9.00 19.70 13.81
CA VAL D 363 -9.13 18.62 12.84
C VAL D 363 -9.92 17.48 13.45
N GLY D 364 -11.24 17.53 13.33
CA GLY D 364 -12.13 16.53 13.84
C GLY D 364 -13.24 17.18 14.63
N LYS D 365 -14.00 16.33 15.31
CA LYS D 365 -15.26 16.71 15.91
C LYS D 365 -15.01 17.35 17.28
N VAL D 366 -15.81 18.37 17.58
CA VAL D 366 -15.85 19.01 18.90
C VAL D 366 -17.16 18.58 19.55
N LEU D 367 -17.05 18.05 20.78
CA LEU D 367 -18.19 17.61 21.58
C LEU D 367 -18.29 18.45 22.85
N ILE D 368 -19.54 18.55 23.34
CA ILE D 368 -19.86 19.11 24.64
C ILE D 368 -20.29 17.95 25.53
N ALA D 369 -19.87 17.97 26.79
CA ALA D 369 -20.25 16.95 27.78
C ALA D 369 -20.90 17.64 28.98
N PRO D 370 -22.25 17.70 29.05
CA PRO D 370 -22.97 18.10 30.27
C PRO D 370 -22.82 17.07 31.40
ZN ZN E . -25.29 -7.59 -29.60
CO CO F . -25.29 -7.64 -29.58
CL CL G . 26.28 20.34 -12.09
ZN ZN H . 47.65 2.21 -8.10
CO CO I . 47.67 2.20 -8.15
CL CL J . 5.85 -17.72 10.36
ZN ZN K . 22.44 -6.61 30.29
CO CO L . 22.32 -6.62 30.29
CL CL M . -17.56 21.09 10.58
ZN ZN N . -44.55 12.69 7.89
CO CO O . -44.54 12.64 7.91
#